data_6CJD
#
_entry.id   6CJD
#
_entity_poly.entity_id   1
_entity_poly.type   'polypeptide(L)'
_entity_poly.pdbx_seq_one_letter_code
;GHMVSLSARAAMLNNMDSAPLSNGGDVDLYDAFYQRLLALPESASSETLKDSIYQEMNAFKDPNSGDSAFVSFEQQTAML
QNMLAKVEPGTHLYEALNGVLVGSMNAQSQMTSWMQEIILSGGENKEAIDW
;
_entity_poly.pdbx_strand_id   A
#
# COMPACT_ATOMS: atom_id res chain seq x y z
N VAL A 4 -5.83 -20.24 -71.29
CA VAL A 4 -5.64 -20.28 -69.83
C VAL A 4 -4.35 -19.56 -69.37
N SER A 5 -3.75 -18.76 -70.25
CA SER A 5 -2.57 -17.92 -69.98
C SER A 5 -2.82 -16.85 -68.90
N LEU A 6 -1.73 -16.33 -68.31
CA LEU A 6 -1.75 -15.37 -67.19
C LEU A 6 -0.53 -14.42 -67.27
N SER A 7 -0.62 -13.26 -66.61
CA SER A 7 0.41 -12.22 -66.57
C SER A 7 0.49 -11.52 -65.20
N ALA A 8 1.55 -10.75 -64.96
CA ALA A 8 1.81 -10.06 -63.70
C ALA A 8 0.80 -8.95 -63.36
N ARG A 9 0.68 -8.63 -62.06
CA ARG A 9 -0.11 -7.51 -61.50
C ARG A 9 0.48 -7.01 -60.17
N ALA A 10 -0.05 -5.91 -59.64
CA ALA A 10 0.26 -5.45 -58.29
C ALA A 10 -0.25 -6.47 -57.25
N ALA A 11 0.60 -6.87 -56.31
CA ALA A 11 0.35 -7.98 -55.37
C ALA A 11 1.13 -7.87 -54.04
N MET A 12 1.51 -6.65 -53.62
CA MET A 12 2.39 -6.40 -52.46
C MET A 12 1.92 -5.19 -51.63
N LEU A 13 1.86 -5.37 -50.31
CA LEU A 13 1.50 -4.34 -49.30
C LEU A 13 2.26 -4.51 -47.96
N ASN A 14 3.39 -5.22 -47.98
CA ASN A 14 4.19 -5.60 -46.81
C ASN A 14 4.51 -4.40 -45.89
N ASN A 15 4.22 -4.56 -44.59
CA ASN A 15 4.49 -3.58 -43.53
C ASN A 15 4.75 -4.29 -42.19
N MET A 16 5.70 -3.77 -41.40
CA MET A 16 6.23 -4.42 -40.19
C MET A 16 6.83 -3.44 -39.16
N ASP A 17 6.62 -2.13 -39.32
CA ASP A 17 7.20 -1.05 -38.51
C ASP A 17 6.55 -0.85 -37.12
N SER A 18 5.54 -1.66 -36.77
CA SER A 18 4.84 -1.63 -35.47
C SER A 18 5.76 -1.82 -34.25
N ALA A 19 5.43 -1.17 -33.14
CA ALA A 19 6.16 -1.22 -31.86
C ALA A 19 5.23 -1.05 -30.63
N PRO A 20 4.25 -1.95 -30.42
CA PRO A 20 3.24 -1.82 -29.36
C PRO A 20 3.81 -2.02 -27.94
N LEU A 21 3.06 -1.53 -26.94
CA LEU A 21 3.34 -1.64 -25.50
C LEU A 21 2.04 -1.52 -24.66
N SER A 22 2.10 -1.89 -23.38
CA SER A 22 0.91 -1.94 -22.48
C SER A 22 1.11 -1.34 -21.08
N ASN A 23 2.35 -1.09 -20.64
CA ASN A 23 2.68 -0.43 -19.38
C ASN A 23 2.26 1.07 -19.38
N GLY A 24 1.92 1.62 -18.21
CA GLY A 24 1.61 3.05 -18.04
C GLY A 24 0.60 3.41 -16.94
N GLY A 25 0.72 2.81 -15.74
CA GLY A 25 -0.30 2.92 -14.68
C GLY A 25 0.24 2.87 -13.25
N ASP A 26 1.44 3.43 -12.99
CA ASP A 26 1.95 3.58 -11.62
C ASP A 26 1.12 4.61 -10.85
N VAL A 27 0.80 5.72 -11.54
CA VAL A 27 -0.15 6.75 -11.13
C VAL A 27 -1.48 6.12 -10.73
N ASP A 28 -2.05 5.36 -11.67
CA ASP A 28 -3.34 4.70 -11.53
C ASP A 28 -3.39 3.84 -10.27
N LEU A 29 -2.37 3.02 -9.99
CA LEU A 29 -2.29 2.25 -8.75
C LEU A 29 -2.44 3.17 -7.52
N TYR A 30 -1.55 4.14 -7.35
CA TYR A 30 -1.47 4.96 -6.16
C TYR A 30 -2.77 5.72 -5.93
N ASP A 31 -3.18 6.53 -6.89
CA ASP A 31 -4.41 7.32 -6.78
C ASP A 31 -5.66 6.45 -6.52
N ALA A 32 -5.81 5.32 -7.22
CA ALA A 32 -6.91 4.39 -7.01
C ALA A 32 -6.90 3.78 -5.60
N PHE A 33 -5.74 3.30 -5.17
CA PHE A 33 -5.51 2.72 -3.85
C PHE A 33 -5.75 3.71 -2.72
N TYR A 34 -5.18 4.90 -2.90
CA TYR A 34 -5.33 6.01 -2.03
C TYR A 34 -6.81 6.40 -1.87
N GLN A 35 -7.59 6.34 -2.95
CA GLN A 35 -9.05 6.46 -2.90
C GLN A 35 -9.73 5.29 -2.17
N ARG A 36 -9.20 4.05 -2.26
CA ARG A 36 -9.62 2.90 -1.44
C ARG A 36 -9.38 3.13 0.06
N LEU A 37 -8.40 3.95 0.45
CA LEU A 37 -8.25 4.41 1.83
C LEU A 37 -9.44 5.32 2.19
N LEU A 38 -9.53 6.44 1.47
CA LEU A 38 -10.44 7.57 1.67
C LEU A 38 -11.96 7.27 1.56
N ALA A 39 -12.33 6.08 1.10
CA ALA A 39 -13.72 5.62 1.03
C ALA A 39 -14.40 5.45 2.42
N LEU A 40 -13.61 5.19 3.47
CA LEU A 40 -14.08 4.79 4.80
C LEU A 40 -13.49 5.40 6.09
N PRO A 41 -12.44 6.25 6.14
CA PRO A 41 -11.81 6.53 7.42
C PRO A 41 -12.60 7.40 8.40
N GLU A 42 -13.74 7.98 7.98
CA GLU A 42 -14.61 8.86 8.78
C GLU A 42 -15.03 8.25 10.14
N SER A 43 -15.13 6.93 10.22
CA SER A 43 -15.44 6.17 11.44
C SER A 43 -14.32 6.22 12.50
N ALA A 44 -13.10 6.61 12.12
CA ALA A 44 -11.89 6.71 12.95
C ALA A 44 -11.54 5.43 13.73
N SER A 45 -12.01 4.28 13.23
CA SER A 45 -11.82 2.96 13.82
C SER A 45 -10.34 2.62 14.02
N SER A 46 -9.98 1.98 15.12
CA SER A 46 -8.61 1.60 15.44
C SER A 46 -8.14 0.36 14.66
N GLU A 47 -8.73 -0.80 14.95
CA GLU A 47 -8.35 -2.08 14.37
C GLU A 47 -8.94 -2.30 12.98
N THR A 48 -10.25 -2.04 12.82
CA THR A 48 -10.99 -2.24 11.58
C THR A 48 -10.38 -1.46 10.41
N LEU A 49 -9.86 -0.26 10.68
CA LEU A 49 -9.19 0.58 9.68
C LEU A 49 -7.86 -0.03 9.23
N LYS A 50 -6.98 -0.45 10.16
CA LYS A 50 -5.69 -1.09 9.81
C LYS A 50 -5.91 -2.42 9.07
N ASP A 51 -6.90 -3.22 9.44
CA ASP A 51 -7.14 -4.49 8.77
C ASP A 51 -7.83 -4.31 7.40
N SER A 52 -8.69 -3.29 7.24
CA SER A 52 -9.21 -2.91 5.93
C SER A 52 -8.07 -2.41 5.03
N ILE A 53 -7.13 -1.62 5.57
CA ILE A 53 -5.92 -1.20 4.88
C ILE A 53 -5.10 -2.41 4.43
N TYR A 54 -4.86 -3.38 5.32
CA TYR A 54 -4.14 -4.61 4.99
C TYR A 54 -4.82 -5.36 3.84
N GLN A 55 -6.16 -5.44 3.84
CA GLN A 55 -6.93 -6.10 2.81
C GLN A 55 -6.74 -5.41 1.46
N GLU A 56 -6.92 -4.08 1.40
CA GLU A 56 -6.82 -3.34 0.14
C GLU A 56 -5.38 -3.35 -0.40
N MET A 57 -4.38 -3.22 0.48
CA MET A 57 -2.95 -3.38 0.20
C MET A 57 -2.61 -4.75 -0.42
N ASN A 58 -3.22 -5.82 0.10
CA ASN A 58 -3.04 -7.19 -0.37
C ASN A 58 -3.85 -7.55 -1.63
N ALA A 59 -4.91 -6.81 -1.97
CA ALA A 59 -5.89 -7.20 -2.98
C ALA A 59 -6.10 -6.30 -4.20
N PHE A 60 -5.63 -5.05 -4.17
CA PHE A 60 -5.58 -4.19 -5.34
C PHE A 60 -5.09 -4.88 -6.62
N LYS A 61 -4.10 -5.74 -6.38
CA LYS A 61 -3.21 -6.49 -7.25
C LYS A 61 -2.72 -5.70 -8.47
N ASP A 62 -1.56 -5.09 -8.29
CA ASP A 62 -0.93 -4.09 -9.19
C ASP A 62 -1.05 -4.42 -10.70
N PRO A 63 -1.74 -3.61 -11.52
CA PRO A 63 -1.83 -3.79 -12.97
C PRO A 63 -0.49 -3.93 -13.70
N ASN A 64 0.50 -3.12 -13.30
CA ASN A 64 1.82 -3.01 -13.92
C ASN A 64 2.66 -4.30 -13.82
N SER A 65 2.42 -5.11 -12.79
CA SER A 65 3.12 -6.37 -12.50
C SER A 65 2.16 -7.56 -12.27
N GLY A 66 1.47 -7.62 -11.12
CA GLY A 66 0.38 -8.56 -10.86
C GLY A 66 0.34 -9.15 -9.44
N ASP A 67 1.51 -9.46 -8.88
CA ASP A 67 1.68 -10.22 -7.64
C ASP A 67 0.95 -9.65 -6.42
N SER A 68 1.03 -8.33 -6.22
CA SER A 68 0.32 -7.50 -5.24
C SER A 68 0.60 -6.02 -5.45
N ALA A 69 -0.07 -5.13 -4.70
CA ALA A 69 0.13 -3.69 -4.79
C ALA A 69 1.56 -3.23 -4.44
N PHE A 70 2.26 -4.02 -3.62
CA PHE A 70 3.63 -3.82 -3.14
C PHE A 70 4.39 -5.17 -3.12
N VAL A 71 5.73 -5.12 -3.16
CA VAL A 71 6.66 -6.24 -3.35
C VAL A 71 6.84 -7.09 -2.09
N SER A 72 7.34 -6.49 -1.01
CA SER A 72 7.63 -7.10 0.30
C SER A 72 8.29 -6.10 1.26
N PHE A 73 9.34 -5.43 0.78
CA PHE A 73 10.17 -4.49 1.53
C PHE A 73 10.34 -3.17 0.77
N GLU A 74 11.07 -3.13 -0.34
CA GLU A 74 11.47 -1.89 -1.00
C GLU A 74 10.24 -1.05 -1.40
N GLN A 75 9.35 -1.71 -2.13
CA GLN A 75 8.09 -1.12 -2.57
C GLN A 75 7.16 -0.83 -1.40
N GLN A 76 7.06 -1.75 -0.43
CA GLN A 76 6.28 -1.61 0.81
C GLN A 76 6.67 -0.35 1.54
N THR A 77 7.96 -0.15 1.79
CA THR A 77 8.49 0.97 2.56
C THR A 77 8.30 2.27 1.81
N ALA A 78 8.54 2.31 0.50
CA ALA A 78 8.18 3.50 -0.28
C ALA A 78 6.67 3.74 -0.32
N MET A 79 5.84 2.71 -0.53
CA MET A 79 4.38 2.84 -0.58
C MET A 79 3.84 3.35 0.74
N LEU A 80 4.37 2.89 1.86
CA LEU A 80 3.99 3.30 3.19
C LEU A 80 4.49 4.69 3.55
N GLN A 81 5.77 4.98 3.28
CA GLN A 81 6.30 6.34 3.44
C GLN A 81 5.54 7.36 2.57
N ASN A 82 5.20 6.97 1.33
CA ASN A 82 4.39 7.77 0.42
C ASN A 82 2.95 7.93 0.96
N MET A 83 2.36 6.84 1.46
CA MET A 83 1.03 6.81 2.06
C MET A 83 0.95 7.80 3.23
N LEU A 84 1.93 7.76 4.14
CA LEU A 84 2.03 8.67 5.27
C LEU A 84 2.32 10.12 4.89
N ALA A 85 3.11 10.33 3.82
CA ALA A 85 3.36 11.66 3.27
C ALA A 85 2.09 12.32 2.70
N LYS A 86 1.15 11.52 2.16
CA LYS A 86 -0.09 11.99 1.53
C LYS A 86 -1.20 12.33 2.53
N VAL A 87 -1.46 11.45 3.50
CA VAL A 87 -2.45 11.62 4.59
C VAL A 87 -2.08 12.75 5.57
N GLU A 88 -3.09 13.25 6.28
CA GLU A 88 -2.97 14.21 7.36
C GLU A 88 -2.56 13.50 8.67
N PRO A 89 -1.41 13.86 9.30
CA PRO A 89 -1.00 13.42 10.64
C PRO A 89 -2.11 13.32 11.70
N GLY A 90 -3.00 14.31 11.73
CA GLY A 90 -4.10 14.43 12.69
C GLY A 90 -5.10 13.25 12.71
N THR A 91 -5.32 12.61 11.58
CA THR A 91 -6.27 11.52 11.42
C THR A 91 -5.85 10.21 12.08
N HIS A 92 -6.83 9.34 12.31
CA HIS A 92 -6.59 7.96 12.70
C HIS A 92 -6.09 7.13 11.50
N LEU A 93 -6.42 7.57 10.28
CA LEU A 93 -5.91 6.98 9.04
C LEU A 93 -4.37 6.94 9.06
N TYR A 94 -3.73 8.07 9.32
CA TYR A 94 -2.28 8.18 9.44
C TYR A 94 -1.73 7.09 10.40
N GLU A 95 -2.39 6.94 11.54
CA GLU A 95 -2.02 5.96 12.56
C GLU A 95 -2.22 4.51 12.08
N ALA A 96 -3.24 4.25 11.25
CA ALA A 96 -3.50 2.92 10.70
C ALA A 96 -2.44 2.53 9.67
N LEU A 97 -2.01 3.46 8.82
CA LEU A 97 -0.90 3.27 7.90
C LEU A 97 0.40 3.00 8.68
N ASN A 98 0.67 3.76 9.74
CA ASN A 98 1.83 3.53 10.61
C ASN A 98 1.77 2.13 11.23
N GLY A 99 0.59 1.71 11.69
CA GLY A 99 0.39 0.42 12.35
C GLY A 99 0.57 -0.75 11.38
N VAL A 100 0.03 -0.66 10.15
CA VAL A 100 0.30 -1.68 9.13
C VAL A 100 1.74 -1.66 8.63
N LEU A 101 2.37 -0.49 8.48
CA LEU A 101 3.79 -0.39 8.15
C LEU A 101 4.62 -1.16 9.17
N VAL A 102 4.37 -0.90 10.45
CA VAL A 102 5.04 -1.49 11.61
C VAL A 102 4.80 -3.00 11.68
N GLY A 103 3.57 -3.46 11.46
CA GLY A 103 3.21 -4.88 11.52
C GLY A 103 3.70 -5.68 10.30
N SER A 104 3.49 -5.16 9.10
CA SER A 104 4.00 -5.69 7.83
C SER A 104 5.55 -5.74 7.84
N MET A 105 6.22 -4.69 8.34
CA MET A 105 7.67 -4.66 8.54
C MET A 105 8.16 -5.68 9.57
N ASN A 106 7.46 -5.84 10.71
CA ASN A 106 7.81 -6.83 11.72
C ASN A 106 7.71 -8.27 11.18
N ALA A 107 6.70 -8.54 10.34
CA ALA A 107 6.55 -9.82 9.65
C ALA A 107 7.71 -10.07 8.65
N GLN A 108 8.10 -9.04 7.88
CA GLN A 108 9.18 -9.09 6.89
C GLN A 108 10.60 -9.15 7.50
N SER A 109 10.80 -8.55 8.67
CA SER A 109 12.09 -8.27 9.34
C SER A 109 13.15 -9.37 9.37
N GLN A 110 12.77 -10.65 9.51
CA GLN A 110 13.67 -11.80 9.68
C GLN A 110 14.75 -11.57 10.77
N MET A 111 14.32 -11.12 11.96
CA MET A 111 15.19 -10.80 13.11
C MET A 111 16.07 -11.96 13.63
N THR A 112 15.83 -13.21 13.22
CA THR A 112 16.66 -14.39 13.49
C THR A 112 18.13 -14.17 13.17
N SER A 113 18.34 -13.75 11.93
CA SER A 113 19.63 -13.38 11.34
C SER A 113 20.30 -12.22 12.11
N TRP A 114 19.50 -11.22 12.49
CA TRP A 114 19.95 -10.06 13.25
C TRP A 114 20.29 -10.36 14.72
N MET A 115 19.63 -11.36 15.32
CA MET A 115 19.89 -11.81 16.68
C MET A 115 21.35 -12.23 16.90
N GLN A 116 22.00 -12.76 15.87
CA GLN A 116 23.42 -13.13 15.86
C GLN A 116 24.39 -11.93 15.94
N GLU A 117 23.87 -10.70 15.95
CA GLU A 117 24.63 -9.45 15.96
C GLU A 117 24.19 -8.52 17.10
N ILE A 118 22.90 -8.45 17.42
CA ILE A 118 22.36 -7.76 18.59
C ILE A 118 22.95 -8.28 19.91
N ILE A 119 23.27 -9.58 19.95
CA ILE A 119 23.96 -10.27 21.07
C ILE A 119 25.32 -9.63 21.44
N LEU A 120 26.01 -8.99 20.49
CA LEU A 120 27.30 -8.32 20.72
C LEU A 120 27.19 -7.09 21.64
N SER A 121 26.06 -6.39 21.61
CA SER A 121 25.79 -5.16 22.37
C SER A 121 25.76 -5.37 23.90
N GLY A 122 25.91 -4.28 24.67
CA GLY A 122 25.80 -4.28 26.13
C GLY A 122 25.92 -2.89 26.78
N GLY A 123 26.75 -2.01 26.22
CA GLY A 123 26.91 -0.62 26.64
C GLY A 123 28.08 0.11 25.96
N GLU A 124 28.23 1.39 26.27
CA GLU A 124 29.29 2.28 25.74
C GLU A 124 29.75 3.31 26.79
N ASN A 125 29.61 3.00 28.08
CA ASN A 125 29.97 3.87 29.20
C ASN A 125 31.46 4.30 29.17
N LYS A 126 31.72 5.59 29.38
CA LYS A 126 33.05 6.24 29.37
C LYS A 126 33.94 5.91 30.59
N GLU A 127 33.84 4.70 31.12
CA GLU A 127 34.44 4.25 32.39
C GLU A 127 35.98 4.38 32.44
N ALA A 128 36.67 4.20 31.31
CA ALA A 128 38.12 4.32 31.18
C ALA A 128 38.60 4.95 29.85
N ILE A 129 37.91 4.70 28.73
CA ILE A 129 38.16 5.30 27.42
C ILE A 129 38.15 6.84 27.42
N ASP A 130 37.16 7.39 28.13
CA ASP A 130 36.90 8.82 28.35
C ASP A 130 37.01 9.69 27.06
N TRP A 131 36.41 9.19 25.97
CA TRP A 131 36.36 9.81 24.64
C TRP A 131 35.80 11.24 24.64
N VAL A 4 -24.38 57.18 -26.71
CA VAL A 4 -25.67 56.46 -26.82
C VAL A 4 -25.68 55.22 -25.91
N SER A 5 -26.82 54.93 -25.29
CA SER A 5 -27.05 53.89 -24.26
C SER A 5 -26.94 52.42 -24.71
N LEU A 6 -26.15 52.13 -25.74
CA LEU A 6 -25.91 50.79 -26.28
C LEU A 6 -25.26 49.84 -25.25
N SER A 7 -25.58 48.54 -25.33
CA SER A 7 -25.01 47.48 -24.48
C SER A 7 -25.13 46.09 -25.14
N ALA A 8 -24.44 45.08 -24.58
CA ALA A 8 -24.49 43.70 -25.02
C ALA A 8 -25.86 43.02 -24.79
N ARG A 9 -26.12 41.92 -25.50
CA ARG A 9 -27.39 41.15 -25.49
C ARG A 9 -27.21 39.62 -25.36
N ALA A 10 -25.98 39.16 -25.10
CA ALA A 10 -25.59 37.75 -24.99
C ALA A 10 -24.43 37.55 -24.00
N ALA A 11 -24.12 36.29 -23.68
CA ALA A 11 -23.04 35.90 -22.76
C ALA A 11 -22.38 34.56 -23.18
N MET A 12 -21.17 34.32 -22.67
CA MET A 12 -20.40 33.08 -22.91
C MET A 12 -21.02 31.84 -22.23
N LEU A 13 -20.62 30.65 -22.68
CA LEU A 13 -21.08 29.34 -22.20
C LEU A 13 -19.90 28.37 -21.96
N ASN A 14 -20.17 27.25 -21.29
CA ASN A 14 -19.18 26.20 -20.98
C ASN A 14 -18.57 25.53 -22.23
N ASN A 15 -17.41 24.89 -22.04
CA ASN A 15 -16.65 24.17 -23.07
C ASN A 15 -15.85 23.01 -22.44
N MET A 16 -15.23 22.15 -23.26
CA MET A 16 -14.39 21.01 -22.86
C MET A 16 -13.08 20.97 -23.66
N ASP A 17 -12.03 20.39 -23.07
CA ASP A 17 -10.67 20.37 -23.62
C ASP A 17 -9.86 19.14 -23.10
N SER A 18 -8.70 18.88 -23.71
CA SER A 18 -7.72 17.89 -23.27
C SER A 18 -7.08 18.24 -21.90
N ALA A 19 -6.28 17.33 -21.34
CA ALA A 19 -5.63 17.45 -20.03
C ALA A 19 -4.20 16.88 -20.05
N PRO A 20 -3.27 17.38 -19.19
CA PRO A 20 -1.90 16.89 -19.12
C PRO A 20 -1.83 15.47 -18.55
N LEU A 21 -1.37 14.51 -19.37
CA LEU A 21 -1.30 13.08 -19.08
C LEU A 21 -0.05 12.45 -19.72
N SER A 22 0.35 11.27 -19.22
CA SER A 22 1.51 10.49 -19.68
C SER A 22 1.20 8.99 -19.66
N ASN A 23 1.81 8.22 -20.58
CA ASN A 23 1.67 6.76 -20.65
C ASN A 23 2.21 6.06 -19.39
N GLY A 24 1.37 5.31 -18.70
CA GLY A 24 1.69 4.58 -17.47
C GLY A 24 0.46 4.19 -16.64
N GLY A 25 0.68 3.58 -15.47
CA GLY A 25 -0.37 3.16 -14.53
C GLY A 25 0.07 3.03 -13.07
N ASP A 26 1.24 3.58 -12.71
CA ASP A 26 1.68 3.69 -11.31
C ASP A 26 0.74 4.63 -10.54
N VAL A 27 0.33 5.71 -11.21
CA VAL A 27 -0.72 6.65 -10.82
C VAL A 27 -1.98 5.90 -10.41
N ASP A 28 -2.50 5.08 -11.33
CA ASP A 28 -3.72 4.31 -11.17
C ASP A 28 -3.68 3.46 -9.89
N LEU A 29 -2.60 2.70 -9.65
CA LEU A 29 -2.41 1.97 -8.39
C LEU A 29 -2.53 2.91 -7.19
N TYR A 30 -1.65 3.92 -7.12
CA TYR A 30 -1.51 4.77 -5.95
C TYR A 30 -2.80 5.48 -5.62
N ASP A 31 -3.34 6.23 -6.57
CA ASP A 31 -4.61 6.96 -6.38
C ASP A 31 -5.79 6.03 -6.06
N ALA A 32 -5.94 4.88 -6.72
CA ALA A 32 -7.00 3.92 -6.42
C ALA A 32 -6.89 3.34 -5.00
N PHE A 33 -5.68 2.94 -4.61
CA PHE A 33 -5.32 2.49 -3.28
C PHE A 33 -5.53 3.57 -2.21
N TYR A 34 -5.10 4.77 -2.53
CA TYR A 34 -5.31 5.96 -1.74
C TYR A 34 -6.83 6.20 -1.53
N GLN A 35 -7.66 5.94 -2.54
CA GLN A 35 -9.12 5.90 -2.40
C GLN A 35 -9.60 4.74 -1.50
N ARG A 36 -8.92 3.59 -1.49
CA ARG A 36 -9.16 2.50 -0.52
C ARG A 36 -8.93 2.97 0.93
N LEU A 37 -7.96 3.86 1.15
CA LEU A 37 -7.75 4.48 2.46
C LEU A 37 -8.94 5.36 2.84
N LEU A 38 -9.19 6.37 2.00
CA LEU A 38 -10.19 7.43 2.13
C LEU A 38 -11.68 6.97 2.12
N ALA A 39 -11.96 5.66 2.03
CA ALA A 39 -13.29 5.08 2.00
C ALA A 39 -14.09 5.22 3.31
N LEU A 40 -13.41 5.34 4.45
CA LEU A 40 -13.96 5.27 5.81
C LEU A 40 -13.50 6.32 6.85
N PRO A 41 -12.27 6.90 6.79
CA PRO A 41 -11.66 7.69 7.85
C PRO A 41 -12.47 8.79 8.57
N GLU A 42 -13.55 9.31 7.99
CA GLU A 42 -14.51 10.20 8.68
C GLU A 42 -15.02 9.60 10.02
N SER A 43 -15.21 8.27 10.06
CA SER A 43 -15.59 7.53 11.27
C SER A 43 -14.47 7.39 12.32
N ALA A 44 -13.20 7.59 11.91
CA ALA A 44 -11.96 7.44 12.69
C ALA A 44 -11.75 6.04 13.33
N SER A 45 -12.55 5.05 12.91
CA SER A 45 -12.52 3.68 13.43
C SER A 45 -11.13 3.04 13.28
N SER A 46 -10.64 2.36 14.31
CA SER A 46 -9.25 1.90 14.38
C SER A 46 -9.00 0.59 13.64
N GLU A 47 -9.57 -0.50 14.13
CA GLU A 47 -9.28 -1.85 13.64
C GLU A 47 -9.88 -2.08 12.26
N THR A 48 -11.08 -1.56 12.02
CA THR A 48 -11.79 -1.62 10.74
C THR A 48 -11.02 -0.94 9.62
N LEU A 49 -10.42 0.22 9.89
CA LEU A 49 -9.58 0.94 8.93
C LEU A 49 -8.29 0.17 8.66
N LYS A 50 -7.54 -0.23 9.71
CA LYS A 50 -6.33 -1.01 9.63
C LYS A 50 -6.51 -2.32 8.85
N ASP A 51 -7.61 -3.05 9.05
CA ASP A 51 -7.89 -4.27 8.29
C ASP A 51 -8.41 -4.02 6.87
N SER A 52 -9.15 -2.95 6.61
CA SER A 52 -9.49 -2.54 5.22
C SER A 52 -8.20 -2.20 4.45
N ILE A 53 -7.29 -1.46 5.09
CA ILE A 53 -5.94 -1.16 4.62
C ILE A 53 -5.20 -2.47 4.34
N TYR A 54 -5.12 -3.38 5.32
CA TYR A 54 -4.42 -4.66 5.20
C TYR A 54 -4.97 -5.52 4.06
N GLN A 55 -6.29 -5.55 3.90
CA GLN A 55 -6.95 -6.33 2.87
C GLN A 55 -6.58 -5.82 1.49
N GLU A 56 -6.65 -4.51 1.25
CA GLU A 56 -6.27 -3.96 -0.04
C GLU A 56 -4.74 -3.99 -0.28
N MET A 57 -3.92 -3.81 0.76
CA MET A 57 -2.46 -4.02 0.75
C MET A 57 -2.12 -5.42 0.19
N ASN A 58 -2.85 -6.43 0.65
CA ASN A 58 -2.74 -7.81 0.20
C ASN A 58 -3.45 -8.19 -1.12
N ALA A 59 -4.43 -7.43 -1.61
CA ALA A 59 -5.33 -7.86 -2.70
C ALA A 59 -5.58 -6.94 -3.91
N PHE A 60 -5.24 -5.66 -3.85
CA PHE A 60 -5.27 -4.76 -5.00
C PHE A 60 -4.69 -5.37 -6.29
N LYS A 61 -3.64 -6.16 -6.08
CA LYS A 61 -2.73 -6.83 -6.97
C LYS A 61 -2.35 -6.00 -8.21
N ASP A 62 -1.23 -5.28 -8.08
CA ASP A 62 -0.72 -4.29 -9.04
C ASP A 62 -0.77 -4.75 -10.53
N PRO A 63 -1.59 -4.12 -11.38
CA PRO A 63 -1.59 -4.32 -12.83
C PRO A 63 -0.21 -4.21 -13.50
N ASN A 64 0.58 -3.21 -13.12
CA ASN A 64 1.85 -2.87 -13.76
C ASN A 64 2.90 -3.97 -13.57
N SER A 65 3.02 -4.49 -12.34
CA SER A 65 3.94 -5.56 -11.96
C SER A 65 3.46 -6.93 -12.44
N GLY A 66 2.20 -7.29 -12.11
CA GLY A 66 1.56 -8.55 -12.45
C GLY A 66 0.94 -9.27 -11.25
N ASP A 67 1.61 -9.19 -10.10
CA ASP A 67 1.25 -9.80 -8.84
C ASP A 67 0.90 -8.74 -7.78
N SER A 68 1.52 -8.73 -6.60
CA SER A 68 1.11 -7.92 -5.45
C SER A 68 1.30 -6.39 -5.59
N ALA A 69 0.52 -5.63 -4.80
CA ALA A 69 0.48 -4.16 -4.81
C ALA A 69 1.84 -3.51 -4.49
N PHE A 70 2.67 -4.21 -3.72
CA PHE A 70 4.05 -3.84 -3.38
C PHE A 70 4.97 -5.05 -3.67
N VAL A 71 6.07 -4.78 -4.39
CA VAL A 71 7.07 -5.74 -4.90
C VAL A 71 7.76 -6.54 -3.78
N SER A 72 8.15 -5.83 -2.72
CA SER A 72 9.00 -6.27 -1.62
C SER A 72 9.14 -5.11 -0.61
N PHE A 73 10.10 -5.20 0.32
CA PHE A 73 10.49 -4.16 1.27
C PHE A 73 10.63 -2.80 0.58
N GLU A 74 11.28 -2.76 -0.58
CA GLU A 74 11.62 -1.54 -1.30
C GLU A 74 10.39 -0.73 -1.72
N GLN A 75 9.45 -1.42 -2.37
CA GLN A 75 8.21 -0.82 -2.83
C GLN A 75 7.27 -0.50 -1.67
N GLN A 76 7.21 -1.39 -0.68
CA GLN A 76 6.45 -1.22 0.55
C GLN A 76 6.93 0.01 1.32
N THR A 77 8.23 0.24 1.41
CA THR A 77 8.81 1.38 2.10
C THR A 77 8.57 2.68 1.36
N ALA A 78 8.75 2.72 0.04
CA ALA A 78 8.34 3.91 -0.71
C ALA A 78 6.83 4.13 -0.70
N MET A 79 6.02 3.07 -0.75
CA MET A 79 4.57 3.15 -0.54
C MET A 79 4.31 3.86 0.76
N LEU A 80 4.89 3.38 1.85
CA LEU A 80 4.54 3.83 3.17
C LEU A 80 5.06 5.22 3.48
N GLN A 81 6.28 5.52 3.04
CA GLN A 81 6.83 6.88 3.05
C GLN A 81 5.89 7.82 2.27
N ASN A 82 5.45 7.39 1.07
CA ASN A 82 4.52 8.13 0.23
C ASN A 82 3.12 8.27 0.90
N MET A 83 2.62 7.20 1.51
CA MET A 83 1.30 7.09 2.13
C MET A 83 1.20 8.05 3.31
N LEU A 84 2.19 8.03 4.21
CA LEU A 84 2.30 8.94 5.33
C LEU A 84 2.59 10.39 4.92
N ALA A 85 3.32 10.61 3.82
CA ALA A 85 3.50 11.94 3.25
C ALA A 85 2.20 12.55 2.69
N LYS A 86 1.29 11.71 2.15
CA LYS A 86 0.03 12.16 1.53
C LYS A 86 -1.08 12.48 2.52
N VAL A 87 -1.32 11.60 3.51
CA VAL A 87 -2.25 11.81 4.63
C VAL A 87 -1.83 12.97 5.55
N GLU A 88 -2.77 13.44 6.37
CA GLU A 88 -2.54 14.41 7.42
C GLU A 88 -2.17 13.67 8.73
N PRO A 89 -0.98 13.92 9.32
CA PRO A 89 -0.58 13.44 10.67
C PRO A 89 -1.67 13.44 11.75
N GLY A 90 -2.51 14.48 11.77
CA GLY A 90 -3.62 14.66 12.70
C GLY A 90 -4.67 13.52 12.73
N THR A 91 -4.92 12.89 11.58
CA THR A 91 -5.91 11.82 11.43
C THR A 91 -5.53 10.51 12.10
N HIS A 92 -6.53 9.66 12.30
CA HIS A 92 -6.33 8.28 12.72
C HIS A 92 -5.90 7.40 11.52
N LEU A 93 -6.21 7.82 10.29
CA LEU A 93 -5.71 7.20 9.08
C LEU A 93 -4.18 7.10 9.11
N TYR A 94 -3.51 8.21 9.40
CA TYR A 94 -2.05 8.26 9.54
C TYR A 94 -1.55 7.14 10.48
N GLU A 95 -2.23 6.97 11.61
CA GLU A 95 -1.95 5.96 12.61
C GLU A 95 -2.21 4.53 12.11
N ALA A 96 -3.24 4.33 11.26
CA ALA A 96 -3.53 3.03 10.66
C ALA A 96 -2.41 2.62 9.69
N LEU A 97 -1.90 3.56 8.88
CA LEU A 97 -0.77 3.32 8.00
C LEU A 97 0.49 3.01 8.80
N ASN A 98 0.76 3.75 9.88
CA ASN A 98 1.88 3.46 10.78
C ASN A 98 1.79 2.05 11.35
N GLY A 99 0.57 1.63 11.72
CA GLY A 99 0.33 0.31 12.32
C GLY A 99 0.47 -0.82 11.30
N VAL A 100 -0.07 -0.68 10.08
CA VAL A 100 0.16 -1.68 9.03
C VAL A 100 1.61 -1.69 8.55
N LEU A 101 2.29 -0.55 8.51
CA LEU A 101 3.71 -0.46 8.20
C LEU A 101 4.49 -1.31 9.20
N VAL A 102 4.28 -1.07 10.49
CA VAL A 102 4.93 -1.72 11.62
C VAL A 102 4.65 -3.22 11.66
N GLY A 103 3.38 -3.60 11.50
CA GLY A 103 2.95 -5.01 11.56
C GLY A 103 3.33 -5.81 10.32
N SER A 104 3.11 -5.25 9.12
CA SER A 104 3.54 -5.85 7.86
C SER A 104 5.07 -5.90 7.73
N MET A 105 5.80 -4.92 8.28
CA MET A 105 7.28 -4.94 8.35
C MET A 105 7.80 -6.02 9.32
N ASN A 106 7.14 -6.22 10.47
CA ASN A 106 7.46 -7.32 11.38
C ASN A 106 7.28 -8.69 10.68
N ALA A 107 6.24 -8.83 9.85
CA ALA A 107 6.01 -10.00 9.01
C ALA A 107 7.05 -10.15 7.88
N GLN A 108 7.46 -9.03 7.24
CA GLN A 108 8.46 -8.96 6.18
C GLN A 108 9.85 -9.41 6.66
N SER A 109 10.19 -9.07 7.91
CA SER A 109 11.49 -9.34 8.55
C SER A 109 11.86 -10.83 8.67
N GLN A 110 10.87 -11.73 8.72
CA GLN A 110 10.99 -13.19 8.77
C GLN A 110 12.06 -13.73 9.76
N MET A 111 13.28 -14.03 9.28
CA MET A 111 14.43 -14.59 10.01
C MET A 111 14.21 -15.93 10.78
N THR A 112 13.03 -16.53 10.66
CA THR A 112 12.59 -17.78 11.30
C THR A 112 13.50 -18.94 10.96
N SER A 113 13.59 -19.20 9.66
CA SER A 113 14.43 -20.25 9.05
C SER A 113 15.93 -20.02 9.32
N TRP A 114 16.34 -18.75 9.39
CA TRP A 114 17.71 -18.31 9.62
C TRP A 114 18.24 -18.59 11.04
N MET A 115 17.37 -18.85 12.01
CA MET A 115 17.76 -19.25 13.37
C MET A 115 18.73 -20.45 13.37
N GLN A 116 18.52 -21.40 12.45
CA GLN A 116 19.34 -22.59 12.20
C GLN A 116 20.78 -22.30 11.70
N GLU A 117 21.18 -21.03 11.62
CA GLU A 117 22.48 -20.56 11.14
C GLU A 117 23.03 -19.43 12.03
N ILE A 118 22.14 -18.60 12.59
CA ILE A 118 22.43 -17.62 13.62
C ILE A 118 22.94 -18.26 14.93
N ILE A 119 22.45 -19.46 15.28
CA ILE A 119 22.95 -20.33 16.35
C ILE A 119 24.46 -20.58 16.24
N LEU A 120 25.16 -20.52 17.39
CA LEU A 120 26.61 -20.56 17.52
C LEU A 120 27.31 -21.80 16.92
N SER A 121 28.60 -21.63 16.62
CA SER A 121 29.50 -22.59 15.98
C SER A 121 30.89 -22.62 16.65
N GLY A 122 31.82 -23.43 16.11
CA GLY A 122 33.21 -23.52 16.58
C GLY A 122 34.16 -24.16 15.57
N GLY A 123 35.46 -24.06 15.83
CA GLY A 123 36.53 -24.56 14.96
C GLY A 123 37.94 -24.13 15.39
N GLU A 124 38.93 -24.43 14.55
CA GLU A 124 40.36 -24.20 14.78
C GLU A 124 40.97 -23.22 13.75
N ASN A 125 40.14 -22.30 13.22
CA ASN A 125 40.52 -21.28 12.23
C ASN A 125 41.72 -20.42 12.65
N LYS A 126 42.50 -19.95 11.67
CA LYS A 126 43.73 -19.16 11.83
C LYS A 126 43.52 -17.89 12.69
N GLU A 127 44.47 -17.64 13.59
CA GLU A 127 44.55 -16.42 14.40
C GLU A 127 44.79 -15.13 13.58
N ALA A 128 44.53 -13.97 14.17
CA ALA A 128 44.74 -12.66 13.58
C ALA A 128 46.22 -12.37 13.21
N ILE A 129 46.43 -11.41 12.29
CA ILE A 129 47.74 -10.97 11.80
C ILE A 129 48.69 -10.42 12.90
N ASP A 130 49.93 -10.21 12.48
CA ASP A 130 51.05 -9.72 13.28
C ASP A 130 52.08 -8.96 12.40
N TRP A 131 52.87 -8.09 13.02
CA TRP A 131 53.91 -7.26 12.37
C TRP A 131 55.12 -8.09 11.87
N VAL A 4 -37.08 -20.12 -49.70
CA VAL A 4 -37.27 -21.41 -49.00
C VAL A 4 -37.01 -21.26 -47.49
N SER A 5 -37.53 -22.20 -46.69
CA SER A 5 -37.39 -22.27 -45.22
C SER A 5 -37.33 -23.71 -44.72
N LEU A 6 -37.13 -23.91 -43.41
CA LEU A 6 -37.05 -25.21 -42.74
C LEU A 6 -37.93 -25.25 -41.47
N SER A 7 -38.32 -26.46 -41.06
CA SER A 7 -39.23 -26.70 -39.92
C SER A 7 -38.61 -26.44 -38.53
N ALA A 8 -37.30 -26.23 -38.44
CA ALA A 8 -36.57 -25.95 -37.20
C ALA A 8 -37.03 -24.64 -36.52
N ARG A 9 -36.83 -24.55 -35.20
CA ARG A 9 -37.14 -23.39 -34.34
C ARG A 9 -36.04 -23.15 -33.30
N ALA A 10 -35.87 -21.89 -32.89
CA ALA A 10 -34.84 -21.44 -31.92
C ALA A 10 -35.27 -20.17 -31.17
N ALA A 11 -34.53 -19.83 -30.11
CA ALA A 11 -34.69 -18.62 -29.30
C ALA A 11 -33.35 -18.20 -28.65
N MET A 12 -33.28 -16.99 -28.10
CA MET A 12 -32.10 -16.46 -27.40
C MET A 12 -32.46 -15.41 -26.33
N LEU A 13 -31.48 -15.08 -25.48
CA LEU A 13 -31.51 -13.97 -24.51
C LEU A 13 -30.08 -13.42 -24.38
N ASN A 14 -29.88 -12.12 -24.60
CA ASN A 14 -28.55 -11.52 -24.70
C ASN A 14 -27.70 -11.68 -23.42
N ASN A 15 -26.58 -12.39 -23.56
CA ASN A 15 -25.51 -12.55 -22.57
C ASN A 15 -24.13 -12.52 -23.27
N MET A 16 -24.02 -11.75 -24.36
CA MET A 16 -22.89 -11.73 -25.30
C MET A 16 -22.34 -10.31 -25.55
N ASP A 17 -22.53 -9.39 -24.60
CA ASP A 17 -22.08 -8.00 -24.67
C ASP A 17 -21.36 -7.57 -23.38
N SER A 18 -20.15 -7.02 -23.52
CA SER A 18 -19.25 -6.54 -22.47
C SER A 18 -18.16 -5.62 -23.07
N ALA A 19 -17.33 -4.99 -22.23
CA ALA A 19 -16.20 -4.16 -22.67
C ALA A 19 -14.94 -4.36 -21.78
N PRO A 20 -13.71 -4.17 -22.33
CA PRO A 20 -12.46 -4.21 -21.57
C PRO A 20 -12.39 -3.23 -20.38
N LEU A 21 -11.42 -3.48 -19.48
CA LEU A 21 -11.11 -2.64 -18.32
C LEU A 21 -9.59 -2.49 -18.02
N SER A 22 -8.73 -3.17 -18.79
CA SER A 22 -7.27 -3.19 -18.62
C SER A 22 -6.62 -1.82 -18.83
N ASN A 23 -5.63 -1.48 -17.99
CA ASN A 23 -4.81 -0.28 -18.04
C ASN A 23 -3.34 -0.52 -17.63
N GLY A 24 -2.50 0.51 -17.77
CA GLY A 24 -1.05 0.44 -17.51
C GLY A 24 -0.45 1.73 -16.96
N GLY A 25 -1.08 2.31 -15.92
CA GLY A 25 -0.58 3.49 -15.21
C GLY A 25 -0.17 3.19 -13.76
N ASP A 26 0.93 3.77 -13.29
CA ASP A 26 1.33 3.75 -11.88
C ASP A 26 0.39 4.67 -11.07
N VAL A 27 -0.06 5.74 -11.73
CA VAL A 27 -1.12 6.66 -11.28
C VAL A 27 -2.35 5.87 -10.87
N ASP A 28 -2.84 5.02 -11.77
CA ASP A 28 -4.05 4.23 -11.54
C ASP A 28 -3.99 3.42 -10.24
N LEU A 29 -2.88 2.68 -9.99
CA LEU A 29 -2.63 2.00 -8.73
C LEU A 29 -2.78 2.98 -7.55
N TYR A 30 -1.97 4.03 -7.55
CA TYR A 30 -1.83 4.93 -6.42
C TYR A 30 -3.14 5.65 -6.12
N ASP A 31 -3.72 6.35 -7.08
CA ASP A 31 -5.00 7.03 -6.88
C ASP A 31 -6.11 6.05 -6.43
N ALA A 32 -6.19 4.84 -6.99
CA ALA A 32 -7.17 3.83 -6.60
C ALA A 32 -6.98 3.33 -5.16
N PHE A 33 -5.74 2.99 -4.81
CA PHE A 33 -5.31 2.55 -3.49
C PHE A 33 -5.48 3.62 -2.41
N TYR A 34 -5.00 4.81 -2.75
CA TYR A 34 -5.17 6.01 -1.97
C TYR A 34 -6.67 6.29 -1.74
N GLN A 35 -7.53 6.03 -2.72
CA GLN A 35 -8.98 6.05 -2.53
C GLN A 35 -9.46 4.93 -1.59
N ARG A 36 -8.85 3.74 -1.60
CA ARG A 36 -9.10 2.70 -0.57
C ARG A 36 -8.83 3.21 0.84
N LEU A 37 -7.82 4.06 1.01
CA LEU A 37 -7.55 4.72 2.30
C LEU A 37 -8.71 5.63 2.69
N LEU A 38 -8.96 6.63 1.84
CA LEU A 38 -9.94 7.70 2.01
C LEU A 38 -11.43 7.27 2.09
N ALA A 39 -11.79 6.04 1.74
CA ALA A 39 -13.17 5.58 1.57
C ALA A 39 -13.96 5.33 2.87
N LEU A 40 -13.27 5.02 3.96
CA LEU A 40 -13.82 4.51 5.23
C LEU A 40 -13.55 5.31 6.52
N PRO A 41 -12.44 6.06 6.67
CA PRO A 41 -11.97 6.63 7.94
C PRO A 41 -12.90 7.52 8.80
N GLU A 42 -14.11 7.87 8.35
CA GLU A 42 -15.11 8.58 9.16
C GLU A 42 -15.39 7.91 10.52
N SER A 43 -15.30 6.57 10.58
CA SER A 43 -15.43 5.76 11.80
C SER A 43 -14.27 5.93 12.80
N ALA A 44 -13.07 6.31 12.32
CA ALA A 44 -11.80 6.48 13.06
C ALA A 44 -11.38 5.25 13.90
N SER A 45 -11.97 4.09 13.62
CA SER A 45 -11.75 2.81 14.33
C SER A 45 -10.33 2.27 14.17
N SER A 46 -9.66 1.93 15.27
CA SER A 46 -8.23 1.60 15.26
C SER A 46 -7.91 0.36 14.43
N GLU A 47 -8.67 -0.71 14.64
CA GLU A 47 -8.50 -1.99 13.95
C GLU A 47 -9.10 -2.04 12.53
N THR A 48 -10.32 -1.51 12.34
CA THR A 48 -11.05 -1.59 11.07
C THR A 48 -10.35 -0.86 9.94
N LEU A 49 -9.75 0.30 10.23
CA LEU A 49 -8.93 1.04 9.25
C LEU A 49 -7.69 0.22 8.86
N LYS A 50 -6.92 -0.28 9.85
CA LYS A 50 -5.71 -1.07 9.58
C LYS A 50 -5.99 -2.37 8.83
N ASP A 51 -7.08 -3.09 9.13
CA ASP A 51 -7.42 -4.31 8.42
C ASP A 51 -8.06 -4.10 7.03
N SER A 52 -8.89 -3.08 6.81
CA SER A 52 -9.32 -2.74 5.44
C SER A 52 -8.12 -2.32 4.56
N ILE A 53 -7.17 -1.57 5.14
CA ILE A 53 -5.89 -1.25 4.54
C ILE A 53 -5.10 -2.53 4.23
N TYR A 54 -5.02 -3.47 5.18
CA TYR A 54 -4.34 -4.76 5.00
C TYR A 54 -4.96 -5.60 3.88
N GLN A 55 -6.29 -5.64 3.78
CA GLN A 55 -6.99 -6.40 2.76
C GLN A 55 -6.70 -5.85 1.37
N GLU A 56 -6.81 -4.53 1.19
CA GLU A 56 -6.53 -3.90 -0.11
C GLU A 56 -5.02 -3.91 -0.45
N MET A 57 -4.14 -3.75 0.56
CA MET A 57 -2.68 -3.93 0.47
C MET A 57 -2.37 -5.29 -0.18
N ASN A 58 -3.01 -6.34 0.33
CA ASN A 58 -2.77 -7.72 -0.07
C ASN A 58 -3.40 -8.12 -1.42
N ALA A 59 -4.40 -7.39 -1.92
CA ALA A 59 -5.24 -7.81 -3.05
C ALA A 59 -5.41 -6.91 -4.26
N PHE A 60 -5.02 -5.64 -4.20
CA PHE A 60 -5.06 -4.73 -5.34
C PHE A 60 -4.53 -5.33 -6.65
N LYS A 61 -3.50 -6.17 -6.45
CA LYS A 61 -2.62 -6.87 -7.36
C LYS A 61 -2.32 -6.09 -8.64
N ASP A 62 -1.30 -5.24 -8.51
CA ASP A 62 -0.92 -4.22 -9.49
C ASP A 62 -0.84 -4.70 -10.96
N PRO A 63 -1.65 -4.14 -11.88
CA PRO A 63 -1.56 -4.40 -13.32
C PRO A 63 -0.14 -4.26 -13.91
N ASN A 64 0.58 -3.20 -13.51
CA ASN A 64 1.90 -2.88 -14.04
C ASN A 64 2.96 -3.94 -13.66
N SER A 65 2.91 -4.41 -12.40
CA SER A 65 3.77 -5.45 -11.85
C SER A 65 3.46 -6.83 -12.43
N GLY A 66 2.18 -7.22 -12.44
CA GLY A 66 1.70 -8.56 -12.77
C GLY A 66 1.31 -9.38 -11.54
N ASP A 67 1.93 -9.08 -10.40
CA ASP A 67 1.68 -9.65 -9.09
C ASP A 67 1.12 -8.60 -8.13
N SER A 68 1.78 -8.32 -7.00
CA SER A 68 1.26 -7.52 -5.89
C SER A 68 1.44 -6.01 -6.03
N ALA A 69 0.70 -5.24 -5.21
CA ALA A 69 0.69 -3.77 -5.18
C ALA A 69 2.08 -3.15 -4.86
N PHE A 70 2.95 -3.94 -4.25
CA PHE A 70 4.33 -3.65 -3.82
C PHE A 70 5.17 -4.95 -3.90
N VAL A 71 6.48 -4.88 -3.64
CA VAL A 71 7.44 -5.99 -3.77
C VAL A 71 7.60 -6.85 -2.50
N SER A 72 8.09 -6.25 -1.39
CA SER A 72 8.38 -6.93 -0.10
C SER A 72 9.04 -6.01 0.94
N PHE A 73 9.86 -5.06 0.50
CA PHE A 73 10.48 -4.05 1.35
C PHE A 73 10.65 -2.70 0.66
N GLU A 74 11.45 -2.57 -0.40
CA GLU A 74 11.82 -1.25 -0.93
C GLU A 74 10.61 -0.45 -1.39
N GLN A 75 9.83 -1.09 -2.25
CA GLN A 75 8.55 -0.58 -2.74
C GLN A 75 7.59 -0.36 -1.59
N GLN A 76 7.45 -1.38 -0.74
CA GLN A 76 6.42 -1.43 0.29
C GLN A 76 6.59 -0.30 1.30
N THR A 77 7.77 -0.18 1.85
CA THR A 77 8.13 0.85 2.81
C THR A 77 8.06 2.22 2.16
N ALA A 78 8.59 2.41 0.93
CA ALA A 78 8.41 3.69 0.25
C ALA A 78 6.94 4.03 0.02
N MET A 79 6.12 3.08 -0.44
CA MET A 79 4.69 3.27 -0.70
C MET A 79 3.92 3.67 0.56
N LEU A 80 4.28 3.05 1.67
CA LEU A 80 3.70 3.29 2.97
C LEU A 80 4.14 4.64 3.57
N GLN A 81 5.45 4.93 3.57
CA GLN A 81 6.03 6.22 3.96
C GLN A 81 5.51 7.38 3.09
N ASN A 82 5.38 7.16 1.78
CA ASN A 82 4.81 8.09 0.82
C ASN A 82 3.36 8.40 1.22
N MET A 83 2.58 7.37 1.58
CA MET A 83 1.22 7.60 2.06
C MET A 83 1.18 8.36 3.37
N LEU A 84 2.12 8.18 4.31
CA LEU A 84 2.21 9.05 5.49
C LEU A 84 2.47 10.52 5.12
N ALA A 85 3.30 10.75 4.12
CA ALA A 85 3.53 12.08 3.57
C ALA A 85 2.29 12.68 2.86
N LYS A 86 1.38 11.85 2.33
CA LYS A 86 0.13 12.29 1.69
C LYS A 86 -0.98 12.65 2.68
N VAL A 87 -1.29 11.74 3.62
CA VAL A 87 -2.36 11.87 4.63
C VAL A 87 -2.09 12.98 5.67
N GLU A 88 -3.16 13.41 6.33
CA GLU A 88 -3.13 14.34 7.45
C GLU A 88 -2.67 13.62 8.74
N PRO A 89 -1.54 14.01 9.35
CA PRO A 89 -1.09 13.58 10.69
C PRO A 89 -2.19 13.41 11.76
N GLY A 90 -3.13 14.34 11.80
CA GLY A 90 -4.23 14.40 12.79
C GLY A 90 -5.13 13.15 12.84
N THR A 91 -5.35 12.51 11.70
CA THR A 91 -6.28 11.38 11.55
C THR A 91 -5.79 10.07 12.15
N HIS A 92 -6.74 9.17 12.39
CA HIS A 92 -6.45 7.78 12.73
C HIS A 92 -6.01 6.99 11.47
N LEU A 93 -6.40 7.46 10.27
CA LEU A 93 -5.89 6.93 9.01
C LEU A 93 -4.35 6.96 9.00
N TYR A 94 -3.75 8.10 9.30
CA TYR A 94 -2.29 8.23 9.38
C TYR A 94 -1.69 7.14 10.29
N GLU A 95 -2.30 6.98 11.47
CA GLU A 95 -1.92 5.99 12.47
C GLU A 95 -2.08 4.56 11.92
N ALA A 96 -3.07 4.30 11.07
CA ALA A 96 -3.29 3.01 10.44
C ALA A 96 -2.18 2.71 9.43
N LEU A 97 -1.77 3.68 8.61
CA LEU A 97 -0.68 3.46 7.66
C LEU A 97 0.64 3.18 8.39
N ASN A 98 0.92 3.91 9.48
CA ASN A 98 2.09 3.65 10.31
C ASN A 98 2.00 2.26 10.97
N GLY A 99 0.82 1.89 11.47
CA GLY A 99 0.59 0.64 12.18
C GLY A 99 0.61 -0.59 11.26
N VAL A 100 0.06 -0.50 10.05
CA VAL A 100 0.23 -1.55 9.04
C VAL A 100 1.65 -1.63 8.53
N LEU A 101 2.38 -0.52 8.37
CA LEU A 101 3.79 -0.55 7.98
C LEU A 101 4.60 -1.32 9.02
N VAL A 102 4.42 -0.97 10.29
CA VAL A 102 5.07 -1.57 11.46
C VAL A 102 4.71 -3.05 11.62
N GLY A 103 3.42 -3.39 11.51
CA GLY A 103 2.91 -4.75 11.69
C GLY A 103 3.19 -5.66 10.49
N SER A 104 3.04 -5.16 9.27
CA SER A 104 3.43 -5.85 8.05
C SER A 104 4.96 -6.05 8.01
N MET A 105 5.76 -5.06 8.39
CA MET A 105 7.21 -5.22 8.56
C MET A 105 7.58 -6.28 9.62
N ASN A 106 6.85 -6.36 10.74
CA ASN A 106 7.06 -7.40 11.75
C ASN A 106 6.83 -8.81 11.17
N ALA A 107 5.83 -8.97 10.30
CA ALA A 107 5.56 -10.22 9.58
C ALA A 107 6.62 -10.54 8.49
N GLN A 108 7.02 -9.53 7.71
CA GLN A 108 8.04 -9.61 6.65
C GLN A 108 9.47 -9.83 7.19
N SER A 109 9.72 -9.47 8.45
CA SER A 109 11.03 -9.37 9.11
C SER A 109 12.05 -10.49 8.83
N GLN A 110 11.62 -11.76 8.75
CA GLN A 110 12.41 -12.96 8.40
C GLN A 110 13.88 -12.89 8.86
N MET A 111 14.07 -12.73 10.18
CA MET A 111 15.36 -12.42 10.83
C MET A 111 16.52 -13.39 10.52
N THR A 112 16.24 -14.59 9.99
CA THR A 112 17.22 -15.54 9.45
C THR A 112 17.99 -14.96 8.28
N SER A 113 17.26 -14.66 7.21
CA SER A 113 17.77 -14.09 5.96
C SER A 113 18.16 -12.61 6.09
N TRP A 114 17.48 -11.87 6.97
CA TRP A 114 17.61 -10.42 7.15
C TRP A 114 18.60 -10.00 8.24
N MET A 115 19.34 -10.94 8.83
CA MET A 115 20.20 -10.81 10.02
C MET A 115 21.20 -9.64 10.10
N GLN A 116 21.55 -8.99 8.97
CA GLN A 116 22.44 -7.82 8.89
C GLN A 116 21.71 -6.51 8.52
N GLU A 117 20.44 -6.60 8.12
CA GLU A 117 19.56 -5.48 7.79
C GLU A 117 18.59 -5.15 8.94
N ILE A 118 18.13 -6.17 9.69
CA ILE A 118 17.36 -6.08 10.92
C ILE A 118 18.04 -5.24 12.01
N ILE A 119 19.38 -5.19 11.94
CA ILE A 119 20.29 -4.40 12.78
C ILE A 119 20.02 -2.88 12.70
N LEU A 120 19.51 -2.38 11.57
CA LEU A 120 19.23 -0.96 11.34
C LEU A 120 18.04 -0.44 12.18
N SER A 121 18.25 0.70 12.86
CA SER A 121 17.28 1.44 13.66
C SER A 121 17.57 2.95 13.63
N GLY A 122 16.58 3.78 13.97
CA GLY A 122 16.74 5.23 14.11
C GLY A 122 15.46 6.08 14.04
N GLY A 123 14.32 5.54 13.58
CA GLY A 123 13.10 6.32 13.34
C GLY A 123 11.84 5.47 13.12
N GLU A 124 11.72 4.36 13.84
CA GLU A 124 10.71 3.30 13.62
C GLU A 124 9.27 3.72 14.03
N ASN A 125 9.13 4.88 14.66
CA ASN A 125 7.87 5.46 15.12
C ASN A 125 7.76 6.98 14.82
N LYS A 126 8.54 7.50 13.85
CA LYS A 126 8.55 8.92 13.45
C LYS A 126 7.20 9.41 12.90
N GLU A 127 6.99 10.72 12.96
CA GLU A 127 5.77 11.43 12.54
C GLU A 127 5.55 11.44 11.01
N ALA A 128 4.35 11.87 10.59
CA ALA A 128 3.94 11.98 9.19
C ALA A 128 4.83 12.92 8.32
N ILE A 129 5.32 14.01 8.92
CA ILE A 129 5.99 15.13 8.32
C ILE A 129 7.32 15.49 9.01
N ASP A 130 7.93 16.60 8.57
CA ASP A 130 9.21 17.17 9.07
C ASP A 130 10.36 16.14 9.20
N TRP A 131 10.51 15.34 8.14
CA TRP A 131 11.43 14.19 8.00
C TRP A 131 12.91 14.53 8.26
N VAL A 4 -46.73 -21.68 15.08
CA VAL A 4 -45.86 -22.20 14.00
C VAL A 4 -45.63 -21.11 12.92
N SER A 5 -44.49 -21.16 12.23
CA SER A 5 -44.15 -20.23 11.13
C SER A 5 -43.13 -20.87 10.16
N LEU A 6 -43.09 -20.38 8.92
CA LEU A 6 -42.17 -20.77 7.85
C LEU A 6 -41.95 -19.65 6.82
N SER A 7 -40.87 -19.74 6.04
CA SER A 7 -40.56 -18.81 4.93
C SER A 7 -39.53 -19.42 3.94
N ALA A 8 -39.43 -18.83 2.75
CA ALA A 8 -38.41 -19.12 1.73
C ALA A 8 -38.17 -17.90 0.82
N ARG A 9 -36.92 -17.70 0.37
CA ARG A 9 -36.50 -16.52 -0.44
C ARG A 9 -35.34 -16.78 -1.42
N ALA A 10 -35.09 -18.03 -1.80
CA ALA A 10 -33.94 -18.45 -2.62
C ALA A 10 -33.76 -17.69 -3.95
N ALA A 11 -34.85 -17.18 -4.55
CA ALA A 11 -34.81 -16.34 -5.75
C ALA A 11 -33.97 -15.05 -5.60
N MET A 12 -33.75 -14.57 -4.37
CA MET A 12 -32.86 -13.45 -4.03
C MET A 12 -31.40 -13.67 -4.46
N LEU A 13 -30.97 -14.93 -4.62
CA LEU A 13 -29.58 -15.33 -4.86
C LEU A 13 -29.47 -16.32 -6.06
N ASN A 14 -30.37 -16.17 -7.04
CA ASN A 14 -30.47 -16.99 -8.25
C ASN A 14 -29.96 -16.26 -9.51
N ASN A 15 -29.11 -15.24 -9.34
CA ASN A 15 -28.52 -14.41 -10.40
C ASN A 15 -27.03 -14.11 -10.11
N MET A 16 -26.29 -13.66 -11.14
CA MET A 16 -24.83 -13.48 -11.11
C MET A 16 -24.41 -12.19 -11.85
N ASP A 17 -23.16 -11.76 -11.66
CA ASP A 17 -22.59 -10.52 -12.21
C ASP A 17 -21.07 -10.63 -12.46
N SER A 18 -20.52 -9.84 -13.38
CA SER A 18 -19.08 -9.74 -13.73
C SER A 18 -18.74 -8.37 -14.35
N ALA A 19 -17.45 -8.03 -14.38
CA ALA A 19 -16.93 -6.75 -14.92
C ALA A 19 -15.55 -6.93 -15.61
N PRO A 20 -15.19 -6.06 -16.59
CA PRO A 20 -13.92 -6.13 -17.30
C PRO A 20 -12.71 -5.66 -16.47
N LEU A 21 -11.51 -5.87 -17.00
CA LEU A 21 -10.22 -5.43 -16.45
C LEU A 21 -9.30 -4.99 -17.62
N SER A 22 -8.64 -3.84 -17.46
CA SER A 22 -7.90 -3.15 -18.53
C SER A 22 -6.53 -2.59 -18.05
N ASN A 23 -5.74 -2.04 -18.97
CA ASN A 23 -4.47 -1.36 -18.69
C ASN A 23 -4.61 -0.20 -17.68
N GLY A 24 -3.51 0.20 -17.04
CA GLY A 24 -3.45 1.17 -15.96
C GLY A 24 -2.12 1.93 -15.86
N GLY A 25 -1.77 2.36 -14.66
CA GLY A 25 -0.59 3.19 -14.36
C GLY A 25 -0.17 3.12 -12.90
N ASP A 26 0.96 3.75 -12.58
CA ASP A 26 1.39 3.96 -11.18
C ASP A 26 0.42 4.93 -10.49
N VAL A 27 -0.04 5.92 -11.27
CA VAL A 27 -1.13 6.84 -10.96
C VAL A 27 -2.37 6.06 -10.58
N ASP A 28 -2.84 5.21 -11.51
CA ASP A 28 -4.08 4.45 -11.34
C ASP A 28 -4.06 3.62 -10.06
N LEU A 29 -2.97 2.88 -9.81
CA LEU A 29 -2.78 2.12 -8.59
C LEU A 29 -2.92 3.02 -7.35
N TYR A 30 -2.09 4.07 -7.26
CA TYR A 30 -2.03 4.90 -6.09
C TYR A 30 -3.32 5.64 -5.84
N ASP A 31 -3.82 6.41 -6.79
CA ASP A 31 -5.08 7.13 -6.64
C ASP A 31 -6.26 6.20 -6.26
N ALA A 32 -6.37 5.01 -6.86
CA ALA A 32 -7.39 4.03 -6.51
C ALA A 32 -7.26 3.57 -5.04
N PHE A 33 -6.04 3.19 -4.65
CA PHE A 33 -5.68 2.78 -3.30
C PHE A 33 -5.89 3.87 -2.24
N TYR A 34 -5.47 5.08 -2.60
CA TYR A 34 -5.63 6.28 -1.85
C TYR A 34 -7.12 6.54 -1.58
N GLN A 35 -7.99 6.28 -2.57
CA GLN A 35 -9.45 6.28 -2.38
C GLN A 35 -9.93 5.13 -1.46
N ARG A 36 -9.27 3.96 -1.46
CA ARG A 36 -9.50 2.88 -0.48
C ARG A 36 -9.20 3.33 0.95
N LEU A 37 -8.26 4.27 1.17
CA LEU A 37 -8.05 4.90 2.47
C LEU A 37 -9.27 5.77 2.84
N LEU A 38 -9.54 6.76 1.99
CA LEU A 38 -10.56 7.79 2.05
C LEU A 38 -12.03 7.31 1.97
N ALA A 39 -12.30 6.01 2.16
CA ALA A 39 -13.64 5.40 2.12
C ALA A 39 -14.63 6.01 3.12
N LEU A 40 -14.12 6.46 4.27
CA LEU A 40 -14.76 7.26 5.31
C LEU A 40 -13.68 7.96 6.13
N PRO A 41 -13.93 9.17 6.64
CA PRO A 41 -12.99 9.75 7.60
C PRO A 41 -13.63 10.39 8.85
N GLU A 42 -14.87 10.87 8.77
CA GLU A 42 -15.57 11.57 9.86
C GLU A 42 -15.83 10.68 11.10
N SER A 43 -16.04 9.39 10.87
CA SER A 43 -16.24 8.36 11.90
C SER A 43 -15.01 8.11 12.78
N ALA A 44 -13.80 8.37 12.26
CA ALA A 44 -12.49 8.03 12.82
C ALA A 44 -12.31 6.54 13.20
N SER A 45 -13.18 5.67 12.67
CA SER A 45 -13.17 4.20 12.81
C SER A 45 -12.03 3.53 12.01
N SER A 46 -10.84 4.13 12.02
CA SER A 46 -9.72 3.78 11.16
C SER A 46 -9.03 2.45 11.48
N GLU A 47 -9.41 1.74 12.55
CA GLU A 47 -8.96 0.37 12.78
C GLU A 47 -9.51 -0.61 11.72
N THR A 48 -10.79 -0.44 11.34
CA THR A 48 -11.42 -1.12 10.22
C THR A 48 -10.70 -0.78 8.90
N LEU A 49 -10.28 0.48 8.75
CA LEU A 49 -9.46 0.92 7.62
C LEU A 49 -8.05 0.31 7.69
N LYS A 50 -7.41 0.15 8.85
CA LYS A 50 -6.17 -0.60 9.04
C LYS A 50 -6.23 -2.02 8.49
N ASP A 51 -7.28 -2.78 8.83
CA ASP A 51 -7.42 -4.11 8.25
C ASP A 51 -7.83 -4.10 6.77
N SER A 52 -8.56 -3.07 6.30
CA SER A 52 -8.80 -2.87 4.85
C SER A 52 -7.52 -2.52 4.09
N ILE A 53 -6.65 -1.70 4.67
CA ILE A 53 -5.32 -1.32 4.20
C ILE A 53 -4.45 -2.57 4.06
N TYR A 54 -4.46 -3.45 5.07
CA TYR A 54 -3.83 -4.77 5.00
C TYR A 54 -4.41 -5.66 3.90
N GLN A 55 -5.73 -5.70 3.76
CA GLN A 55 -6.38 -6.54 2.76
C GLN A 55 -6.05 -6.06 1.34
N GLU A 56 -5.98 -4.74 1.11
CA GLU A 56 -5.54 -4.16 -0.15
C GLU A 56 -4.07 -4.48 -0.43
N MET A 57 -3.19 -4.36 0.58
CA MET A 57 -1.77 -4.77 0.49
C MET A 57 -1.64 -6.22 -0.01
N ASN A 58 -2.49 -7.09 0.54
CA ASN A 58 -2.56 -8.52 0.31
C ASN A 58 -3.31 -8.97 -0.96
N ALA A 59 -4.18 -8.15 -1.58
CA ALA A 59 -5.10 -8.61 -2.61
C ALA A 59 -5.45 -7.70 -3.80
N PHE A 60 -5.19 -6.39 -3.74
CA PHE A 60 -5.33 -5.50 -4.88
C PHE A 60 -4.64 -6.02 -6.15
N LYS A 61 -3.53 -6.73 -5.89
CA LYS A 61 -2.59 -7.42 -6.76
C LYS A 61 -2.37 -6.71 -8.10
N ASP A 62 -1.43 -5.78 -8.05
CA ASP A 62 -1.16 -4.81 -9.12
C ASP A 62 -1.01 -5.43 -10.53
N PRO A 63 -1.85 -5.02 -11.51
CA PRO A 63 -1.71 -5.40 -12.92
C PRO A 63 -0.29 -5.24 -13.50
N ASN A 64 0.37 -4.11 -13.22
CA ASN A 64 1.69 -3.78 -13.75
C ASN A 64 2.79 -4.69 -13.18
N SER A 65 2.73 -4.99 -11.88
CA SER A 65 3.62 -5.90 -11.14
C SER A 65 3.48 -7.35 -11.61
N GLY A 66 2.23 -7.82 -11.75
CA GLY A 66 1.87 -9.20 -12.07
C GLY A 66 1.49 -10.04 -10.86
N ASP A 67 1.98 -9.65 -9.69
CA ASP A 67 1.67 -10.20 -8.38
C ASP A 67 1.26 -9.07 -7.42
N SER A 68 1.93 -8.87 -6.28
CA SER A 68 1.47 -7.98 -5.22
C SER A 68 1.49 -6.48 -5.57
N ALA A 69 0.65 -5.70 -4.87
CA ALA A 69 0.43 -4.30 -5.16
C ALA A 69 1.69 -3.45 -4.93
N PHE A 70 2.28 -3.58 -3.73
CA PHE A 70 3.44 -2.83 -3.29
C PHE A 70 4.30 -3.58 -2.25
N VAL A 71 5.19 -4.53 -2.62
CA VAL A 71 6.17 -5.04 -1.67
C VAL A 71 7.59 -5.16 -2.23
N SER A 72 7.97 -6.31 -2.80
CA SER A 72 9.36 -6.74 -3.14
C SER A 72 10.20 -6.87 -1.84
N PHE A 73 10.25 -5.76 -1.10
CA PHE A 73 10.69 -5.41 0.26
C PHE A 73 10.43 -3.91 0.40
N GLU A 74 10.99 -3.19 -0.59
CA GLU A 74 11.14 -1.75 -0.67
C GLU A 74 9.91 -0.97 -1.13
N GLN A 75 9.09 -1.52 -2.02
CA GLN A 75 7.88 -0.87 -2.51
C GLN A 75 6.85 -0.70 -1.40
N GLN A 76 6.78 -1.66 -0.47
CA GLN A 76 6.00 -1.55 0.77
C GLN A 76 6.48 -0.35 1.57
N THR A 77 7.75 -0.32 1.88
CA THR A 77 8.43 0.72 2.66
C THR A 77 8.32 2.10 2.02
N ALA A 78 8.40 2.18 0.70
CA ALA A 78 8.14 3.41 -0.04
C ALA A 78 6.65 3.77 -0.07
N MET A 79 5.74 2.85 -0.39
CA MET A 79 4.30 3.10 -0.37
C MET A 79 3.86 3.57 1.01
N LEU A 80 4.49 3.08 2.07
CA LEU A 80 4.18 3.47 3.43
C LEU A 80 4.73 4.85 3.80
N GLN A 81 6.00 5.11 3.53
CA GLN A 81 6.56 6.46 3.70
C GLN A 81 5.80 7.50 2.84
N ASN A 82 5.44 7.12 1.61
CA ASN A 82 4.63 7.89 0.68
C ASN A 82 3.21 8.14 1.26
N MET A 83 2.59 7.08 1.79
CA MET A 83 1.26 7.15 2.37
C MET A 83 1.24 8.08 3.57
N LEU A 84 2.21 8.00 4.49
CA LEU A 84 2.34 8.92 5.61
C LEU A 84 2.65 10.36 5.20
N ALA A 85 3.41 10.55 4.11
CA ALA A 85 3.61 11.85 3.51
C ALA A 85 2.30 12.45 2.91
N LYS A 86 1.35 11.60 2.48
CA LYS A 86 0.07 12.04 1.90
C LYS A 86 -0.98 12.44 2.96
N VAL A 87 -1.27 11.55 3.92
CA VAL A 87 -2.25 11.74 5.00
C VAL A 87 -1.86 12.82 6.01
N GLU A 88 -2.85 13.33 6.72
CA GLU A 88 -2.71 14.24 7.86
C GLU A 88 -2.25 13.48 9.12
N PRO A 89 -1.04 13.76 9.67
CA PRO A 89 -0.56 13.28 10.97
C PRO A 89 -1.59 13.19 12.11
N GLY A 90 -2.48 14.19 12.22
CA GLY A 90 -3.51 14.30 13.26
C GLY A 90 -4.54 13.16 13.30
N THR A 91 -4.83 12.56 12.15
CA THR A 91 -5.87 11.54 11.99
C THR A 91 -5.54 10.17 12.58
N HIS A 92 -6.59 9.38 12.80
CA HIS A 92 -6.47 7.96 13.13
C HIS A 92 -6.07 7.15 11.88
N LEU A 93 -6.38 7.65 10.67
CA LEU A 93 -5.90 7.09 9.42
C LEU A 93 -4.37 7.03 9.39
N TYR A 94 -3.70 8.14 9.70
CA TYR A 94 -2.24 8.20 9.81
C TYR A 94 -1.71 7.05 10.71
N GLU A 95 -2.40 6.82 11.83
CA GLU A 95 -2.07 5.76 12.78
C GLU A 95 -2.32 4.35 12.19
N ALA A 96 -3.33 4.18 11.33
CA ALA A 96 -3.52 2.93 10.58
C ALA A 96 -2.31 2.66 9.69
N LEU A 97 -1.84 3.66 8.94
CA LEU A 97 -0.70 3.49 8.05
C LEU A 97 0.58 3.22 8.83
N ASN A 98 0.80 3.91 9.97
CA ASN A 98 1.91 3.62 10.87
C ASN A 98 1.84 2.18 11.39
N GLY A 99 0.65 1.73 11.77
CA GLY A 99 0.41 0.41 12.33
C GLY A 99 0.63 -0.69 11.29
N VAL A 100 0.15 -0.50 10.05
CA VAL A 100 0.43 -1.46 8.99
C VAL A 100 1.89 -1.44 8.54
N LEU A 101 2.57 -0.29 8.53
CA LEU A 101 4.01 -0.23 8.28
C LEU A 101 4.76 -1.09 9.31
N VAL A 102 4.46 -0.88 10.59
CA VAL A 102 5.07 -1.56 11.74
C VAL A 102 4.78 -3.06 11.73
N GLY A 103 3.52 -3.45 11.50
CA GLY A 103 3.08 -4.84 11.49
C GLY A 103 3.53 -5.61 10.24
N SER A 104 3.41 -4.99 9.06
CA SER A 104 3.94 -5.53 7.81
C SER A 104 5.46 -5.65 7.85
N MET A 105 6.19 -4.68 8.40
CA MET A 105 7.64 -4.78 8.62
C MET A 105 8.03 -5.93 9.57
N ASN A 106 7.28 -6.15 10.66
CA ASN A 106 7.51 -7.30 11.54
C ASN A 106 7.36 -8.64 10.78
N ALA A 107 6.32 -8.75 9.95
CA ALA A 107 6.06 -9.90 9.09
C ALA A 107 7.09 -10.07 7.95
N GLN A 108 7.64 -8.96 7.43
CA GLN A 108 8.62 -8.92 6.35
C GLN A 108 10.01 -9.37 6.82
N SER A 109 10.46 -8.85 7.97
CA SER A 109 11.71 -9.23 8.64
C SER A 109 11.68 -10.67 9.23
N GLN A 110 10.48 -11.24 9.42
CA GLN A 110 10.17 -12.64 9.74
C GLN A 110 11.05 -13.37 10.79
N MET A 111 11.42 -12.68 11.88
CA MET A 111 12.11 -13.26 13.04
C MET A 111 11.39 -14.47 13.64
N THR A 112 10.05 -14.50 13.54
CA THR A 112 9.15 -15.58 13.92
C THR A 112 9.46 -16.88 13.20
N SER A 113 9.36 -16.82 11.87
CA SER A 113 9.66 -17.91 10.93
C SER A 113 11.10 -18.39 11.03
N TRP A 114 12.02 -17.47 11.36
CA TRP A 114 13.45 -17.75 11.55
C TRP A 114 13.72 -18.79 12.64
N MET A 115 12.83 -18.93 13.63
CA MET A 115 12.88 -19.97 14.66
C MET A 115 12.78 -21.41 14.12
N GLN A 116 12.45 -21.60 12.83
CA GLN A 116 12.47 -22.87 12.11
C GLN A 116 13.50 -22.90 10.96
N GLU A 117 14.11 -21.76 10.61
CA GLU A 117 15.24 -21.68 9.68
C GLU A 117 16.55 -22.05 10.40
N ILE A 118 16.75 -21.55 11.62
CA ILE A 118 17.88 -21.78 12.52
C ILE A 118 18.20 -23.25 12.78
N ILE A 119 17.18 -24.10 12.68
CA ILE A 119 17.23 -25.57 12.79
C ILE A 119 18.25 -26.22 11.83
N LEU A 120 18.55 -25.59 10.69
CA LEU A 120 19.50 -26.06 9.68
C LEU A 120 20.39 -24.96 9.07
N SER A 121 19.93 -23.70 9.04
CA SER A 121 20.68 -22.57 8.47
C SER A 121 21.94 -22.22 9.27
N GLY A 122 22.97 -21.74 8.56
CA GLY A 122 24.21 -21.21 9.16
C GLY A 122 25.36 -21.00 8.18
N GLY A 123 25.42 -21.76 7.09
CA GLY A 123 26.42 -21.63 6.02
C GLY A 123 26.83 -22.98 5.42
N GLU A 124 27.02 -24.01 6.26
CA GLU A 124 27.35 -25.37 5.82
C GLU A 124 26.24 -25.97 4.94
N ASN A 125 24.98 -25.66 5.26
CA ASN A 125 23.81 -26.00 4.45
C ASN A 125 23.85 -25.38 3.04
N LYS A 126 24.30 -24.12 2.93
CA LYS A 126 24.48 -23.42 1.65
C LYS A 126 25.63 -24.01 0.82
N GLU A 127 26.75 -24.36 1.46
CA GLU A 127 27.84 -25.09 0.82
C GLU A 127 27.41 -26.47 0.28
N ALA A 128 26.58 -27.20 1.04
CA ALA A 128 26.12 -28.54 0.71
C ALA A 128 25.04 -28.61 -0.40
N ILE A 129 24.27 -27.53 -0.64
CA ILE A 129 23.08 -27.53 -1.49
C ILE A 129 23.27 -28.08 -2.91
N ASP A 130 24.17 -27.47 -3.68
CA ASP A 130 24.44 -27.75 -5.09
C ASP A 130 25.81 -27.23 -5.61
N TRP A 131 26.57 -26.49 -4.79
CA TRP A 131 27.83 -25.81 -5.18
C TRP A 131 28.94 -26.78 -5.60
N VAL A 4 -41.32 -15.14 -70.44
CA VAL A 4 -40.76 -14.02 -69.67
C VAL A 4 -39.46 -14.46 -68.98
N SER A 5 -38.52 -13.54 -68.79
CA SER A 5 -37.22 -13.79 -68.14
C SER A 5 -36.81 -12.62 -67.22
N LEU A 6 -36.00 -12.91 -66.20
CA LEU A 6 -35.61 -12.00 -65.12
C LEU A 6 -34.28 -12.43 -64.45
N SER A 7 -33.87 -11.73 -63.39
CA SER A 7 -32.70 -12.03 -62.56
C SER A 7 -33.01 -11.87 -61.06
N ALA A 8 -32.10 -12.33 -60.20
CA ALA A 8 -32.23 -12.27 -58.74
C ALA A 8 -30.88 -11.98 -58.04
N ARG A 9 -30.96 -11.50 -56.79
CA ARG A 9 -29.85 -11.00 -55.96
C ARG A 9 -30.01 -11.40 -54.48
N ALA A 10 -28.96 -11.22 -53.69
CA ALA A 10 -28.92 -11.51 -52.26
C ALA A 10 -28.06 -10.46 -51.50
N ALA A 11 -28.11 -10.49 -50.16
CA ALA A 11 -27.44 -9.56 -49.26
C ALA A 11 -27.00 -10.22 -47.95
N MET A 12 -26.25 -9.48 -47.11
CA MET A 12 -25.81 -9.89 -45.77
C MET A 12 -25.78 -8.69 -44.80
N LEU A 13 -25.87 -8.96 -43.50
CA LEU A 13 -25.91 -7.98 -42.41
C LEU A 13 -25.15 -8.48 -41.18
N ASN A 14 -24.77 -7.55 -40.29
CA ASN A 14 -24.09 -7.79 -39.01
C ASN A 14 -24.47 -6.69 -37.99
N ASN A 15 -24.25 -6.94 -36.70
CA ASN A 15 -24.49 -5.99 -35.61
C ASN A 15 -23.44 -6.17 -34.49
N MET A 16 -22.56 -5.18 -34.34
CA MET A 16 -21.51 -5.11 -33.31
C MET A 16 -21.09 -3.65 -33.05
N ASP A 17 -20.37 -3.41 -31.95
CA ASP A 17 -19.80 -2.11 -31.59
C ASP A 17 -18.51 -2.28 -30.76
N SER A 18 -17.46 -1.55 -31.14
CA SER A 18 -16.11 -1.62 -30.54
C SER A 18 -15.41 -0.25 -30.55
N ALA A 19 -14.51 -0.03 -29.59
CA ALA A 19 -13.65 1.16 -29.49
C ALA A 19 -12.33 0.82 -28.75
N PRO A 20 -11.22 1.56 -29.00
CA PRO A 20 -9.97 1.37 -28.27
C PRO A 20 -10.11 1.80 -26.80
N LEU A 21 -9.74 0.92 -25.87
CA LEU A 21 -9.81 1.15 -24.42
C LEU A 21 -8.76 0.30 -23.68
N SER A 22 -7.94 0.97 -22.87
CA SER A 22 -6.88 0.39 -22.03
C SER A 22 -6.68 1.21 -20.75
N ASN A 23 -6.04 0.62 -19.74
CA ASN A 23 -5.65 1.30 -18.50
C ASN A 23 -4.36 0.71 -17.89
N GLY A 24 -3.61 1.55 -17.18
CA GLY A 24 -2.43 1.20 -16.39
C GLY A 24 -1.62 2.43 -15.97
N GLY A 25 -0.81 2.30 -14.91
CA GLY A 25 0.09 3.35 -14.42
C GLY A 25 0.48 3.16 -12.95
N ASP A 26 1.59 3.77 -12.54
CA ASP A 26 1.98 3.88 -11.14
C ASP A 26 1.03 4.84 -10.41
N VAL A 27 0.67 5.92 -11.10
CA VAL A 27 -0.37 6.89 -10.75
C VAL A 27 -1.67 6.16 -10.44
N ASP A 28 -2.15 5.36 -11.40
CA ASP A 28 -3.42 4.67 -11.31
C ASP A 28 -3.48 3.78 -10.06
N LEU A 29 -2.44 2.96 -9.80
CA LEU A 29 -2.33 2.20 -8.55
C LEU A 29 -2.49 3.12 -7.33
N TYR A 30 -1.67 4.17 -7.24
CA TYR A 30 -1.62 5.02 -6.07
C TYR A 30 -2.94 5.71 -5.80
N ASP A 31 -3.43 6.52 -6.74
CA ASP A 31 -4.69 7.25 -6.57
C ASP A 31 -5.88 6.31 -6.31
N ALA A 32 -5.95 5.14 -6.96
CA ALA A 32 -6.97 4.14 -6.70
C ALA A 32 -6.89 3.60 -5.26
N PHE A 33 -5.69 3.16 -4.85
CA PHE A 33 -5.38 2.68 -3.51
C PHE A 33 -5.65 3.71 -2.42
N TYR A 34 -5.26 4.94 -2.71
CA TYR A 34 -5.49 6.10 -1.92
C TYR A 34 -6.99 6.32 -1.70
N GLN A 35 -7.82 6.10 -2.73
CA GLN A 35 -9.28 6.06 -2.59
C GLN A 35 -9.77 4.85 -1.78
N ARG A 36 -9.07 3.70 -1.81
CA ARG A 36 -9.32 2.56 -0.91
C ARG A 36 -9.10 2.91 0.56
N LEU A 37 -8.16 3.82 0.87
CA LEU A 37 -8.01 4.38 2.23
C LEU A 37 -9.26 5.15 2.66
N LEU A 38 -9.57 6.18 1.87
CA LEU A 38 -10.61 7.20 2.05
C LEU A 38 -12.08 6.69 2.00
N ALA A 39 -12.34 5.39 2.04
CA ALA A 39 -13.68 4.80 2.00
C ALA A 39 -14.53 5.12 3.26
N LEU A 40 -13.91 5.20 4.43
CA LEU A 40 -14.53 5.30 5.75
C LEU A 40 -13.86 6.13 6.88
N PRO A 41 -12.58 6.56 6.82
CA PRO A 41 -11.92 7.09 8.01
C PRO A 41 -12.52 8.30 8.74
N GLU A 42 -13.51 9.01 8.18
CA GLU A 42 -14.29 10.04 8.85
C GLU A 42 -14.89 9.57 10.20
N SER A 43 -15.22 8.28 10.31
CA SER A 43 -15.70 7.60 11.51
C SER A 43 -14.62 7.32 12.58
N ALA A 44 -13.36 7.70 12.30
CA ALA A 44 -12.15 7.49 13.12
C ALA A 44 -11.87 6.01 13.48
N SER A 45 -12.40 5.10 12.66
CA SER A 45 -12.21 3.65 12.75
C SER A 45 -10.73 3.27 12.91
N SER A 46 -10.44 2.32 13.81
CA SER A 46 -9.09 1.98 14.25
C SER A 46 -8.61 0.64 13.66
N GLU A 47 -9.05 -0.47 14.25
CA GLU A 47 -8.65 -1.82 13.87
C GLU A 47 -9.26 -2.23 12.52
N THR A 48 -10.52 -1.86 12.29
CA THR A 48 -11.25 -2.04 11.03
C THR A 48 -10.57 -1.32 9.87
N LEU A 49 -10.03 -0.12 10.09
CA LEU A 49 -9.29 0.63 9.07
C LEU A 49 -7.93 0.00 8.79
N LYS A 50 -7.13 -0.34 9.81
CA LYS A 50 -5.88 -1.07 9.71
C LYS A 50 -6.02 -2.38 8.94
N ASP A 51 -7.05 -3.19 9.21
CA ASP A 51 -7.31 -4.40 8.43
C ASP A 51 -7.89 -4.11 7.03
N SER A 52 -8.74 -3.10 6.83
CA SER A 52 -9.14 -2.68 5.47
C SER A 52 -7.91 -2.32 4.62
N ILE A 53 -6.97 -1.58 5.21
CA ILE A 53 -5.67 -1.24 4.64
C ILE A 53 -4.88 -2.52 4.32
N TYR A 54 -4.77 -3.46 5.27
CA TYR A 54 -4.09 -4.74 5.08
C TYR A 54 -4.69 -5.56 3.93
N GLN A 55 -6.01 -5.70 3.90
CA GLN A 55 -6.71 -6.49 2.90
C GLN A 55 -6.55 -5.89 1.50
N GLU A 56 -6.64 -4.57 1.37
CA GLU A 56 -6.47 -3.89 0.09
C GLU A 56 -5.00 -3.94 -0.40
N MET A 57 -4.04 -3.73 0.50
CA MET A 57 -2.60 -3.95 0.26
C MET A 57 -2.29 -5.36 -0.26
N ASN A 58 -3.01 -6.36 0.26
CA ASN A 58 -2.92 -7.76 -0.12
C ASN A 58 -3.69 -8.15 -1.40
N ALA A 59 -4.65 -7.35 -1.89
CA ALA A 59 -5.59 -7.74 -2.93
C ALA A 59 -5.85 -6.81 -4.13
N PHE A 60 -5.45 -5.54 -4.08
CA PHE A 60 -5.45 -4.64 -5.22
C PHE A 60 -4.89 -5.27 -6.51
N LYS A 61 -3.87 -6.11 -6.28
CA LYS A 61 -3.01 -6.86 -7.15
C LYS A 61 -2.65 -6.13 -8.44
N ASP A 62 -1.54 -5.38 -8.35
CA ASP A 62 -1.09 -4.42 -9.36
C ASP A 62 -1.07 -5.00 -10.79
N PRO A 63 -1.71 -4.36 -11.79
CA PRO A 63 -1.72 -4.77 -13.20
C PRO A 63 -0.34 -5.11 -13.80
N ASN A 64 0.65 -4.24 -13.59
CA ASN A 64 2.00 -4.39 -14.16
C ASN A 64 2.79 -5.55 -13.52
N SER A 65 2.74 -5.67 -12.19
CA SER A 65 3.41 -6.73 -11.42
C SER A 65 2.76 -8.10 -11.60
N GLY A 66 1.43 -8.16 -11.40
CA GLY A 66 0.59 -9.35 -11.40
C GLY A 66 0.55 -10.08 -10.05
N ASP A 67 1.64 -9.97 -9.30
CA ASP A 67 1.93 -10.73 -8.09
C ASP A 67 1.27 -10.13 -6.83
N SER A 68 1.39 -8.81 -6.64
CA SER A 68 0.81 -7.99 -5.58
C SER A 68 0.92 -6.50 -5.86
N ALA A 69 0.31 -5.68 -5.00
CA ALA A 69 0.32 -4.23 -5.08
C ALA A 69 1.71 -3.61 -4.84
N PHE A 70 2.63 -4.38 -4.24
CA PHE A 70 4.00 -3.99 -3.94
C PHE A 70 5.00 -5.11 -4.32
N VAL A 71 6.10 -4.74 -4.97
CA VAL A 71 7.18 -5.60 -5.48
C VAL A 71 7.89 -6.39 -4.38
N SER A 72 8.17 -5.71 -3.27
CA SER A 72 8.97 -6.19 -2.13
C SER A 72 8.96 -5.11 -1.03
N PHE A 73 9.87 -5.21 -0.05
CA PHE A 73 10.13 -4.15 0.92
C PHE A 73 10.31 -2.81 0.23
N GLU A 74 10.99 -2.77 -0.93
CA GLU A 74 11.36 -1.54 -1.63
C GLU A 74 10.12 -0.69 -1.95
N GLN A 75 9.17 -1.33 -2.66
CA GLN A 75 7.91 -0.70 -3.02
C GLN A 75 7.01 -0.50 -1.80
N GLN A 76 6.94 -1.46 -0.88
CA GLN A 76 6.10 -1.40 0.30
C GLN A 76 6.48 -0.23 1.21
N THR A 77 7.77 -0.04 1.47
CA THR A 77 8.28 1.07 2.28
C THR A 77 8.15 2.38 1.54
N ALA A 78 8.43 2.45 0.23
CA ALA A 78 8.15 3.66 -0.54
C ALA A 78 6.67 4.01 -0.55
N MET A 79 5.76 3.04 -0.73
CA MET A 79 4.31 3.19 -0.57
C MET A 79 4.00 3.85 0.75
N LEU A 80 4.49 3.25 1.81
CA LEU A 80 4.10 3.57 3.17
C LEU A 80 4.66 4.92 3.60
N GLN A 81 5.90 5.22 3.23
CA GLN A 81 6.48 6.57 3.37
C GLN A 81 5.71 7.60 2.51
N ASN A 82 5.38 7.26 1.27
CA ASN A 82 4.60 8.09 0.34
C ASN A 82 3.18 8.38 0.89
N MET A 83 2.56 7.37 1.50
CA MET A 83 1.25 7.47 2.14
C MET A 83 1.34 8.46 3.29
N LEU A 84 2.26 8.28 4.25
CA LEU A 84 2.38 9.22 5.36
C LEU A 84 2.75 10.64 4.93
N ALA A 85 3.46 10.78 3.81
CA ALA A 85 3.69 12.07 3.16
C ALA A 85 2.40 12.69 2.56
N LYS A 86 1.43 11.87 2.09
CA LYS A 86 0.15 12.31 1.54
C LYS A 86 -0.90 12.63 2.60
N VAL A 87 -1.28 11.67 3.45
CA VAL A 87 -2.26 11.82 4.52
C VAL A 87 -1.78 12.74 5.65
N GLU A 88 -2.72 13.52 6.20
CA GLU A 88 -2.55 14.38 7.35
C GLU A 88 -2.24 13.58 8.63
N PRO A 89 -1.12 13.85 9.32
CA PRO A 89 -0.79 13.33 10.66
C PRO A 89 -1.95 13.27 11.67
N GLY A 90 -2.78 14.32 11.70
CA GLY A 90 -3.91 14.50 12.63
C GLY A 90 -5.15 13.65 12.34
N THR A 91 -4.98 12.39 11.97
CA THR A 91 -6.02 11.39 11.73
C THR A 91 -5.66 10.01 12.26
N HIS A 92 -6.68 9.18 12.47
CA HIS A 92 -6.49 7.76 12.73
C HIS A 92 -6.01 7.02 11.48
N LEU A 93 -6.32 7.54 10.29
CA LEU A 93 -5.81 7.03 9.03
C LEU A 93 -4.28 6.99 9.03
N TYR A 94 -3.64 8.13 9.33
CA TYR A 94 -2.19 8.23 9.45
C TYR A 94 -1.62 7.13 10.38
N GLU A 95 -2.28 6.96 11.53
CA GLU A 95 -1.92 5.96 12.54
C GLU A 95 -2.07 4.52 12.00
N ALA A 96 -3.08 4.26 11.14
CA ALA A 96 -3.29 2.96 10.55
C ALA A 96 -2.21 2.63 9.51
N LEU A 97 -1.79 3.60 8.68
CA LEU A 97 -0.68 3.43 7.74
C LEU A 97 0.63 3.14 8.47
N ASN A 98 0.92 3.90 9.53
CA ASN A 98 2.07 3.66 10.40
C ASN A 98 2.00 2.25 11.03
N GLY A 99 0.81 1.87 11.49
CA GLY A 99 0.57 0.61 12.19
C GLY A 99 0.67 -0.61 11.28
N VAL A 100 0.20 -0.54 10.02
CA VAL A 100 0.44 -1.60 9.06
C VAL A 100 1.88 -1.64 8.57
N LEU A 101 2.58 -0.52 8.43
CA LEU A 101 4.01 -0.52 8.09
C LEU A 101 4.78 -1.29 9.17
N VAL A 102 4.54 -0.94 10.44
CA VAL A 102 5.12 -1.52 11.65
C VAL A 102 4.74 -3.00 11.82
N GLY A 103 3.47 -3.34 11.60
CA GLY A 103 2.94 -4.70 11.81
C GLY A 103 3.26 -5.66 10.66
N SER A 104 3.17 -5.20 9.42
CA SER A 104 3.64 -5.94 8.23
C SER A 104 5.16 -6.17 8.29
N MET A 105 5.93 -5.16 8.74
CA MET A 105 7.36 -5.33 9.04
C MET A 105 7.61 -6.39 10.14
N ASN A 106 6.85 -6.35 11.24
CA ASN A 106 6.97 -7.33 12.33
C ASN A 106 6.64 -8.76 11.86
N ALA A 107 5.69 -8.90 10.93
CA ALA A 107 5.38 -10.17 10.27
C ALA A 107 6.54 -10.66 9.38
N GLN A 108 7.23 -9.75 8.67
CA GLN A 108 8.43 -10.05 7.90
C GLN A 108 9.65 -10.41 8.77
N SER A 109 9.78 -9.81 9.95
CA SER A 109 10.84 -10.05 10.95
C SER A 109 10.97 -11.51 11.44
N GLN A 110 9.94 -12.36 11.24
CA GLN A 110 9.83 -13.73 11.75
C GLN A 110 11.02 -14.68 11.50
N MET A 111 11.98 -14.33 10.64
CA MET A 111 13.25 -15.04 10.44
C MET A 111 13.97 -15.40 11.76
N THR A 112 13.77 -14.61 12.82
CA THR A 112 14.17 -14.88 14.20
C THR A 112 13.59 -16.19 14.74
N SER A 113 12.27 -16.25 14.75
CA SER A 113 11.43 -17.37 15.17
C SER A 113 11.69 -18.64 14.36
N TRP A 114 12.03 -18.49 13.06
CA TRP A 114 12.36 -19.59 12.16
C TRP A 114 13.62 -20.38 12.57
N MET A 115 14.50 -19.78 13.39
CA MET A 115 15.70 -20.44 13.92
C MET A 115 15.39 -21.68 14.80
N GLN A 116 14.18 -21.80 15.34
CA GLN A 116 13.73 -22.91 16.20
C GLN A 116 13.74 -24.32 15.58
N GLU A 117 14.28 -24.48 14.36
CA GLU A 117 14.49 -25.75 13.67
C GLU A 117 15.97 -25.97 13.35
N ILE A 118 16.68 -24.97 12.79
CA ILE A 118 18.12 -24.97 12.57
C ILE A 118 18.92 -25.14 13.87
N ILE A 119 18.40 -24.62 14.99
CA ILE A 119 18.92 -24.78 16.35
C ILE A 119 19.06 -26.25 16.81
N LEU A 120 18.30 -27.19 16.22
CA LEU A 120 18.38 -28.62 16.53
C LEU A 120 19.72 -29.27 16.10
N SER A 121 20.41 -28.72 15.09
CA SER A 121 21.75 -29.12 14.68
C SER A 121 22.83 -28.77 15.72
N GLY A 122 24.02 -29.39 15.63
CA GLY A 122 25.12 -29.13 16.57
C GLY A 122 26.48 -29.70 16.13
N GLY A 123 27.51 -29.40 16.94
CA GLY A 123 28.90 -29.82 16.73
C GLY A 123 29.93 -28.96 17.48
N GLU A 124 29.61 -27.69 17.73
CA GLU A 124 30.45 -26.72 18.45
C GLU A 124 30.62 -27.02 19.95
N ASN A 125 29.79 -27.92 20.49
CA ASN A 125 29.76 -28.33 21.90
C ASN A 125 31.06 -29.01 22.42
N LYS A 126 31.95 -29.44 21.51
CA LYS A 126 33.26 -30.05 21.81
C LYS A 126 34.18 -29.17 22.68
N GLU A 127 35.15 -29.80 23.33
CA GLU A 127 36.22 -29.13 24.10
C GLU A 127 37.04 -28.12 23.27
N ALA A 128 37.72 -27.19 23.96
CA ALA A 128 38.53 -26.13 23.38
C ALA A 128 39.70 -25.70 24.29
N ILE A 129 40.63 -24.91 23.74
CA ILE A 129 41.85 -24.39 24.35
C ILE A 129 41.54 -23.58 25.61
N ASP A 130 40.90 -22.43 25.40
CA ASP A 130 40.38 -21.48 26.39
C ASP A 130 41.38 -21.04 27.50
N TRP A 131 42.69 -21.06 27.21
CA TRP A 131 43.78 -20.59 28.08
C TRP A 131 43.69 -19.08 28.38
N VAL A 4 24.17 54.94 -50.86
CA VAL A 4 24.39 53.60 -50.29
C VAL A 4 23.31 53.31 -49.23
N SER A 5 23.17 52.04 -48.82
CA SER A 5 22.20 51.61 -47.79
C SER A 5 22.68 50.39 -46.99
N LEU A 6 22.09 50.20 -45.81
CA LEU A 6 22.39 49.13 -44.85
C LEU A 6 21.12 48.76 -44.03
N SER A 7 19.97 48.72 -44.71
CA SER A 7 18.64 48.52 -44.11
C SER A 7 18.55 47.21 -43.29
N ALA A 8 17.90 47.29 -42.13
CA ALA A 8 17.70 46.19 -41.19
C ALA A 8 16.43 46.40 -40.33
N ARG A 9 15.98 45.33 -39.65
CA ARG A 9 14.82 45.33 -38.72
C ARG A 9 14.96 44.27 -37.62
N ALA A 10 13.94 44.17 -36.78
CA ALA A 10 13.77 43.14 -35.74
C ALA A 10 12.36 42.53 -35.78
N ALA A 11 12.13 41.46 -35.01
CA ALA A 11 10.84 40.77 -34.86
C ALA A 11 10.73 40.08 -33.49
N MET A 12 9.50 39.76 -33.08
CA MET A 12 9.18 39.05 -31.83
C MET A 12 7.84 38.30 -31.96
N LEU A 13 7.74 37.14 -31.29
CA LEU A 13 6.53 36.32 -31.19
C LEU A 13 6.54 35.51 -29.89
N ASN A 14 5.38 35.37 -29.24
CA ASN A 14 5.17 34.54 -28.05
C ASN A 14 3.71 34.02 -27.99
N ASN A 15 3.50 32.91 -27.27
CA ASN A 15 2.19 32.31 -27.00
C ASN A 15 2.22 31.56 -25.64
N MET A 16 1.05 31.16 -25.12
CA MET A 16 0.94 30.29 -23.95
C MET A 16 1.66 28.94 -24.18
N ASP A 17 2.34 28.45 -23.15
CA ASP A 17 3.17 27.24 -23.17
C ASP A 17 3.25 26.57 -21.79
N SER A 18 3.46 25.25 -21.76
CA SER A 18 3.51 24.44 -20.53
C SER A 18 4.39 23.18 -20.69
N ALA A 19 4.82 22.61 -19.56
CA ALA A 19 5.58 21.35 -19.53
C ALA A 19 4.77 20.15 -20.07
N PRO A 20 5.42 19.12 -20.65
CA PRO A 20 4.75 17.91 -21.13
C PRO A 20 4.22 17.03 -19.98
N LEU A 21 3.35 16.08 -20.31
CA LEU A 21 2.70 15.16 -19.37
C LEU A 21 2.52 13.77 -20.00
N SER A 22 2.74 12.71 -19.21
CA SER A 22 2.61 11.30 -19.60
C SER A 22 2.24 10.43 -18.39
N ASN A 23 1.81 9.19 -18.64
CA ASN A 23 1.40 8.20 -17.65
C ASN A 23 1.60 6.76 -18.18
N GLY A 24 1.78 5.80 -17.26
CA GLY A 24 1.89 4.36 -17.53
C GLY A 24 1.15 3.46 -16.51
N GLY A 25 0.38 4.06 -15.59
CA GLY A 25 -0.50 3.36 -14.64
C GLY A 25 0.00 3.32 -13.19
N ASP A 26 1.16 3.91 -12.88
CA ASP A 26 1.63 4.05 -11.50
C ASP A 26 0.70 5.01 -10.73
N VAL A 27 0.31 6.08 -11.41
CA VAL A 27 -0.73 7.03 -11.02
C VAL A 27 -2.01 6.31 -10.64
N ASP A 28 -2.53 5.54 -11.60
CA ASP A 28 -3.78 4.80 -11.47
C ASP A 28 -3.75 3.91 -10.22
N LEU A 29 -2.69 3.14 -10.00
CA LEU A 29 -2.52 2.33 -8.80
C LEU A 29 -2.60 3.20 -7.54
N TYR A 30 -1.74 4.21 -7.41
CA TYR A 30 -1.60 5.00 -6.19
C TYR A 30 -2.90 5.71 -5.84
N ASP A 31 -3.45 6.51 -6.74
CA ASP A 31 -4.70 7.25 -6.52
C ASP A 31 -5.91 6.33 -6.28
N ALA A 32 -6.03 5.21 -6.99
CA ALA A 32 -7.07 4.23 -6.73
C ALA A 32 -6.96 3.62 -5.32
N PHE A 33 -5.76 3.19 -4.97
CA PHE A 33 -5.40 2.69 -3.65
C PHE A 33 -5.63 3.71 -2.54
N TYR A 34 -5.27 4.95 -2.83
CA TYR A 34 -5.49 6.09 -1.99
C TYR A 34 -7.00 6.27 -1.70
N GLN A 35 -7.85 6.07 -2.71
CA GLN A 35 -9.30 5.98 -2.52
C GLN A 35 -9.72 4.73 -1.71
N ARG A 36 -8.98 3.61 -1.80
CA ARG A 36 -9.15 2.44 -0.93
C ARG A 36 -8.82 2.70 0.54
N LEU A 37 -7.95 3.67 0.86
CA LEU A 37 -7.75 4.14 2.24
C LEU A 37 -9.05 4.76 2.77
N LEU A 38 -9.50 5.79 2.04
CA LEU A 38 -10.70 6.61 2.19
C LEU A 38 -12.04 5.83 2.08
N ALA A 39 -12.00 4.50 1.95
CA ALA A 39 -13.14 3.59 1.99
C ALA A 39 -13.96 3.63 3.30
N LEU A 40 -13.31 4.04 4.40
CA LEU A 40 -13.92 4.30 5.71
C LEU A 40 -13.63 5.72 6.18
N PRO A 41 -14.65 6.47 6.62
CA PRO A 41 -14.38 7.82 7.09
C PRO A 41 -15.28 8.33 8.23
N GLU A 42 -16.06 7.46 8.88
CA GLU A 42 -17.12 7.82 9.84
C GLU A 42 -16.68 8.76 10.98
N SER A 43 -15.49 8.54 11.56
CA SER A 43 -14.83 9.45 12.48
C SER A 43 -13.33 9.17 12.59
N ALA A 44 -12.95 8.00 13.14
CA ALA A 44 -11.58 7.63 13.50
C ALA A 44 -11.42 6.11 13.78
N SER A 45 -12.20 5.29 13.10
CA SER A 45 -12.15 3.81 13.13
C SER A 45 -10.70 3.29 13.06
N SER A 46 -10.32 2.35 13.93
CA SER A 46 -8.94 1.93 14.13
C SER A 46 -8.58 0.59 13.48
N GLU A 47 -8.96 -0.51 14.11
CA GLU A 47 -8.53 -1.85 13.72
C GLU A 47 -9.15 -2.28 12.39
N THR A 48 -10.43 -1.94 12.20
CA THR A 48 -11.18 -2.11 10.96
C THR A 48 -10.54 -1.37 9.79
N LEU A 49 -10.04 -0.15 10.02
CA LEU A 49 -9.35 0.65 9.01
C LEU A 49 -7.96 0.06 8.68
N LYS A 50 -7.16 -0.30 9.68
CA LYS A 50 -5.87 -0.98 9.51
C LYS A 50 -6.00 -2.31 8.76
N ASP A 51 -7.00 -3.13 9.04
CA ASP A 51 -7.26 -4.36 8.27
C ASP A 51 -7.85 -4.11 6.88
N SER A 52 -8.65 -3.06 6.68
CA SER A 52 -9.06 -2.64 5.33
C SER A 52 -7.83 -2.21 4.52
N ILE A 53 -6.92 -1.45 5.12
CA ILE A 53 -5.64 -1.05 4.56
C ILE A 53 -4.78 -2.28 4.22
N TYR A 54 -4.69 -3.25 5.13
CA TYR A 54 -3.95 -4.50 4.93
C TYR A 54 -4.51 -5.32 3.76
N GLN A 55 -5.82 -5.47 3.70
CA GLN A 55 -6.48 -6.23 2.65
C GLN A 55 -6.27 -5.56 1.28
N GLU A 56 -6.44 -4.25 1.21
CA GLU A 56 -6.26 -3.47 -0.01
C GLU A 56 -4.78 -3.42 -0.44
N MET A 57 -3.83 -3.41 0.51
CA MET A 57 -2.40 -3.59 0.26
C MET A 57 -2.14 -4.91 -0.49
N ASN A 58 -2.67 -6.00 0.08
CA ASN A 58 -2.45 -7.38 -0.35
C ASN A 58 -3.28 -7.90 -1.55
N ALA A 59 -4.40 -7.27 -1.93
CA ALA A 59 -5.36 -7.83 -2.88
C ALA A 59 -5.68 -7.04 -4.15
N PHE A 60 -5.38 -5.75 -4.20
CA PHE A 60 -5.44 -4.94 -5.41
C PHE A 60 -4.76 -5.59 -6.63
N LYS A 61 -3.64 -6.26 -6.31
CA LYS A 61 -2.62 -6.94 -7.08
C LYS A 61 -2.15 -6.19 -8.32
N ASP A 62 -0.91 -5.70 -8.24
CA ASP A 62 -0.27 -4.91 -9.30
C ASP A 62 -0.33 -5.59 -10.70
N PRO A 63 -0.75 -4.85 -11.75
CA PRO A 63 -0.92 -5.35 -13.12
C PRO A 63 0.31 -6.06 -13.72
N ASN A 64 1.49 -5.46 -13.61
CA ASN A 64 2.75 -5.97 -14.14
C ASN A 64 3.26 -7.21 -13.40
N SER A 65 3.34 -7.12 -12.06
CA SER A 65 4.01 -8.12 -11.22
C SER A 65 3.12 -9.27 -10.72
N GLY A 66 1.85 -8.99 -10.40
CA GLY A 66 0.82 -9.96 -10.02
C GLY A 66 0.87 -10.42 -8.56
N ASP A 67 2.07 -10.33 -7.99
CA ASP A 67 2.44 -10.83 -6.66
C ASP A 67 1.64 -10.15 -5.53
N SER A 68 1.65 -8.81 -5.52
CA SER A 68 0.86 -7.91 -4.70
C SER A 68 0.86 -6.51 -5.31
N ALA A 69 0.21 -5.53 -4.67
CA ALA A 69 0.21 -4.15 -5.14
C ALA A 69 1.60 -3.49 -4.94
N PHE A 70 2.13 -3.60 -3.73
CA PHE A 70 3.31 -2.88 -3.27
C PHE A 70 4.10 -3.62 -2.16
N VAL A 71 4.93 -4.63 -2.47
CA VAL A 71 5.88 -5.13 -1.51
C VAL A 71 7.30 -5.23 -2.06
N SER A 72 7.73 -6.40 -2.56
CA SER A 72 9.13 -6.77 -2.88
C SER A 72 10.13 -6.70 -1.67
N PHE A 73 9.79 -5.85 -0.71
CA PHE A 73 10.36 -5.26 0.53
C PHE A 73 10.25 -3.74 0.36
N GLU A 74 10.72 -3.29 -0.80
CA GLU A 74 10.97 -1.91 -1.15
C GLU A 74 9.74 -1.09 -1.55
N GLN A 75 8.85 -1.66 -2.37
CA GLN A 75 7.58 -1.01 -2.71
C GLN A 75 6.74 -0.78 -1.46
N GLN A 76 6.73 -1.72 -0.51
CA GLN A 76 6.04 -1.56 0.77
C GLN A 76 6.57 -0.34 1.51
N THR A 77 7.87 -0.24 1.63
CA THR A 77 8.54 0.82 2.39
C THR A 77 8.38 2.17 1.71
N ALA A 78 8.48 2.24 0.39
CA ALA A 78 8.15 3.45 -0.36
C ALA A 78 6.66 3.79 -0.32
N MET A 79 5.75 2.83 -0.52
CA MET A 79 4.30 3.05 -0.48
C MET A 79 3.89 3.55 0.89
N LEU A 80 4.53 3.08 1.96
CA LEU A 80 4.23 3.49 3.32
C LEU A 80 4.75 4.89 3.62
N GLN A 81 6.01 5.17 3.30
CA GLN A 81 6.55 6.54 3.40
C GLN A 81 5.75 7.53 2.52
N ASN A 82 5.37 7.11 1.31
CA ASN A 82 4.52 7.86 0.39
C ASN A 82 3.12 8.09 0.99
N MET A 83 2.51 7.04 1.55
CA MET A 83 1.18 7.07 2.13
C MET A 83 1.13 8.04 3.29
N LEU A 84 2.10 7.98 4.21
CA LEU A 84 2.25 8.92 5.32
C LEU A 84 2.54 10.36 4.87
N ALA A 85 3.28 10.54 3.78
CA ALA A 85 3.50 11.85 3.18
C ALA A 85 2.21 12.44 2.58
N LYS A 86 1.26 11.61 2.10
CA LYS A 86 0.00 12.05 1.50
C LYS A 86 -1.08 12.44 2.53
N VAL A 87 -1.36 11.57 3.50
CA VAL A 87 -2.32 11.79 4.60
C VAL A 87 -1.91 12.93 5.54
N GLU A 88 -2.89 13.49 6.24
CA GLU A 88 -2.70 14.46 7.30
C GLU A 88 -2.31 13.75 8.62
N PRO A 89 -1.12 14.00 9.19
CA PRO A 89 -0.71 13.56 10.54
C PRO A 89 -1.79 13.59 11.63
N GLY A 90 -2.62 14.64 11.64
CA GLY A 90 -3.72 14.84 12.59
C GLY A 90 -4.74 13.71 12.68
N THR A 91 -5.01 13.03 11.57
CA THR A 91 -5.99 11.94 11.47
C THR A 91 -5.56 10.64 12.14
N HIS A 92 -6.54 9.77 12.39
CA HIS A 92 -6.30 8.40 12.80
C HIS A 92 -5.93 7.51 11.59
N LEU A 93 -6.28 7.92 10.37
CA LEU A 93 -5.80 7.28 9.14
C LEU A 93 -4.28 7.20 9.14
N TYR A 94 -3.61 8.32 9.41
CA TYR A 94 -2.15 8.39 9.55
C TYR A 94 -1.63 7.29 10.51
N GLU A 95 -2.32 7.13 11.64
CA GLU A 95 -2.00 6.13 12.66
C GLU A 95 -2.23 4.69 12.15
N ALA A 96 -3.25 4.45 11.32
CA ALA A 96 -3.48 3.15 10.71
C ALA A 96 -2.33 2.79 9.76
N LEU A 97 -1.85 3.75 8.94
CA LEU A 97 -0.72 3.54 8.05
C LEU A 97 0.55 3.23 8.84
N ASN A 98 0.80 3.95 9.95
CA ASN A 98 1.93 3.65 10.83
C ASN A 98 1.80 2.24 11.43
N GLY A 99 0.59 1.86 11.86
CA GLY A 99 0.34 0.57 12.49
C GLY A 99 0.50 -0.59 11.52
N VAL A 100 0.00 -0.46 10.27
CA VAL A 100 0.24 -1.46 9.25
C VAL A 100 1.69 -1.50 8.78
N LEU A 101 2.40 -0.37 8.72
CA LEU A 101 3.84 -0.35 8.43
C LEU A 101 4.60 -1.18 9.47
N VAL A 102 4.33 -0.91 10.75
CA VAL A 102 4.95 -1.54 11.91
C VAL A 102 4.65 -3.04 11.96
N GLY A 103 3.40 -3.44 11.70
CA GLY A 103 2.98 -4.85 11.71
C GLY A 103 3.40 -5.62 10.45
N SER A 104 3.31 -5.00 9.27
CA SER A 104 3.84 -5.53 8.00
C SER A 104 5.38 -5.73 8.09
N MET A 105 6.11 -4.78 8.68
CA MET A 105 7.54 -4.92 8.96
C MET A 105 7.86 -6.01 10.00
N ASN A 106 7.04 -6.17 11.05
CA ASN A 106 7.21 -7.28 12.00
C ASN A 106 6.98 -8.65 11.31
N ALA A 107 5.99 -8.74 10.43
CA ALA A 107 5.68 -9.93 9.65
C ALA A 107 6.77 -10.27 8.61
N GLN A 108 7.42 -9.24 8.03
CA GLN A 108 8.61 -9.40 7.19
C GLN A 108 9.80 -9.93 8.01
N SER A 109 10.01 -9.38 9.21
CA SER A 109 11.08 -9.77 10.13
C SER A 109 10.92 -11.20 10.69
N GLN A 110 9.68 -11.65 10.95
CA GLN A 110 9.35 -12.97 11.46
C GLN A 110 7.93 -13.44 11.04
N MET A 111 7.83 -14.67 10.53
CA MET A 111 6.60 -15.29 10.00
C MET A 111 5.49 -15.57 11.05
N THR A 112 5.73 -15.29 12.33
CA THR A 112 4.77 -15.42 13.44
C THR A 112 3.48 -14.67 13.17
N SER A 113 3.63 -13.37 12.95
CA SER A 113 2.54 -12.42 12.65
C SER A 113 1.74 -12.84 11.41
N TRP A 114 2.40 -13.46 10.45
CA TRP A 114 1.80 -14.05 9.25
C TRP A 114 0.96 -15.30 9.58
N MET A 115 1.55 -16.28 10.26
CA MET A 115 0.90 -17.51 10.68
C MET A 115 -0.31 -17.29 11.59
N GLN A 116 -0.20 -16.35 12.53
CA GLN A 116 -1.26 -15.90 13.43
C GLN A 116 -2.43 -15.16 12.74
N GLU A 117 -2.39 -15.01 11.42
CA GLU A 117 -3.40 -14.32 10.61
C GLU A 117 -3.94 -15.21 9.48
N ILE A 118 -3.09 -15.98 8.78
CA ILE A 118 -3.47 -16.96 7.77
C ILE A 118 -4.41 -18.06 8.30
N ILE A 119 -4.29 -18.36 9.59
CA ILE A 119 -5.16 -19.27 10.35
C ILE A 119 -6.64 -18.82 10.43
N LEU A 120 -6.93 -17.51 10.33
CA LEU A 120 -8.28 -16.96 10.50
C LEU A 120 -9.29 -17.50 9.50
N SER A 121 -10.48 -17.82 10.00
CA SER A 121 -11.57 -18.49 9.25
C SER A 121 -12.26 -17.58 8.23
N GLY A 122 -12.50 -16.31 8.59
CA GLY A 122 -13.18 -15.31 7.76
C GLY A 122 -14.14 -14.41 8.53
N GLY A 123 -14.80 -13.50 7.80
CA GLY A 123 -15.80 -12.55 8.33
C GLY A 123 -17.12 -13.18 8.81
N GLU A 124 -17.34 -14.47 8.56
CA GLU A 124 -18.51 -15.25 9.01
C GLU A 124 -18.65 -15.29 10.55
N ASN A 125 -17.58 -14.96 11.27
CA ASN A 125 -17.55 -14.78 12.72
C ASN A 125 -18.47 -13.64 13.25
N LYS A 126 -18.87 -12.68 12.41
CA LYS A 126 -19.74 -11.55 12.78
C LYS A 126 -21.10 -11.99 13.33
N GLU A 127 -21.53 -11.35 14.42
CA GLU A 127 -22.85 -11.50 15.03
C GLU A 127 -24.00 -11.09 14.10
N ALA A 128 -23.76 -10.10 13.22
CA ALA A 128 -24.66 -9.50 12.24
C ALA A 128 -25.02 -10.41 11.04
N ILE A 129 -25.30 -11.69 11.29
CA ILE A 129 -25.64 -12.74 10.33
C ILE A 129 -26.86 -12.45 9.44
N ASP A 130 -27.06 -13.33 8.47
CA ASP A 130 -28.11 -13.31 7.44
C ASP A 130 -28.56 -14.74 7.05
N TRP A 131 -29.79 -14.88 6.56
CA TRP A 131 -30.45 -16.16 6.24
C TRP A 131 -31.43 -16.05 5.05
N VAL A 4 -22.32 24.10 -79.58
CA VAL A 4 -21.26 24.51 -78.62
C VAL A 4 -21.58 24.06 -77.19
N SER A 5 -20.56 24.03 -76.33
CA SER A 5 -20.67 23.75 -74.89
C SER A 5 -19.52 24.44 -74.12
N LEU A 6 -19.65 24.54 -72.79
CA LEU A 6 -18.68 25.16 -71.88
C LEU A 6 -18.73 24.51 -70.49
N SER A 7 -17.56 24.31 -69.88
CA SER A 7 -17.39 23.75 -68.52
C SER A 7 -16.07 24.22 -67.90
N ALA A 8 -15.84 23.88 -66.62
CA ALA A 8 -14.67 24.26 -65.82
C ALA A 8 -14.34 23.17 -64.77
N ARG A 9 -13.19 23.33 -64.08
CA ARG A 9 -12.69 22.42 -63.03
C ARG A 9 -12.06 23.20 -61.87
N ALA A 10 -12.20 22.67 -60.66
CA ALA A 10 -11.58 23.16 -59.42
C ALA A 10 -11.27 21.97 -58.48
N ALA A 11 -10.54 22.23 -57.38
CA ALA A 11 -10.16 21.21 -56.40
C ALA A 11 -10.05 21.78 -54.97
N MET A 12 -10.09 20.89 -53.98
CA MET A 12 -9.89 21.14 -52.54
C MET A 12 -9.12 19.98 -51.90
N LEU A 13 -8.50 20.22 -50.75
CA LEU A 13 -7.74 19.22 -49.98
C LEU A 13 -7.80 19.46 -48.46
N ASN A 14 -7.30 18.50 -47.70
CA ASN A 14 -7.17 18.52 -46.23
C ASN A 14 -5.99 17.62 -45.79
N ASN A 15 -5.68 17.60 -44.48
CA ASN A 15 -4.65 16.74 -43.90
C ASN A 15 -5.07 16.23 -42.50
N MET A 16 -4.65 15.01 -42.17
CA MET A 16 -4.91 14.33 -40.89
C MET A 16 -3.81 13.29 -40.62
N ASP A 17 -3.36 13.20 -39.37
CA ASP A 17 -2.30 12.26 -38.93
C ASP A 17 -2.47 11.86 -37.45
N SER A 18 -2.21 10.59 -37.13
CA SER A 18 -2.22 10.05 -35.77
C SER A 18 -1.36 8.78 -35.64
N ALA A 19 -0.92 8.46 -34.42
CA ALA A 19 -0.12 7.28 -34.09
C ALA A 19 -0.26 6.93 -32.58
N PRO A 20 0.02 5.67 -32.17
CA PRO A 20 0.10 5.30 -30.76
C PRO A 20 1.32 5.95 -30.06
N LEU A 21 1.26 6.04 -28.73
CA LEU A 21 2.30 6.65 -27.88
C LEU A 21 2.36 5.96 -26.52
N SER A 22 3.56 5.92 -25.91
CA SER A 22 3.81 5.32 -24.58
C SER A 22 2.95 5.94 -23.47
N ASN A 23 2.62 5.14 -22.46
CA ASN A 23 1.83 5.50 -21.29
C ASN A 23 2.21 4.64 -20.07
N GLY A 24 1.69 4.97 -18.88
CA GLY A 24 1.93 4.27 -17.62
C GLY A 24 0.72 4.32 -16.66
N GLY A 25 0.88 3.74 -15.47
CA GLY A 25 -0.21 3.54 -14.50
C GLY A 25 0.22 3.45 -13.03
N ASP A 26 1.39 4.00 -12.68
CA ASP A 26 1.81 4.10 -11.28
C ASP A 26 0.87 5.05 -10.52
N VAL A 27 0.53 6.16 -11.18
CA VAL A 27 -0.51 7.12 -10.79
C VAL A 27 -1.82 6.40 -10.47
N ASP A 28 -2.32 5.64 -11.45
CA ASP A 28 -3.57 4.91 -11.36
C ASP A 28 -3.60 4.00 -10.13
N LEU A 29 -2.57 3.18 -9.89
CA LEU A 29 -2.45 2.37 -8.69
C LEU A 29 -2.56 3.21 -7.42
N TYR A 30 -1.68 4.21 -7.27
CA TYR A 30 -1.54 4.98 -6.05
C TYR A 30 -2.81 5.74 -5.72
N ASP A 31 -3.29 6.59 -6.62
CA ASP A 31 -4.52 7.37 -6.44
C ASP A 31 -5.77 6.48 -6.22
N ALA A 32 -5.88 5.34 -6.92
CA ALA A 32 -6.96 4.37 -6.69
C ALA A 32 -6.92 3.79 -5.27
N PHE A 33 -5.75 3.29 -4.87
CA PHE A 33 -5.47 2.78 -3.55
C PHE A 33 -5.71 3.82 -2.44
N TYR A 34 -5.26 5.02 -2.72
CA TYR A 34 -5.46 6.18 -1.89
C TYR A 34 -6.95 6.46 -1.68
N GLN A 35 -7.78 6.27 -2.71
CA GLN A 35 -9.24 6.28 -2.58
C GLN A 35 -9.78 5.08 -1.78
N ARG A 36 -9.11 3.90 -1.82
CA ARG A 36 -9.40 2.76 -0.92
C ARG A 36 -9.14 3.09 0.55
N LEU A 37 -8.18 3.96 0.87
CA LEU A 37 -7.97 4.48 2.22
C LEU A 37 -9.19 5.31 2.68
N LEU A 38 -9.45 6.37 1.90
CA LEU A 38 -10.53 7.34 2.02
C LEU A 38 -11.96 6.77 1.91
N ALA A 39 -12.15 5.44 1.93
CA ALA A 39 -13.45 4.78 1.96
C ALA A 39 -14.29 5.22 3.18
N LEU A 40 -13.66 5.35 4.36
CA LEU A 40 -14.18 5.94 5.57
C LEU A 40 -13.03 6.21 6.54
N PRO A 41 -13.04 7.35 7.25
CA PRO A 41 -12.12 7.52 8.36
C PRO A 41 -12.73 8.21 9.59
N GLU A 42 -14.01 8.60 9.52
CA GLU A 42 -14.73 9.46 10.48
C GLU A 42 -14.76 8.94 11.93
N SER A 43 -14.79 7.61 12.11
CA SER A 43 -14.89 6.96 13.43
C SER A 43 -13.72 7.27 14.36
N ALA A 44 -12.54 7.54 13.77
CA ALA A 44 -11.26 7.91 14.41
C ALA A 44 -10.74 6.91 15.48
N SER A 45 -11.35 5.72 15.51
CA SER A 45 -11.13 4.63 16.45
C SER A 45 -11.71 3.35 15.83
N SER A 46 -10.97 2.81 14.86
CA SER A 46 -11.36 1.75 13.96
C SER A 46 -10.11 1.09 13.38
N GLU A 47 -9.47 0.24 14.19
CA GLU A 47 -8.38 -0.67 13.77
C GLU A 47 -8.78 -1.52 12.54
N THR A 48 -10.09 -1.68 12.32
CA THR A 48 -10.71 -2.25 11.12
C THR A 48 -10.30 -1.51 9.83
N LEU A 49 -9.96 -0.21 9.90
CA LEU A 49 -9.35 0.55 8.80
C LEU A 49 -7.95 0.03 8.48
N LYS A 50 -7.11 -0.24 9.48
CA LYS A 50 -5.81 -0.93 9.34
C LYS A 50 -5.98 -2.31 8.71
N ASP A 51 -6.99 -3.09 9.10
CA ASP A 51 -7.25 -4.39 8.46
C ASP A 51 -7.85 -4.27 7.05
N SER A 52 -8.61 -3.21 6.75
CA SER A 52 -9.04 -2.91 5.37
C SER A 52 -7.82 -2.54 4.51
N ILE A 53 -6.90 -1.73 5.05
CA ILE A 53 -5.60 -1.40 4.45
C ILE A 53 -4.77 -2.67 4.21
N TYR A 54 -4.73 -3.59 5.18
CA TYR A 54 -4.08 -4.90 5.06
C TYR A 54 -4.70 -5.77 3.96
N GLN A 55 -6.03 -5.80 3.89
CA GLN A 55 -6.77 -6.57 2.90
C GLN A 55 -6.50 -6.06 1.48
N GLU A 56 -6.48 -4.73 1.30
CA GLU A 56 -6.09 -4.10 0.04
C GLU A 56 -4.61 -4.32 -0.29
N MET A 57 -3.71 -4.24 0.70
CA MET A 57 -2.28 -4.54 0.55
C MET A 57 -2.07 -5.94 -0.06
N ASN A 58 -2.86 -6.90 0.40
CA ASN A 58 -2.85 -8.29 -0.02
C ASN A 58 -3.58 -8.60 -1.34
N ALA A 59 -4.50 -7.74 -1.83
CA ALA A 59 -5.42 -8.08 -2.91
C ALA A 59 -5.75 -7.07 -4.02
N PHE A 60 -5.40 -5.79 -3.89
CA PHE A 60 -5.56 -4.78 -4.92
C PHE A 60 -5.14 -5.25 -6.33
N LYS A 61 -4.08 -6.08 -6.32
CA LYS A 61 -3.40 -6.79 -7.39
C LYS A 61 -3.33 -6.01 -8.71
N ASP A 62 -2.25 -5.25 -8.82
CA ASP A 62 -2.04 -4.25 -9.89
C ASP A 62 -2.42 -4.76 -11.30
N PRO A 63 -3.37 -4.11 -12.00
CA PRO A 63 -3.83 -4.51 -13.33
C PRO A 63 -2.74 -4.76 -14.37
N ASN A 64 -1.74 -3.88 -14.45
CA ASN A 64 -0.63 -3.98 -15.40
C ASN A 64 0.30 -5.17 -15.08
N SER A 65 0.69 -5.33 -13.81
CA SER A 65 1.68 -6.32 -13.37
C SER A 65 1.10 -7.74 -13.22
N GLY A 66 -0.12 -7.85 -12.66
CA GLY A 66 -0.90 -9.06 -12.44
C GLY A 66 -0.53 -9.80 -11.15
N ASP A 67 0.75 -9.69 -10.78
CA ASP A 67 1.40 -10.45 -9.72
C ASP A 67 1.06 -9.95 -8.30
N SER A 68 1.17 -8.64 -8.08
CA SER A 68 0.77 -7.91 -6.89
C SER A 68 0.75 -6.40 -7.10
N ALA A 69 0.13 -5.72 -6.14
CA ALA A 69 0.08 -4.28 -6.02
C ALA A 69 1.36 -3.70 -5.38
N PHE A 70 1.83 -4.36 -4.31
CA PHE A 70 2.93 -3.94 -3.44
C PHE A 70 3.76 -5.22 -3.15
N VAL A 71 5.08 -5.17 -3.39
CA VAL A 71 6.01 -6.32 -3.42
C VAL A 71 6.19 -7.04 -2.08
N SER A 72 6.68 -6.35 -1.07
CA SER A 72 7.08 -6.85 0.27
C SER A 72 7.94 -5.87 1.07
N PHE A 73 8.90 -5.19 0.43
CA PHE A 73 9.79 -4.25 1.09
C PHE A 73 10.05 -2.98 0.28
N GLU A 74 10.63 -3.03 -0.91
CA GLU A 74 11.08 -1.81 -1.60
C GLU A 74 9.90 -0.90 -1.97
N GLN A 75 8.93 -1.50 -2.64
CA GLN A 75 7.66 -0.85 -3.00
C GLN A 75 6.87 -0.51 -1.75
N GLN A 76 6.82 -1.44 -0.79
CA GLN A 76 6.09 -1.28 0.47
C GLN A 76 6.64 -0.12 1.31
N THR A 77 7.94 0.10 1.35
CA THR A 77 8.58 1.20 2.06
C THR A 77 8.38 2.51 1.33
N ALA A 78 8.51 2.56 -0.01
CA ALA A 78 8.12 3.75 -0.75
C ALA A 78 6.62 4.05 -0.64
N MET A 79 5.74 3.03 -0.67
CA MET A 79 4.31 3.16 -0.41
C MET A 79 4.11 3.88 0.90
N LEU A 80 4.69 3.35 1.96
CA LEU A 80 4.41 3.78 3.30
C LEU A 80 4.97 5.16 3.58
N GLN A 81 6.16 5.44 3.08
CA GLN A 81 6.73 6.80 3.06
C GLN A 81 5.80 7.75 2.28
N ASN A 82 5.32 7.34 1.10
CA ASN A 82 4.43 8.11 0.23
C ASN A 82 3.04 8.35 0.89
N MET A 83 2.50 7.30 1.50
CA MET A 83 1.19 7.23 2.14
C MET A 83 1.16 8.18 3.32
N LEU A 84 2.15 8.11 4.22
CA LEU A 84 2.30 9.02 5.34
C LEU A 84 2.62 10.46 4.92
N ALA A 85 3.34 10.65 3.81
CA ALA A 85 3.55 11.97 3.22
C ALA A 85 2.25 12.60 2.68
N LYS A 86 1.28 11.80 2.22
CA LYS A 86 0.00 12.28 1.67
C LYS A 86 -1.03 12.65 2.75
N VAL A 87 -1.27 11.74 3.71
CA VAL A 87 -2.22 11.92 4.83
C VAL A 87 -1.80 13.00 5.82
N GLU A 88 -2.76 13.45 6.64
CA GLU A 88 -2.58 14.35 7.75
C GLU A 88 -2.26 13.54 9.04
N PRO A 89 -1.11 13.78 9.71
CA PRO A 89 -0.76 13.24 11.04
C PRO A 89 -1.91 13.16 12.07
N GLY A 90 -2.74 14.20 12.11
CA GLY A 90 -3.89 14.32 13.02
C GLY A 90 -4.90 13.17 12.97
N THR A 91 -5.11 12.57 11.79
CA THR A 91 -6.10 11.52 11.55
C THR A 91 -5.75 10.16 12.16
N HIS A 92 -6.78 9.33 12.29
CA HIS A 92 -6.63 7.91 12.61
C HIS A 92 -6.13 7.11 11.39
N LEU A 93 -6.39 7.61 10.17
CA LEU A 93 -5.84 7.04 8.95
C LEU A 93 -4.31 6.96 9.04
N TYR A 94 -3.65 8.08 9.38
CA TYR A 94 -2.21 8.16 9.57
C TYR A 94 -1.73 7.04 10.52
N GLU A 95 -2.46 6.85 11.63
CA GLU A 95 -2.17 5.83 12.63
C GLU A 95 -2.31 4.41 12.06
N ALA A 96 -3.29 4.18 11.16
CA ALA A 96 -3.47 2.91 10.50
C ALA A 96 -2.27 2.61 9.60
N LEU A 97 -1.81 3.57 8.80
CA LEU A 97 -0.68 3.38 7.89
C LEU A 97 0.62 3.10 8.67
N ASN A 98 0.88 3.85 9.74
CA ASN A 98 2.04 3.61 10.59
C ASN A 98 1.99 2.22 11.22
N GLY A 99 0.80 1.81 11.70
CA GLY A 99 0.60 0.52 12.33
C GLY A 99 0.69 -0.64 11.34
N VAL A 100 0.19 -0.49 10.09
CA VAL A 100 0.38 -1.50 9.06
C VAL A 100 1.83 -1.59 8.58
N LEU A 101 2.55 -0.46 8.48
CA LEU A 101 3.98 -0.46 8.16
C LEU A 101 4.74 -1.31 9.19
N VAL A 102 4.55 -0.96 10.46
CA VAL A 102 5.19 -1.55 11.64
C VAL A 102 4.82 -3.03 11.82
N GLY A 103 3.54 -3.35 11.68
CA GLY A 103 3.00 -4.69 11.87
C GLY A 103 3.30 -5.63 10.70
N SER A 104 3.17 -5.15 9.45
CA SER A 104 3.60 -5.88 8.25
C SER A 104 5.11 -6.17 8.27
N MET A 105 5.93 -5.18 8.66
CA MET A 105 7.37 -5.33 8.87
C MET A 105 7.70 -6.39 9.95
N ASN A 106 7.04 -6.37 11.10
CA ASN A 106 7.25 -7.37 12.16
C ASN A 106 6.78 -8.77 11.73
N ALA A 107 5.64 -8.87 11.04
CA ALA A 107 5.11 -10.12 10.51
C ALA A 107 6.06 -10.77 9.49
N GLN A 108 6.73 -9.94 8.67
CA GLN A 108 7.77 -10.37 7.73
C GLN A 108 9.08 -10.77 8.44
N SER A 109 9.44 -10.06 9.52
CA SER A 109 10.59 -10.36 10.38
C SER A 109 10.44 -11.64 11.21
N GLN A 110 9.20 -12.06 11.47
CA GLN A 110 8.73 -13.34 12.05
C GLN A 110 9.11 -13.62 13.51
N MET A 111 10.33 -13.29 13.96
CA MET A 111 10.88 -13.65 15.27
C MET A 111 11.77 -12.57 15.92
N THR A 112 12.59 -11.85 15.12
CA THR A 112 13.62 -10.93 15.61
C THR A 112 13.03 -9.67 16.22
N SER A 113 12.31 -8.94 15.37
CA SER A 113 11.59 -7.69 15.68
C SER A 113 10.53 -7.86 16.77
N TRP A 114 10.01 -9.08 16.91
CA TRP A 114 9.08 -9.47 17.97
C TRP A 114 9.63 -9.23 19.38
N MET A 115 10.96 -9.32 19.54
CA MET A 115 11.67 -9.01 20.79
C MET A 115 11.59 -7.52 21.21
N GLN A 116 11.01 -6.65 20.37
CA GLN A 116 10.69 -5.26 20.64
C GLN A 116 9.18 -4.96 20.55
N GLU A 117 8.38 -5.87 20.00
CA GLU A 117 6.91 -5.83 20.00
C GLU A 117 6.35 -6.17 21.40
N ILE A 118 6.99 -7.11 22.10
CA ILE A 118 6.73 -7.56 23.46
C ILE A 118 6.80 -6.47 24.54
N ILE A 119 7.67 -5.49 24.31
CA ILE A 119 7.99 -4.37 25.22
C ILE A 119 6.75 -3.52 25.57
N LEU A 120 6.71 -3.01 26.80
CA LEU A 120 5.66 -2.15 27.36
C LEU A 120 6.26 -1.10 28.33
N SER A 121 5.46 -0.10 28.71
CA SER A 121 5.84 1.06 29.54
C SER A 121 6.44 0.72 30.92
N GLY A 122 6.06 -0.42 31.49
CA GLY A 122 6.64 -0.96 32.73
C GLY A 122 6.24 -0.23 34.03
N GLY A 123 5.13 0.53 34.00
CA GLY A 123 4.59 1.25 35.16
C GLY A 123 4.98 2.74 35.24
N GLU A 124 5.79 3.23 34.30
CA GLU A 124 6.25 4.64 34.25
C GLU A 124 5.13 5.65 33.94
N ASN A 125 4.03 5.19 33.33
CA ASN A 125 2.84 5.97 33.01
C ASN A 125 2.17 6.57 34.27
N LYS A 126 2.21 7.91 34.41
CA LYS A 126 1.61 8.68 35.51
C LYS A 126 0.07 8.69 35.56
N GLU A 127 -0.60 8.15 34.53
CA GLU A 127 -2.05 8.14 34.29
C GLU A 127 -2.78 9.50 34.41
N ALA A 128 -4.13 9.47 34.40
CA ALA A 128 -4.98 10.67 34.34
C ALA A 128 -4.84 11.64 35.53
N ILE A 129 -4.49 11.13 36.72
CA ILE A 129 -4.23 11.88 37.95
C ILE A 129 -3.07 12.88 37.85
N ASP A 130 -2.87 13.63 38.93
CA ASP A 130 -1.84 14.64 39.09
C ASP A 130 -1.40 14.80 40.56
N TRP A 131 -0.10 15.04 40.78
CA TRP A 131 0.56 15.14 42.10
C TRP A 131 1.69 16.18 42.09
N VAL A 4 -61.34 12.10 -14.87
CA VAL A 4 -61.66 11.61 -16.23
C VAL A 4 -60.50 10.87 -16.92
N SER A 5 -59.26 10.99 -16.43
CA SER A 5 -58.06 10.34 -16.97
C SER A 5 -56.98 10.14 -15.90
N LEU A 6 -55.99 9.29 -16.21
CA LEU A 6 -54.83 8.94 -15.36
C LEU A 6 -53.63 8.54 -16.27
N SER A 7 -52.40 8.67 -15.76
CA SER A 7 -51.16 8.36 -16.49
C SER A 7 -50.07 7.79 -15.57
N ALA A 8 -48.95 7.35 -16.16
CA ALA A 8 -47.80 6.77 -15.47
C ALA A 8 -47.10 7.74 -14.48
N ARG A 9 -46.23 7.18 -13.62
CA ARG A 9 -45.42 7.89 -12.62
C ARG A 9 -43.94 7.47 -12.71
N ALA A 10 -43.05 8.27 -12.11
CA ALA A 10 -41.60 8.11 -12.17
C ALA A 10 -40.91 8.54 -10.84
N ALA A 11 -39.58 8.39 -10.79
CA ALA A 11 -38.73 8.77 -9.65
C ALA A 11 -37.39 9.39 -10.10
N MET A 12 -36.68 10.03 -9.17
CA MET A 12 -35.44 10.79 -9.44
C MET A 12 -34.26 9.89 -9.87
N LEU A 13 -33.35 10.47 -10.66
CA LEU A 13 -32.07 9.89 -11.10
C LEU A 13 -31.06 11.02 -11.37
N ASN A 14 -29.76 10.76 -11.22
CA ASN A 14 -28.69 11.77 -11.23
C ASN A 14 -27.56 11.51 -12.25
N ASN A 15 -27.38 10.28 -12.72
CA ASN A 15 -26.32 9.87 -13.66
C ASN A 15 -26.74 8.67 -14.53
N MET A 16 -26.07 8.51 -15.67
CA MET A 16 -26.17 7.33 -16.57
C MET A 16 -24.84 6.94 -17.23
N ASP A 17 -23.73 7.56 -16.82
CA ASP A 17 -22.36 7.34 -17.35
C ASP A 17 -21.67 6.09 -16.75
N SER A 18 -22.45 5.03 -16.49
CA SER A 18 -22.11 3.81 -15.75
C SER A 18 -21.07 2.87 -16.41
N ALA A 19 -20.31 3.36 -17.40
CA ALA A 19 -19.30 2.62 -18.16
C ALA A 19 -18.02 3.47 -18.39
N PRO A 20 -17.28 3.83 -17.32
CA PRO A 20 -16.03 4.60 -17.40
C PRO A 20 -14.88 3.79 -18.04
N LEU A 21 -13.74 4.46 -18.27
CA LEU A 21 -12.53 3.90 -18.87
C LEU A 21 -11.31 4.07 -17.95
N SER A 22 -10.29 3.23 -18.13
CA SER A 22 -9.11 3.14 -17.26
C SER A 22 -7.88 2.58 -18.00
N ASN A 23 -6.68 2.79 -17.43
CA ASN A 23 -5.39 2.26 -17.89
C ASN A 23 -4.42 2.08 -16.70
N GLY A 24 -3.49 1.12 -16.81
CA GLY A 24 -2.50 0.83 -15.77
C GLY A 24 -1.39 1.89 -15.63
N GLY A 25 -0.68 1.86 -14.49
CA GLY A 25 0.40 2.78 -14.16
C GLY A 25 0.83 2.71 -12.70
N ASP A 26 1.92 3.39 -12.35
CA ASP A 26 2.33 3.59 -10.95
C ASP A 26 1.37 4.61 -10.30
N VAL A 27 1.09 5.68 -11.05
CA VAL A 27 0.06 6.69 -10.78
C VAL A 27 -1.27 6.02 -10.46
N ASP A 28 -1.73 5.19 -11.41
CA ASP A 28 -3.00 4.48 -11.31
C ASP A 28 -3.10 3.68 -10.01
N LEU A 29 -2.07 2.87 -9.67
CA LEU A 29 -2.02 2.16 -8.39
C LEU A 29 -2.24 3.11 -7.22
N TYR A 30 -1.36 4.12 -7.08
CA TYR A 30 -1.34 4.98 -5.91
C TYR A 30 -2.65 5.71 -5.73
N ASP A 31 -3.07 6.50 -6.71
CA ASP A 31 -4.31 7.26 -6.64
C ASP A 31 -5.54 6.38 -6.40
N ALA A 32 -5.64 5.21 -7.07
CA ALA A 32 -6.73 4.27 -6.87
C ALA A 32 -6.75 3.69 -5.45
N PHE A 33 -5.60 3.20 -4.99
CA PHE A 33 -5.39 2.66 -3.65
C PHE A 33 -5.64 3.66 -2.53
N TYR A 34 -5.12 4.86 -2.74
CA TYR A 34 -5.34 6.00 -1.91
C TYR A 34 -6.85 6.31 -1.81
N GLN A 35 -7.60 6.15 -2.91
CA GLN A 35 -9.06 6.19 -2.91
C GLN A 35 -9.69 4.96 -2.20
N ARG A 36 -9.02 3.79 -2.17
CA ARG A 36 -9.42 2.65 -1.32
C ARG A 36 -9.30 3.00 0.18
N LEU A 37 -8.40 3.90 0.57
CA LEU A 37 -8.35 4.45 1.94
C LEU A 37 -9.53 5.41 2.22
N LEU A 38 -9.59 6.47 1.43
CA LEU A 38 -10.45 7.65 1.59
C LEU A 38 -11.93 7.46 1.21
N ALA A 39 -12.84 7.83 2.11
CA ALA A 39 -14.27 7.96 1.85
C ALA A 39 -14.75 9.13 2.73
N LEU A 40 -15.07 8.83 3.99
CA LEU A 40 -15.36 9.73 5.10
C LEU A 40 -15.38 8.96 6.44
N PRO A 41 -16.10 7.81 6.54
CA PRO A 41 -16.37 7.19 7.83
C PRO A 41 -15.24 6.29 8.34
N GLU A 42 -14.66 5.49 7.44
CA GLU A 42 -13.63 4.49 7.75
C GLU A 42 -12.36 5.12 8.36
N SER A 43 -11.99 6.32 7.91
CA SER A 43 -10.77 7.05 8.24
C SER A 43 -10.61 7.40 9.73
N ALA A 44 -11.70 7.31 10.49
CA ALA A 44 -11.73 7.50 11.93
C ALA A 44 -11.47 6.23 12.75
N SER A 45 -11.75 5.04 12.19
CA SER A 45 -11.69 3.77 12.90
C SER A 45 -10.26 3.35 13.26
N SER A 46 -10.12 2.55 14.32
CA SER A 46 -8.83 2.16 14.89
C SER A 46 -8.31 0.84 14.29
N GLU A 47 -8.89 -0.28 14.73
CA GLU A 47 -8.43 -1.64 14.38
C GLU A 47 -8.92 -2.08 13.00
N THR A 48 -10.21 -1.92 12.75
CA THR A 48 -10.89 -2.28 11.50
C THR A 48 -10.31 -1.53 10.31
N LEU A 49 -9.89 -0.27 10.50
CA LEU A 49 -9.20 0.50 9.46
C LEU A 49 -7.86 -0.14 9.08
N LYS A 50 -7.03 -0.52 10.07
CA LYS A 50 -5.76 -1.22 9.84
C LYS A 50 -5.98 -2.56 9.10
N ASP A 51 -6.97 -3.37 9.49
CA ASP A 51 -7.21 -4.64 8.80
C ASP A 51 -7.84 -4.48 7.39
N SER A 52 -8.72 -3.50 7.18
CA SER A 52 -9.19 -3.14 5.84
C SER A 52 -8.06 -2.59 4.96
N ILE A 53 -7.15 -1.76 5.51
CA ILE A 53 -5.94 -1.29 4.84
C ILE A 53 -5.08 -2.48 4.40
N TYR A 54 -4.85 -3.44 5.29
CA TYR A 54 -4.14 -4.67 4.97
C TYR A 54 -4.83 -5.48 3.87
N GLN A 55 -6.16 -5.57 3.89
CA GLN A 55 -6.90 -6.33 2.89
C GLN A 55 -6.84 -5.65 1.50
N GLU A 56 -6.96 -4.32 1.45
CA GLU A 56 -6.80 -3.55 0.21
C GLU A 56 -5.36 -3.63 -0.33
N MET A 57 -4.35 -3.53 0.55
CA MET A 57 -2.93 -3.76 0.27
C MET A 57 -2.70 -5.13 -0.39
N ASN A 58 -3.36 -6.15 0.15
CA ASN A 58 -3.32 -7.54 -0.29
C ASN A 58 -4.11 -7.84 -1.59
N ALA A 59 -5.07 -7.00 -1.99
CA ALA A 59 -6.02 -7.32 -3.05
C ALA A 59 -6.09 -6.40 -4.27
N PHE A 60 -5.61 -5.17 -4.18
CA PHE A 60 -5.44 -4.30 -5.33
C PHE A 60 -4.75 -4.97 -6.53
N LYS A 61 -3.77 -5.81 -6.16
CA LYS A 61 -2.78 -6.56 -6.91
C LYS A 61 -2.14 -5.74 -8.04
N ASP A 62 -0.98 -5.17 -7.72
CA ASP A 62 -0.26 -4.17 -8.53
C ASP A 62 -0.20 -4.49 -10.05
N PRO A 63 -0.84 -3.71 -10.93
CA PRO A 63 -0.73 -3.85 -12.40
C PRO A 63 0.71 -3.95 -12.92
N ASN A 64 1.62 -3.15 -12.36
CA ASN A 64 3.02 -3.02 -12.74
C ASN A 64 3.86 -4.28 -12.46
N SER A 65 3.45 -5.10 -11.49
CA SER A 65 4.12 -6.33 -11.04
C SER A 65 3.19 -7.55 -11.06
N GLY A 66 2.29 -7.70 -10.08
CA GLY A 66 1.22 -8.68 -10.07
C GLY A 66 0.95 -9.35 -8.72
N ASP A 67 2.02 -9.68 -7.99
CA ASP A 67 1.97 -10.52 -6.78
C ASP A 67 1.10 -9.95 -5.63
N SER A 68 1.15 -8.63 -5.42
CA SER A 68 0.36 -7.83 -4.49
C SER A 68 0.51 -6.34 -4.80
N ALA A 69 -0.11 -5.43 -4.04
CA ALA A 69 0.10 -3.99 -4.25
C ALA A 69 1.56 -3.53 -4.03
N PHE A 70 2.39 -4.39 -3.40
CA PHE A 70 3.81 -4.17 -3.15
C PHE A 70 4.64 -5.46 -3.42
N VAL A 71 5.94 -5.30 -3.67
CA VAL A 71 6.91 -6.35 -4.05
C VAL A 71 7.30 -7.27 -2.89
N SER A 72 7.78 -6.68 -1.77
CA SER A 72 8.21 -7.39 -0.55
C SER A 72 8.59 -6.41 0.57
N PHE A 73 9.48 -5.47 0.27
CA PHE A 73 10.01 -4.47 1.18
C PHE A 73 10.19 -3.11 0.50
N GLU A 74 10.92 -3.02 -0.61
CA GLU A 74 11.31 -1.71 -1.19
C GLU A 74 10.06 -0.90 -1.57
N GLN A 75 9.16 -1.56 -2.29
CA GLN A 75 7.87 -1.01 -2.70
C GLN A 75 6.95 -0.73 -1.52
N GLN A 76 6.89 -1.64 -0.53
CA GLN A 76 6.07 -1.54 0.66
C GLN A 76 6.47 -0.34 1.52
N THR A 77 7.75 -0.23 1.86
CA THR A 77 8.28 0.86 2.67
C THR A 77 8.16 2.19 1.93
N ALA A 78 8.43 2.25 0.62
CA ALA A 78 8.14 3.46 -0.14
C ALA A 78 6.65 3.77 -0.23
N MET A 79 5.78 2.76 -0.46
CA MET A 79 4.32 2.89 -0.38
C MET A 79 3.94 3.56 0.91
N LEU A 80 4.44 3.05 2.02
CA LEU A 80 4.00 3.43 3.34
C LEU A 80 4.55 4.79 3.75
N GLN A 81 5.81 5.05 3.46
CA GLN A 81 6.38 6.41 3.60
C GLN A 81 5.61 7.42 2.73
N ASN A 82 5.28 7.04 1.49
CA ASN A 82 4.47 7.82 0.56
C ASN A 82 3.03 8.02 1.10
N MET A 83 2.43 6.97 1.66
CA MET A 83 1.08 6.93 2.22
C MET A 83 0.99 7.93 3.37
N LEU A 84 1.96 7.92 4.30
CA LEU A 84 2.05 8.89 5.38
C LEU A 84 2.34 10.32 4.90
N ALA A 85 3.13 10.47 3.83
CA ALA A 85 3.36 11.76 3.20
C ALA A 85 2.09 12.37 2.55
N LYS A 86 1.14 11.53 2.11
CA LYS A 86 -0.11 11.96 1.49
C LYS A 86 -1.18 12.39 2.52
N VAL A 87 -1.46 11.54 3.51
CA VAL A 87 -2.47 11.75 4.56
C VAL A 87 -2.11 12.88 5.53
N GLU A 88 -3.13 13.39 6.22
CA GLU A 88 -3.02 14.37 7.29
C GLU A 88 -2.63 13.67 8.60
N PRO A 89 -1.48 14.02 9.24
CA PRO A 89 -1.08 13.59 10.59
C PRO A 89 -2.18 13.49 11.65
N GLY A 90 -3.09 14.47 11.67
CA GLY A 90 -4.20 14.57 12.62
C GLY A 90 -5.17 13.38 12.65
N THR A 91 -5.38 12.72 11.51
CA THR A 91 -6.31 11.61 11.34
C THR A 91 -5.89 10.32 12.03
N HIS A 92 -6.88 9.45 12.28
CA HIS A 92 -6.62 8.08 12.72
C HIS A 92 -6.13 7.22 11.54
N LEU A 93 -6.46 7.61 10.30
CA LEU A 93 -5.96 7.02 9.07
C LEU A 93 -4.43 7.01 9.08
N TYR A 94 -3.81 8.16 9.33
CA TYR A 94 -2.35 8.29 9.44
C TYR A 94 -1.77 7.23 10.39
N GLU A 95 -2.41 7.08 11.55
CA GLU A 95 -2.02 6.11 12.57
C GLU A 95 -2.20 4.65 12.10
N ALA A 96 -3.24 4.36 11.30
CA ALA A 96 -3.46 3.03 10.75
C ALA A 96 -2.36 2.68 9.75
N LEU A 97 -1.98 3.62 8.87
CA LEU A 97 -0.88 3.42 7.92
C LEU A 97 0.44 3.18 8.64
N ASN A 98 0.71 3.93 9.73
CA ASN A 98 1.91 3.71 10.54
C ASN A 98 1.90 2.30 11.16
N GLY A 99 0.75 1.87 11.68
CA GLY A 99 0.58 0.56 12.30
C GLY A 99 0.70 -0.58 11.29
N VAL A 100 0.10 -0.45 10.10
CA VAL A 100 0.26 -1.46 9.04
C VAL A 100 1.68 -1.50 8.49
N LEU A 101 2.37 -0.36 8.35
CA LEU A 101 3.78 -0.29 7.97
C LEU A 101 4.62 -1.09 8.97
N VAL A 102 4.45 -0.80 10.25
CA VAL A 102 5.18 -1.39 11.38
C VAL A 102 4.93 -2.90 11.48
N GLY A 103 3.69 -3.33 11.32
CA GLY A 103 3.31 -4.75 11.37
C GLY A 103 3.69 -5.53 10.10
N SER A 104 3.54 -4.93 8.92
CA SER A 104 3.98 -5.49 7.64
C SER A 104 5.51 -5.65 7.61
N MET A 105 6.26 -4.63 8.07
CA MET A 105 7.71 -4.72 8.30
C MET A 105 8.08 -5.80 9.32
N ASN A 106 7.37 -5.94 10.44
CA ASN A 106 7.62 -6.99 11.42
C ASN A 106 7.41 -8.40 10.83
N ALA A 107 6.37 -8.57 10.03
CA ALA A 107 6.06 -9.81 9.32
C ALA A 107 7.13 -10.18 8.27
N GLN A 108 7.73 -9.18 7.61
CA GLN A 108 8.87 -9.37 6.71
C GLN A 108 10.21 -9.61 7.45
N SER A 109 10.43 -8.97 8.61
CA SER A 109 11.72 -8.92 9.31
C SER A 109 12.23 -10.26 9.87
N GLN A 110 11.33 -11.17 10.28
CA GLN A 110 11.57 -12.54 10.79
C GLN A 110 13.02 -12.84 11.24
N MET A 111 13.35 -12.41 12.46
CA MET A 111 14.70 -12.38 13.04
C MET A 111 15.43 -13.74 13.05
N THR A 112 14.70 -14.86 12.98
CA THR A 112 15.21 -16.23 12.83
C THR A 112 16.11 -16.41 11.61
N SER A 113 15.53 -16.12 10.45
CA SER A 113 16.18 -16.15 9.14
C SER A 113 17.39 -15.21 9.04
N TRP A 114 17.33 -14.10 9.79
CA TRP A 114 18.36 -13.07 9.90
C TRP A 114 19.59 -13.48 10.72
N MET A 115 19.55 -14.57 11.50
CA MET A 115 20.61 -14.93 12.47
C MET A 115 22.04 -15.02 11.90
N GLN A 116 22.22 -15.30 10.61
CA GLN A 116 23.52 -15.32 9.93
C GLN A 116 24.02 -13.95 9.44
N GLU A 117 23.12 -12.99 9.29
CA GLU A 117 23.34 -11.67 8.68
C GLU A 117 23.36 -10.54 9.71
N ILE A 118 22.58 -10.66 10.78
CA ILE A 118 22.60 -9.83 11.98
C ILE A 118 23.98 -9.81 12.66
N ILE A 119 24.73 -10.91 12.49
CA ILE A 119 26.15 -11.07 12.82
C ILE A 119 27.01 -10.18 11.89
N LEU A 120 26.95 -8.87 12.15
CA LEU A 120 27.59 -7.79 11.40
C LEU A 120 29.12 -7.76 11.44
N SER A 121 29.70 -8.50 12.39
CA SER A 121 31.12 -8.55 12.73
C SER A 121 32.07 -8.77 11.55
N GLY A 122 33.24 -8.11 11.61
CA GLY A 122 34.24 -8.06 10.54
C GLY A 122 35.15 -6.83 10.67
N GLY A 123 35.92 -6.52 9.62
CA GLY A 123 36.73 -5.30 9.53
C GLY A 123 37.36 -5.07 8.15
N GLU A 124 37.76 -3.82 7.88
CA GLU A 124 38.27 -3.34 6.59
C GLU A 124 39.46 -2.36 6.75
N ASN A 125 40.07 -2.28 7.94
CA ASN A 125 41.11 -1.32 8.33
C ASN A 125 42.51 -1.57 7.71
N LYS A 126 42.57 -2.09 6.48
CA LYS A 126 43.80 -2.39 5.72
C LYS A 126 44.67 -1.15 5.44
N GLU A 127 45.93 -1.39 5.06
CA GLU A 127 46.93 -0.40 4.67
C GLU A 127 47.80 -0.90 3.50
N ALA A 128 48.48 0.02 2.80
CA ALA A 128 49.36 -0.25 1.66
C ALA A 128 50.63 0.63 1.61
N ILE A 129 50.95 1.35 2.71
CA ILE A 129 52.10 2.22 2.88
C ILE A 129 53.46 1.51 2.74
N ASP A 130 54.51 2.32 2.78
CA ASP A 130 55.92 1.94 2.75
C ASP A 130 56.77 2.91 3.60
N TRP A 131 57.79 2.38 4.29
CA TRP A 131 58.65 3.10 5.25
C TRP A 131 60.04 2.45 5.35
N VAL A 4 3.79 23.01 -80.57
CA VAL A 4 4.13 21.81 -79.79
C VAL A 4 3.25 21.70 -78.53
N SER A 5 3.03 20.48 -78.04
CA SER A 5 2.11 20.14 -76.93
C SER A 5 2.69 19.04 -76.03
N LEU A 6 2.05 18.78 -74.88
CA LEU A 6 2.45 17.79 -73.87
C LEU A 6 1.25 17.03 -73.26
N SER A 7 1.54 16.05 -72.41
CA SER A 7 0.55 15.22 -71.70
C SER A 7 1.00 14.89 -70.27
N ALA A 8 0.09 14.36 -69.45
CA ALA A 8 0.29 14.10 -68.01
C ALA A 8 -0.56 12.92 -67.50
N ARG A 9 -0.38 12.56 -66.22
CA ARG A 9 -1.09 11.48 -65.49
C ARG A 9 -1.54 11.95 -64.10
N ALA A 10 -2.45 11.21 -63.49
CA ALA A 10 -3.08 11.53 -62.19
C ALA A 10 -3.41 10.27 -61.36
N ALA A 11 -3.80 10.48 -60.09
CA ALA A 11 -4.17 9.44 -59.13
C ALA A 11 -5.26 9.95 -58.14
N MET A 12 -5.77 9.05 -57.29
CA MET A 12 -6.80 9.36 -56.27
C MET A 12 -6.59 8.54 -54.98
N LEU A 13 -7.36 8.87 -53.93
CA LEU A 13 -7.29 8.26 -52.60
C LEU A 13 -8.69 8.18 -51.94
N ASN A 14 -8.84 7.31 -50.94
CA ASN A 14 -10.08 7.06 -50.20
C ASN A 14 -9.80 6.85 -48.69
N ASN A 15 -10.83 6.97 -47.85
CA ASN A 15 -10.74 6.82 -46.39
C ASN A 15 -10.27 5.41 -45.92
N MET A 16 -9.92 5.31 -44.63
CA MET A 16 -9.38 4.10 -43.98
C MET A 16 -10.04 3.85 -42.61
N ASP A 17 -9.61 2.81 -41.90
CA ASP A 17 -10.13 2.39 -40.59
C ASP A 17 -8.98 1.96 -39.64
N SER A 18 -9.18 2.13 -38.33
CA SER A 18 -8.16 1.92 -37.28
C SER A 18 -8.78 1.56 -35.91
N ALA A 19 -7.94 1.29 -34.91
CA ALA A 19 -8.35 0.87 -33.56
C ALA A 19 -7.46 1.49 -32.46
N PRO A 20 -7.95 1.61 -31.21
CA PRO A 20 -7.18 2.13 -30.07
C PRO A 20 -6.09 1.16 -29.58
N LEU A 21 -5.30 1.59 -28.59
CA LEU A 21 -4.23 0.84 -27.94
C LEU A 21 -4.29 1.03 -26.40
N SER A 22 -3.91 -0.01 -25.65
CA SER A 22 -3.94 -0.05 -24.18
C SER A 22 -3.11 1.06 -23.50
N ASN A 23 -3.49 1.41 -22.27
CA ASN A 23 -2.84 2.42 -21.44
C ASN A 23 -2.95 2.08 -19.93
N GLY A 24 -2.16 2.76 -19.08
CA GLY A 24 -2.10 2.55 -17.64
C GLY A 24 -1.23 3.59 -16.92
N GLY A 25 -1.00 3.41 -15.62
CA GLY A 25 -0.16 4.32 -14.83
C GLY A 25 0.16 3.83 -13.41
N ASP A 26 1.25 4.33 -12.84
CA ASP A 26 1.60 4.17 -11.43
C ASP A 26 0.64 5.03 -10.58
N VAL A 27 0.27 6.19 -11.12
CA VAL A 27 -0.79 7.09 -10.65
C VAL A 27 -2.07 6.32 -10.38
N ASP A 28 -2.54 5.56 -11.37
CA ASP A 28 -3.79 4.80 -11.29
C ASP A 28 -3.80 3.89 -10.06
N LEU A 29 -2.75 3.11 -9.82
CA LEU A 29 -2.57 2.32 -8.61
C LEU A 29 -2.67 3.21 -7.35
N TYR A 30 -1.79 4.21 -7.24
CA TYR A 30 -1.63 5.02 -6.04
C TYR A 30 -2.93 5.70 -5.66
N ASP A 31 -3.51 6.50 -6.54
CA ASP A 31 -4.79 7.17 -6.31
C ASP A 31 -5.93 6.18 -6.01
N ALA A 32 -6.07 5.07 -6.76
CA ALA A 32 -7.11 4.08 -6.49
C ALA A 32 -7.00 3.50 -5.07
N PHE A 33 -5.79 3.09 -4.71
CA PHE A 33 -5.41 2.64 -3.38
C PHE A 33 -5.60 3.70 -2.30
N TYR A 34 -5.24 4.92 -2.64
CA TYR A 34 -5.44 6.08 -1.82
C TYR A 34 -6.95 6.27 -1.51
N GLN A 35 -7.82 6.02 -2.49
CA GLN A 35 -9.27 5.95 -2.27
C GLN A 35 -9.68 4.73 -1.41
N ARG A 36 -8.94 3.60 -1.47
CA ARG A 36 -9.10 2.46 -0.54
C ARG A 36 -8.83 2.87 0.92
N LEU A 37 -7.93 3.83 1.16
CA LEU A 37 -7.74 4.43 2.49
C LEU A 37 -8.99 5.19 2.94
N LEU A 38 -9.36 6.19 2.12
CA LEU A 38 -10.50 7.10 2.25
C LEU A 38 -11.90 6.42 2.19
N ALA A 39 -11.97 5.09 2.26
CA ALA A 39 -13.19 4.28 2.25
C ALA A 39 -14.16 4.58 3.42
N LEU A 40 -13.64 5.08 4.54
CA LEU A 40 -14.36 5.48 5.73
C LEU A 40 -13.79 6.77 6.32
N PRO A 41 -14.66 7.72 6.74
CA PRO A 41 -14.14 8.93 7.36
C PRO A 41 -15.03 9.54 8.47
N GLU A 42 -16.01 8.79 8.99
CA GLU A 42 -17.08 9.29 9.89
C GLU A 42 -16.62 10.11 11.11
N SER A 43 -15.53 9.71 11.79
CA SER A 43 -14.92 10.47 12.88
C SER A 43 -13.45 10.09 13.09
N ALA A 44 -13.18 8.90 13.65
CA ALA A 44 -11.85 8.42 14.00
C ALA A 44 -11.75 6.88 14.20
N SER A 45 -12.86 6.14 14.24
CA SER A 45 -12.89 4.67 14.34
C SER A 45 -12.23 4.02 13.12
N SER A 46 -10.97 3.58 13.25
CA SER A 46 -10.13 3.15 12.13
C SER A 46 -9.32 1.85 12.34
N GLU A 47 -9.58 1.04 13.37
CA GLU A 47 -8.98 -0.30 13.49
C GLU A 47 -9.51 -1.24 12.38
N THR A 48 -10.82 -1.19 12.11
CA THR A 48 -11.47 -1.84 10.97
C THR A 48 -10.92 -1.32 9.64
N LEU A 49 -10.55 -0.02 9.60
CA LEU A 49 -9.91 0.60 8.43
C LEU A 49 -8.46 0.12 8.27
N LYS A 50 -7.69 -0.05 9.34
CA LYS A 50 -6.37 -0.70 9.38
C LYS A 50 -6.40 -2.11 8.80
N ASP A 51 -7.40 -2.92 9.14
CA ASP A 51 -7.58 -4.22 8.47
C ASP A 51 -8.10 -4.12 7.03
N SER A 52 -8.93 -3.12 6.69
CA SER A 52 -9.27 -2.85 5.28
C SER A 52 -8.03 -2.46 4.45
N ILE A 53 -7.12 -1.68 5.05
CA ILE A 53 -5.80 -1.34 4.53
C ILE A 53 -4.97 -2.62 4.35
N TYR A 54 -4.96 -3.52 5.33
CA TYR A 54 -4.27 -4.82 5.25
C TYR A 54 -4.84 -5.72 4.12
N GLN A 55 -6.16 -5.74 3.95
CA GLN A 55 -6.82 -6.52 2.91
C GLN A 55 -6.46 -6.02 1.52
N GLU A 56 -6.53 -4.70 1.28
CA GLU A 56 -6.17 -4.12 0.00
C GLU A 56 -4.64 -4.13 -0.24
N MET A 57 -3.82 -3.97 0.81
CA MET A 57 -2.38 -4.19 0.79
C MET A 57 -2.06 -5.55 0.18
N ASN A 58 -2.78 -6.58 0.64
CA ASN A 58 -2.62 -7.96 0.21
C ASN A 58 -3.27 -8.32 -1.15
N ALA A 59 -4.21 -7.53 -1.68
CA ALA A 59 -5.06 -7.92 -2.81
C ALA A 59 -5.33 -6.96 -3.97
N PHE A 60 -5.01 -5.67 -3.86
CA PHE A 60 -5.11 -4.73 -4.97
C PHE A 60 -4.44 -5.22 -6.27
N LYS A 61 -3.34 -5.93 -6.05
CA LYS A 61 -2.41 -6.62 -6.94
C LYS A 61 -2.05 -5.83 -8.19
N ASP A 62 -0.90 -5.16 -8.11
CA ASP A 62 -0.38 -4.21 -9.13
C ASP A 62 -0.52 -4.74 -10.58
N PRO A 63 -1.39 -4.14 -11.43
CA PRO A 63 -1.61 -4.54 -12.82
C PRO A 63 -0.35 -4.82 -13.66
N ASN A 64 0.69 -4.01 -13.47
CA ASN A 64 1.96 -4.08 -14.21
C ASN A 64 2.70 -5.43 -14.03
N SER A 65 2.58 -6.03 -12.84
CA SER A 65 3.40 -7.17 -12.42
C SER A 65 2.62 -8.38 -11.86
N GLY A 66 1.50 -8.14 -11.16
CA GLY A 66 0.53 -9.13 -10.70
C GLY A 66 0.77 -9.67 -9.30
N ASP A 67 2.04 -9.65 -8.89
CA ASP A 67 2.54 -10.30 -7.67
C ASP A 67 1.96 -9.70 -6.37
N SER A 68 1.98 -8.37 -6.24
CA SER A 68 1.32 -7.56 -5.22
C SER A 68 1.38 -6.08 -5.53
N ALA A 69 0.60 -5.25 -4.81
CA ALA A 69 0.55 -3.79 -4.99
C ALA A 69 1.91 -3.09 -4.77
N PHE A 70 2.83 -3.77 -4.07
CA PHE A 70 4.20 -3.40 -3.74
C PHE A 70 5.09 -4.67 -3.89
N VAL A 71 6.40 -4.50 -4.12
CA VAL A 71 7.37 -5.53 -4.50
C VAL A 71 7.68 -6.53 -3.38
N SER A 72 8.10 -6.02 -2.21
CA SER A 72 8.36 -6.77 -0.97
C SER A 72 8.83 -5.86 0.15
N PHE A 73 9.93 -5.14 -0.07
CA PHE A 73 10.53 -4.20 0.89
C PHE A 73 10.73 -2.81 0.27
N GLU A 74 11.43 -2.70 -0.86
CA GLU A 74 11.84 -1.39 -1.40
C GLU A 74 10.61 -0.54 -1.74
N GLN A 75 9.70 -1.14 -2.52
CA GLN A 75 8.43 -0.52 -2.86
C GLN A 75 7.53 -0.39 -1.64
N GLN A 76 7.46 -1.40 -0.75
CA GLN A 76 6.66 -1.38 0.48
C GLN A 76 7.00 -0.15 1.32
N THR A 77 8.26 0.04 1.62
CA THR A 77 8.78 1.16 2.39
C THR A 77 8.54 2.48 1.69
N ALA A 78 8.75 2.57 0.37
CA ALA A 78 8.39 3.78 -0.37
C ALA A 78 6.88 4.04 -0.39
N MET A 79 6.04 3.05 -0.67
CA MET A 79 4.58 3.14 -0.70
C MET A 79 4.05 3.56 0.65
N LEU A 80 4.65 3.08 1.75
CA LEU A 80 4.28 3.46 3.09
C LEU A 80 4.74 4.87 3.47
N GLN A 81 6.00 5.20 3.18
CA GLN A 81 6.51 6.59 3.33
C GLN A 81 5.66 7.58 2.51
N ASN A 82 5.32 7.21 1.28
CA ASN A 82 4.48 7.97 0.36
C ASN A 82 3.04 8.09 0.88
N MET A 83 2.49 6.99 1.41
CA MET A 83 1.17 6.93 2.03
C MET A 83 1.09 7.91 3.18
N LEU A 84 2.08 7.92 4.09
CA LEU A 84 2.17 8.86 5.20
C LEU A 84 2.41 10.31 4.76
N ALA A 85 3.16 10.52 3.68
CA ALA A 85 3.39 11.84 3.10
C ALA A 85 2.10 12.45 2.51
N LYS A 86 1.15 11.63 2.04
CA LYS A 86 -0.13 12.09 1.48
C LYS A 86 -1.16 12.47 2.54
N VAL A 87 -1.39 11.61 3.53
CA VAL A 87 -2.35 11.79 4.64
C VAL A 87 -1.94 12.90 5.61
N GLU A 88 -2.92 13.42 6.36
CA GLU A 88 -2.73 14.34 7.46
C GLU A 88 -2.22 13.60 8.72
N PRO A 89 -1.01 13.88 9.23
CA PRO A 89 -0.49 13.42 10.54
C PRO A 89 -1.50 13.31 11.70
N GLY A 90 -2.38 14.30 11.84
CA GLY A 90 -3.38 14.39 12.92
C GLY A 90 -4.36 13.21 13.01
N THR A 91 -4.68 12.58 11.88
CA THR A 91 -5.71 11.53 11.76
C THR A 91 -5.33 10.18 12.37
N HIS A 92 -6.36 9.37 12.64
CA HIS A 92 -6.19 7.97 12.97
C HIS A 92 -5.80 7.16 11.72
N LEU A 93 -6.17 7.64 10.52
CA LEU A 93 -5.73 7.06 9.25
C LEU A 93 -4.21 7.02 9.17
N TYR A 94 -3.54 8.16 9.42
CA TYR A 94 -2.08 8.25 9.46
C TYR A 94 -1.49 7.14 10.35
N GLU A 95 -2.09 6.94 11.52
CA GLU A 95 -1.73 5.89 12.46
C GLU A 95 -2.05 4.47 11.96
N ALA A 96 -3.09 4.29 11.15
CA ALA A 96 -3.38 3.02 10.50
C ALA A 96 -2.25 2.66 9.55
N LEU A 97 -1.77 3.62 8.73
CA LEU A 97 -0.65 3.40 7.83
C LEU A 97 0.65 3.13 8.59
N ASN A 98 0.91 3.87 9.68
CA ASN A 98 2.03 3.64 10.58
C ASN A 98 1.97 2.21 11.15
N GLY A 99 0.79 1.79 11.60
CA GLY A 99 0.55 0.51 12.23
C GLY A 99 0.64 -0.65 11.24
N VAL A 100 0.11 -0.51 10.02
CA VAL A 100 0.31 -1.52 8.99
C VAL A 100 1.74 -1.58 8.47
N LEU A 101 2.47 -0.46 8.36
CA LEU A 101 3.89 -0.47 8.04
C LEU A 101 4.66 -1.30 9.08
N VAL A 102 4.45 -0.99 10.35
CA VAL A 102 5.08 -1.61 11.53
C VAL A 102 4.73 -3.09 11.67
N GLY A 103 3.45 -3.43 11.51
CA GLY A 103 2.93 -4.79 11.65
C GLY A 103 3.22 -5.68 10.44
N SER A 104 3.09 -5.15 9.22
CA SER A 104 3.52 -5.82 7.98
C SER A 104 5.03 -6.06 8.00
N MET A 105 5.84 -5.08 8.43
CA MET A 105 7.28 -5.26 8.64
C MET A 105 7.61 -6.35 9.67
N ASN A 106 6.91 -6.41 10.81
CA ASN A 106 7.08 -7.47 11.80
C ASN A 106 6.67 -8.86 11.26
N ALA A 107 5.60 -8.92 10.45
CA ALA A 107 5.16 -10.14 9.77
C ALA A 107 6.19 -10.64 8.75
N GLN A 108 6.92 -9.72 8.10
CA GLN A 108 8.02 -10.03 7.18
C GLN A 108 9.31 -10.45 7.92
N SER A 109 9.68 -9.78 9.02
CA SER A 109 10.88 -10.09 9.80
C SER A 109 10.77 -11.42 10.59
N GLN A 110 9.60 -11.64 11.19
CA GLN A 110 9.06 -12.80 11.94
C GLN A 110 9.92 -13.56 12.98
N MET A 111 11.22 -13.73 12.79
CA MET A 111 12.08 -14.63 13.60
C MET A 111 12.14 -14.29 15.09
N THR A 112 11.94 -13.02 15.46
CA THR A 112 11.80 -12.53 16.84
C THR A 112 10.62 -13.20 17.55
N SER A 113 9.44 -12.97 16.99
CA SER A 113 8.15 -13.52 17.40
C SER A 113 8.12 -15.06 17.33
N TRP A 114 8.85 -15.63 16.37
CA TRP A 114 8.90 -17.07 16.12
C TRP A 114 9.46 -17.88 17.28
N MET A 115 10.26 -17.26 18.16
CA MET A 115 10.83 -17.88 19.36
C MET A 115 9.79 -18.41 20.38
N GLN A 116 8.50 -18.09 20.21
CA GLN A 116 7.38 -18.67 20.95
C GLN A 116 6.36 -19.40 20.05
N GLU A 117 6.45 -19.25 18.73
CA GLU A 117 5.69 -20.04 17.76
C GLU A 117 6.27 -21.45 17.64
N ILE A 118 7.61 -21.58 17.62
CA ILE A 118 8.38 -22.80 17.57
C ILE A 118 7.97 -23.85 18.60
N ILE A 119 7.61 -23.38 19.79
CA ILE A 119 7.10 -24.16 20.92
C ILE A 119 5.85 -24.98 20.51
N LEU A 120 4.94 -24.37 19.75
CA LEU A 120 3.73 -24.99 19.20
C LEU A 120 4.05 -25.78 17.91
N SER A 121 4.97 -25.29 17.07
CA SER A 121 5.38 -25.94 15.81
C SER A 121 6.01 -27.33 16.00
N GLY A 122 6.78 -27.53 17.08
CA GLY A 122 7.38 -28.82 17.45
C GLY A 122 8.82 -28.75 17.95
N GLY A 123 9.30 -27.59 18.43
CA GLY A 123 10.65 -27.39 18.97
C GLY A 123 10.97 -28.21 20.23
N GLU A 124 12.24 -28.21 20.63
CA GLU A 124 12.81 -28.99 21.74
C GLU A 124 13.69 -28.11 22.66
N ASN A 125 13.43 -26.79 22.66
CA ASN A 125 14.04 -25.79 23.53
C ASN A 125 13.85 -26.07 25.04
N LYS A 126 14.69 -25.43 25.87
CA LYS A 126 14.55 -25.37 27.33
C LYS A 126 13.23 -24.74 27.79
N GLU A 127 12.90 -24.93 29.07
CA GLU A 127 11.80 -24.29 29.77
C GLU A 127 12.14 -24.03 31.25
N ALA A 128 12.75 -25.02 31.93
CA ALA A 128 13.34 -24.86 33.26
C ALA A 128 14.52 -23.86 33.27
N ILE A 129 14.74 -23.21 34.42
CA ILE A 129 15.66 -22.09 34.60
C ILE A 129 17.12 -22.39 34.21
N ASP A 130 17.71 -23.41 34.82
CA ASP A 130 19.13 -23.77 34.70
C ASP A 130 19.44 -25.25 35.05
N TRP A 131 18.42 -26.10 35.15
CA TRP A 131 18.50 -27.48 35.69
C TRP A 131 17.67 -28.49 34.87
N VAL A 4 -37.21 52.48 -44.46
CA VAL A 4 -35.80 52.04 -44.35
C VAL A 4 -35.46 51.66 -42.91
N SER A 5 -34.57 50.68 -42.74
CA SER A 5 -34.10 50.16 -41.44
C SER A 5 -32.71 49.50 -41.56
N LEU A 6 -32.08 49.22 -40.43
CA LEU A 6 -30.75 48.58 -40.31
C LEU A 6 -30.66 47.78 -38.99
N SER A 7 -29.96 46.64 -39.03
CA SER A 7 -29.74 45.73 -37.88
C SER A 7 -28.33 45.11 -37.91
N ALA A 8 -27.91 44.52 -36.79
CA ALA A 8 -26.62 43.85 -36.60
C ALA A 8 -26.77 42.61 -35.68
N ARG A 9 -25.73 41.78 -35.60
CA ARG A 9 -25.69 40.52 -34.83
C ARG A 9 -24.38 40.36 -34.04
N ALA A 10 -24.45 39.65 -32.92
CA ALA A 10 -23.34 39.38 -32.00
C ALA A 10 -23.61 38.10 -31.16
N ALA A 11 -22.65 37.72 -30.30
CA ALA A 11 -22.78 36.63 -29.33
C ALA A 11 -22.10 37.01 -27.99
N MET A 12 -22.70 36.56 -26.88
CA MET A 12 -22.35 36.97 -25.50
C MET A 12 -22.25 35.78 -24.52
N LEU A 13 -22.08 34.55 -25.04
CA LEU A 13 -22.09 33.30 -24.28
C LEU A 13 -21.07 32.30 -24.86
N ASN A 14 -20.54 31.41 -24.00
CA ASN A 14 -19.58 30.36 -24.36
C ASN A 14 -19.84 29.10 -23.50
N ASN A 15 -19.56 27.91 -24.04
CA ASN A 15 -19.83 26.60 -23.41
C ASN A 15 -18.66 25.60 -23.62
N MET A 16 -17.46 26.07 -23.94
CA MET A 16 -16.26 25.23 -24.11
C MET A 16 -15.75 24.68 -22.76
N ASP A 17 -15.01 23.56 -22.83
CA ASP A 17 -14.40 22.88 -21.67
C ASP A 17 -13.11 22.14 -22.08
N SER A 18 -12.16 22.01 -21.15
CA SER A 18 -10.87 21.32 -21.35
C SER A 18 -10.29 20.81 -20.02
N ALA A 19 -9.37 19.83 -20.08
CA ALA A 19 -8.68 19.25 -18.93
C ALA A 19 -7.26 18.76 -19.31
N PRO A 20 -6.30 18.76 -18.37
CA PRO A 20 -4.93 18.28 -18.61
C PRO A 20 -4.84 16.75 -18.71
N LEU A 21 -3.73 16.25 -19.27
CA LEU A 21 -3.40 14.83 -19.39
C LEU A 21 -1.87 14.61 -19.36
N SER A 22 -1.42 13.57 -18.64
CA SER A 22 -0.02 13.18 -18.51
C SER A 22 0.12 11.65 -18.44
N ASN A 23 1.16 11.09 -19.07
CA ASN A 23 1.46 9.66 -19.06
C ASN A 23 1.83 9.13 -17.66
N GLY A 24 1.56 7.85 -17.41
CA GLY A 24 1.90 7.16 -16.15
C GLY A 24 1.20 5.81 -15.99
N GLY A 25 1.43 5.16 -14.85
CA GLY A 25 0.77 3.90 -14.45
C GLY A 25 0.97 3.51 -12.98
N ASP A 26 2.03 3.98 -12.31
CA ASP A 26 2.14 3.86 -10.86
C ASP A 26 1.04 4.72 -10.21
N VAL A 27 0.76 5.86 -10.87
CA VAL A 27 -0.36 6.78 -10.63
C VAL A 27 -1.66 6.02 -10.42
N ASP A 28 -2.03 5.18 -11.40
CA ASP A 28 -3.26 4.39 -11.36
C ASP A 28 -3.38 3.61 -10.06
N LEU A 29 -2.35 2.81 -9.70
CA LEU A 29 -2.30 2.09 -8.43
C LEU A 29 -2.47 3.05 -7.24
N TYR A 30 -1.59 4.04 -7.13
CA TYR A 30 -1.51 4.93 -5.97
C TYR A 30 -2.82 5.64 -5.73
N ASP A 31 -3.28 6.42 -6.71
CA ASP A 31 -4.53 7.18 -6.59
C ASP A 31 -5.75 6.27 -6.34
N ALA A 32 -5.86 5.11 -7.01
CA ALA A 32 -6.93 4.16 -6.76
C ALA A 32 -6.93 3.62 -5.32
N PHE A 33 -5.76 3.18 -4.87
CA PHE A 33 -5.52 2.68 -3.52
C PHE A 33 -5.75 3.74 -2.44
N TYR A 34 -5.23 4.93 -2.70
CA TYR A 34 -5.39 6.10 -1.90
C TYR A 34 -6.89 6.43 -1.72
N GLN A 35 -7.68 6.27 -2.79
CA GLN A 35 -9.15 6.34 -2.71
C GLN A 35 -9.76 5.19 -1.89
N ARG A 36 -9.16 3.98 -1.91
CA ARG A 36 -9.53 2.88 -1.01
C ARG A 36 -9.32 3.23 0.48
N LEU A 37 -8.29 4.03 0.81
CA LEU A 37 -8.06 4.54 2.16
C LEU A 37 -9.24 5.38 2.65
N LEU A 38 -9.49 6.46 1.90
CA LEU A 38 -10.48 7.51 2.12
C LEU A 38 -11.97 7.06 2.12
N ALA A 39 -12.25 5.79 1.82
CA ALA A 39 -13.60 5.22 1.72
C ALA A 39 -14.36 5.09 3.06
N LEU A 40 -13.64 4.92 4.17
CA LEU A 40 -14.17 4.55 5.49
C LEU A 40 -14.00 5.61 6.61
N PRO A 41 -12.85 6.30 6.73
CA PRO A 41 -12.52 7.12 7.90
C PRO A 41 -13.61 8.11 8.35
N GLU A 42 -14.09 7.97 9.60
CA GLU A 42 -15.10 8.84 10.20
C GLU A 42 -15.01 8.88 11.74
N SER A 43 -15.00 7.71 12.41
CA SER A 43 -15.06 7.60 13.88
C SER A 43 -13.74 7.94 14.61
N ALA A 44 -12.61 7.90 13.90
CA ALA A 44 -11.24 7.99 14.41
C ALA A 44 -10.90 6.99 15.54
N SER A 45 -11.66 5.89 15.61
CA SER A 45 -11.56 4.78 16.57
C SER A 45 -12.09 3.49 15.92
N SER A 46 -11.29 2.89 15.03
CA SER A 46 -11.64 1.81 14.14
C SER A 46 -10.38 1.17 13.56
N GLU A 47 -9.73 0.31 14.34
CA GLU A 47 -8.62 -0.56 13.88
C GLU A 47 -8.99 -1.37 12.61
N THR A 48 -10.28 -1.58 12.40
CA THR A 48 -10.87 -2.13 11.18
C THR A 48 -10.40 -1.39 9.92
N LEU A 49 -10.04 -0.09 10.03
CA LEU A 49 -9.37 0.67 8.98
C LEU A 49 -7.99 0.11 8.64
N LYS A 50 -7.10 -0.13 9.63
CA LYS A 50 -5.80 -0.79 9.42
C LYS A 50 -5.97 -2.18 8.82
N ASP A 51 -6.97 -2.94 9.27
CA ASP A 51 -7.18 -4.28 8.71
C ASP A 51 -7.78 -4.25 7.29
N SER A 52 -8.59 -3.23 6.97
CA SER A 52 -9.06 -2.97 5.59
C SER A 52 -7.90 -2.53 4.70
N ILE A 53 -7.00 -1.68 5.20
CA ILE A 53 -5.75 -1.29 4.54
C ILE A 53 -4.90 -2.53 4.23
N TYR A 54 -4.74 -3.43 5.21
CA TYR A 54 -4.04 -4.71 5.02
C TYR A 54 -4.68 -5.56 3.91
N GLN A 55 -6.01 -5.68 3.94
CA GLN A 55 -6.76 -6.48 2.97
C GLN A 55 -6.62 -5.90 1.55
N GLU A 56 -6.70 -4.58 1.41
CA GLU A 56 -6.51 -3.86 0.15
C GLU A 56 -5.08 -4.03 -0.38
N MET A 57 -4.08 -3.80 0.46
CA MET A 57 -2.66 -4.03 0.20
C MET A 57 -2.37 -5.45 -0.29
N ASN A 58 -3.06 -6.44 0.27
CA ASN A 58 -2.98 -7.85 -0.08
C ASN A 58 -3.77 -8.27 -1.34
N ALA A 59 -4.77 -7.50 -1.80
CA ALA A 59 -5.74 -7.94 -2.80
C ALA A 59 -6.03 -7.04 -4.00
N PHE A 60 -5.68 -5.75 -3.98
CA PHE A 60 -5.72 -4.86 -5.12
C PHE A 60 -5.14 -5.47 -6.41
N LYS A 61 -4.12 -6.30 -6.18
CA LYS A 61 -3.32 -7.10 -7.08
C LYS A 61 -3.11 -6.42 -8.44
N ASP A 62 -2.31 -5.38 -8.31
CA ASP A 62 -2.01 -4.32 -9.30
C ASP A 62 -2.26 -4.71 -10.77
N PRO A 63 -3.42 -4.39 -11.38
CA PRO A 63 -3.75 -4.68 -12.78
C PRO A 63 -2.66 -4.36 -13.81
N ASN A 64 -1.94 -3.26 -13.59
CA ASN A 64 -0.82 -2.77 -14.39
C ASN A 64 0.36 -3.76 -14.50
N SER A 65 0.49 -4.66 -13.52
CA SER A 65 1.52 -5.70 -13.42
C SER A 65 0.94 -7.12 -13.21
N GLY A 66 0.32 -7.40 -12.06
CA GLY A 66 -0.47 -8.60 -11.75
C GLY A 66 -0.15 -9.26 -10.41
N ASP A 67 1.13 -9.26 -10.04
CA ASP A 67 1.67 -10.03 -8.92
C ASP A 67 1.14 -9.62 -7.53
N SER A 68 1.11 -8.32 -7.24
CA SER A 68 0.67 -7.68 -6.01
C SER A 68 0.69 -6.15 -6.08
N ALA A 69 0.14 -5.50 -5.05
CA ALA A 69 0.17 -4.04 -4.89
C ALA A 69 1.54 -3.51 -4.41
N PHE A 70 2.29 -4.34 -3.66
CA PHE A 70 3.65 -4.06 -3.20
C PHE A 70 4.51 -5.36 -3.20
N VAL A 71 5.83 -5.23 -3.35
CA VAL A 71 6.79 -6.34 -3.55
C VAL A 71 7.14 -7.08 -2.25
N SER A 72 7.65 -6.36 -1.24
CA SER A 72 8.04 -6.88 0.08
C SER A 72 8.52 -5.75 0.98
N PHE A 73 9.64 -5.13 0.61
CA PHE A 73 10.32 -4.05 1.29
C PHE A 73 10.44 -2.78 0.46
N GLU A 74 10.99 -2.80 -0.76
CA GLU A 74 11.33 -1.56 -1.48
C GLU A 74 10.08 -0.73 -1.79
N GLN A 75 9.13 -1.38 -2.46
CA GLN A 75 7.85 -0.81 -2.85
C GLN A 75 6.97 -0.55 -1.63
N GLN A 76 7.05 -1.45 -0.65
CA GLN A 76 6.28 -1.37 0.59
C GLN A 76 6.68 -0.13 1.40
N THR A 77 7.96 0.07 1.65
CA THR A 77 8.46 1.19 2.42
C THR A 77 8.28 2.49 1.66
N ALA A 78 8.53 2.54 0.34
CA ALA A 78 8.17 3.71 -0.43
C ALA A 78 6.67 3.98 -0.46
N MET A 79 5.82 2.94 -0.59
CA MET A 79 4.38 3.07 -0.44
C MET A 79 4.05 3.75 0.87
N LEU A 80 4.56 3.21 1.96
CA LEU A 80 4.17 3.60 3.30
C LEU A 80 4.70 4.98 3.67
N GLN A 81 5.94 5.29 3.32
CA GLN A 81 6.49 6.64 3.41
C GLN A 81 5.68 7.63 2.55
N ASN A 82 5.34 7.26 1.31
CA ASN A 82 4.50 8.05 0.40
C ASN A 82 3.08 8.25 0.99
N MET A 83 2.51 7.19 1.56
CA MET A 83 1.18 7.11 2.15
C MET A 83 1.08 8.07 3.34
N LEU A 84 2.06 8.04 4.25
CA LEU A 84 2.15 8.97 5.38
C LEU A 84 2.44 10.41 4.95
N ALA A 85 3.19 10.61 3.87
CA ALA A 85 3.41 11.93 3.27
C ALA A 85 2.12 12.53 2.66
N LYS A 86 1.20 11.69 2.16
CA LYS A 86 -0.07 12.12 1.55
C LYS A 86 -1.15 12.50 2.57
N VAL A 87 -1.40 11.64 3.55
CA VAL A 87 -2.35 11.87 4.67
C VAL A 87 -1.92 13.01 5.58
N GLU A 88 -2.89 13.53 6.32
CA GLU A 88 -2.75 14.48 7.42
C GLU A 88 -1.80 13.97 8.54
N PRO A 89 -1.38 14.85 9.45
CA PRO A 89 -0.31 14.57 10.42
C PRO A 89 -0.61 13.56 11.53
N GLY A 90 -1.88 13.45 11.93
CA GLY A 90 -2.26 12.67 13.13
C GLY A 90 -3.70 12.14 13.17
N THR A 91 -4.29 11.86 12.01
CA THR A 91 -5.56 11.15 11.90
C THR A 91 -5.44 9.69 12.32
N HIS A 92 -6.57 9.04 12.59
CA HIS A 92 -6.58 7.59 12.75
C HIS A 92 -6.16 6.86 11.46
N LEU A 93 -6.40 7.49 10.29
CA LEU A 93 -5.87 7.02 9.02
C LEU A 93 -4.33 6.97 9.07
N TYR A 94 -3.68 8.08 9.40
CA TYR A 94 -2.23 8.17 9.57
C TYR A 94 -1.72 7.05 10.50
N GLU A 95 -2.41 6.85 11.62
CA GLU A 95 -2.10 5.80 12.59
C GLU A 95 -2.24 4.39 11.98
N ALA A 96 -3.24 4.17 11.10
CA ALA A 96 -3.47 2.89 10.45
C ALA A 96 -2.33 2.57 9.48
N LEU A 97 -1.87 3.55 8.70
CA LEU A 97 -0.74 3.39 7.79
C LEU A 97 0.55 3.10 8.55
N ASN A 98 0.81 3.81 9.65
CA ASN A 98 1.97 3.55 10.51
C ASN A 98 1.91 2.13 11.09
N GLY A 99 0.72 1.72 11.56
CA GLY A 99 0.51 0.42 12.18
C GLY A 99 0.66 -0.72 11.18
N VAL A 100 0.14 -0.58 9.95
CA VAL A 100 0.39 -1.58 8.92
C VAL A 100 1.82 -1.59 8.42
N LEU A 101 2.53 -0.45 8.31
CA LEU A 101 3.95 -0.42 7.97
C LEU A 101 4.75 -1.27 8.97
N VAL A 102 4.53 -0.97 10.26
CA VAL A 102 5.17 -1.57 11.42
C VAL A 102 4.84 -3.07 11.56
N GLY A 103 3.57 -3.43 11.38
CA GLY A 103 3.11 -4.81 11.52
C GLY A 103 3.44 -5.68 10.30
N SER A 104 3.32 -5.15 9.07
CA SER A 104 3.80 -5.78 7.84
C SER A 104 5.32 -6.04 7.91
N MET A 105 6.10 -5.05 8.38
CA MET A 105 7.54 -5.20 8.60
C MET A 105 7.86 -6.30 9.64
N ASN A 106 7.17 -6.32 10.78
CA ASN A 106 7.36 -7.32 11.83
C ASN A 106 6.95 -8.73 11.39
N ALA A 107 5.89 -8.85 10.58
CA ALA A 107 5.45 -10.11 9.99
C ALA A 107 6.48 -10.68 9.00
N GLN A 108 7.09 -9.81 8.19
CA GLN A 108 8.12 -10.19 7.23
C GLN A 108 9.48 -10.54 7.88
N SER A 109 9.88 -9.82 8.94
CA SER A 109 11.16 -10.03 9.62
C SER A 109 11.28 -11.42 10.30
N GLN A 110 10.16 -11.92 10.84
CA GLN A 110 9.98 -13.29 11.37
C GLN A 110 11.07 -13.75 12.37
N MET A 111 11.25 -15.07 12.53
CA MET A 111 12.11 -15.76 13.50
C MET A 111 12.93 -16.91 12.86
N THR A 112 12.91 -17.01 11.53
CA THR A 112 13.42 -18.08 10.69
C THR A 112 14.91 -18.36 10.90
N SER A 113 15.69 -17.31 10.73
CA SER A 113 17.16 -17.33 10.79
C SER A 113 17.68 -17.82 12.15
N TRP A 114 16.93 -17.53 13.22
CA TRP A 114 17.22 -17.98 14.58
C TRP A 114 17.25 -19.51 14.73
N MET A 115 16.50 -20.23 13.90
CA MET A 115 16.49 -21.71 13.84
C MET A 115 17.83 -22.33 13.40
N GLN A 116 18.81 -21.52 12.98
CA GLN A 116 20.18 -21.90 12.68
C GLN A 116 21.22 -21.29 13.65
N GLU A 117 20.82 -20.35 14.52
CA GLU A 117 21.64 -19.80 15.59
C GLU A 117 21.61 -20.70 16.84
N ILE A 118 20.44 -21.27 17.13
CA ILE A 118 20.14 -22.23 18.20
C ILE A 118 20.95 -23.54 18.17
N ILE A 119 21.38 -23.93 16.96
CA ILE A 119 22.08 -25.21 16.67
C ILE A 119 23.36 -25.41 17.50
N LEU A 120 23.56 -26.68 17.95
CA LEU A 120 24.71 -27.25 18.67
C LEU A 120 24.99 -26.68 20.06
N SER A 121 25.24 -27.59 21.01
CA SER A 121 25.65 -27.38 22.39
C SER A 121 26.41 -28.61 22.91
N GLY A 122 27.16 -28.45 24.01
CA GLY A 122 27.92 -29.55 24.64
C GLY A 122 28.66 -29.15 25.93
N GLY A 123 29.32 -30.13 26.55
CA GLY A 123 30.10 -29.97 27.79
C GLY A 123 30.80 -31.27 28.23
N GLU A 124 31.63 -31.18 29.26
CA GLU A 124 32.48 -32.26 29.77
C GLU A 124 32.72 -32.15 31.30
N ASN A 125 31.67 -31.82 32.05
CA ASN A 125 31.70 -31.64 33.51
C ASN A 125 32.25 -32.89 34.26
N LYS A 126 33.02 -32.66 35.33
CA LYS A 126 33.67 -33.67 36.16
C LYS A 126 32.70 -34.65 36.85
N GLU A 127 33.23 -35.80 37.26
CA GLU A 127 32.55 -36.78 38.10
C GLU A 127 32.12 -36.23 39.48
N ALA A 128 31.11 -36.87 40.10
CA ALA A 128 30.49 -36.46 41.36
C ALA A 128 29.98 -37.67 42.19
N ILE A 129 30.71 -38.78 42.15
CA ILE A 129 30.39 -40.07 42.77
C ILE A 129 30.22 -40.05 44.30
N ASP A 130 29.86 -41.21 44.84
CA ASP A 130 29.42 -41.42 46.23
C ASP A 130 30.51 -41.34 47.31
N TRP A 131 31.80 -41.28 46.94
CA TRP A 131 32.96 -41.29 47.84
C TRP A 131 34.12 -40.44 47.30
N VAL A 4 -22.10 -2.63 -77.10
CA VAL A 4 -23.01 -1.95 -76.17
C VAL A 4 -22.22 -1.32 -75.00
N SER A 5 -22.85 -0.38 -74.27
CA SER A 5 -22.33 0.16 -73.01
C SER A 5 -22.31 -0.88 -71.87
N LEU A 6 -21.56 -0.60 -70.80
CA LEU A 6 -21.40 -1.47 -69.63
C LEU A 6 -21.22 -0.62 -68.36
N SER A 7 -22.01 -0.91 -67.32
CA SER A 7 -21.96 -0.27 -66.00
C SER A 7 -22.41 -1.24 -64.90
N ALA A 8 -22.13 -0.91 -63.63
CA ALA A 8 -22.41 -1.74 -62.46
C ALA A 8 -22.68 -0.91 -61.18
N ARG A 9 -23.26 -1.56 -60.16
CA ARG A 9 -23.58 -0.99 -58.83
C ARG A 9 -23.62 -2.08 -57.76
N ALA A 10 -23.38 -1.71 -56.49
CA ALA A 10 -23.42 -2.62 -55.34
C ALA A 10 -23.83 -1.89 -54.04
N ALA A 11 -24.26 -2.67 -53.04
CA ALA A 11 -24.59 -2.20 -51.69
C ALA A 11 -23.33 -1.86 -50.85
N MET A 12 -23.55 -1.40 -49.61
CA MET A 12 -22.52 -1.16 -48.58
C MET A 12 -23.02 -1.58 -47.19
N LEU A 13 -22.10 -1.73 -46.23
CA LEU A 13 -22.36 -2.27 -44.89
C LEU A 13 -22.06 -1.25 -43.79
N ASN A 14 -22.69 -1.43 -42.62
CA ASN A 14 -22.59 -0.54 -41.45
C ASN A 14 -22.52 -1.32 -40.11
N ASN A 15 -22.21 -2.62 -40.16
CA ASN A 15 -22.10 -3.50 -38.98
C ASN A 15 -20.89 -3.11 -38.09
N MET A 16 -21.02 -3.32 -36.78
CA MET A 16 -20.01 -2.99 -35.75
C MET A 16 -20.02 -4.00 -34.60
N ASP A 17 -18.91 -4.08 -33.86
CA ASP A 17 -18.73 -4.89 -32.65
C ASP A 17 -17.82 -4.17 -31.64
N SER A 18 -17.93 -4.51 -30.35
CA SER A 18 -17.13 -3.92 -29.26
C SER A 18 -15.63 -4.21 -29.41
N ALA A 19 -14.81 -3.17 -29.52
CA ALA A 19 -13.35 -3.26 -29.50
C ALA A 19 -12.81 -3.72 -28.13
N PRO A 20 -11.63 -4.37 -28.06
CA PRO A 20 -10.98 -4.72 -26.79
C PRO A 20 -10.48 -3.46 -26.05
N LEU A 21 -10.43 -3.51 -24.71
CA LEU A 21 -10.03 -2.42 -23.82
C LEU A 21 -9.23 -2.96 -22.61
N SER A 22 -8.43 -2.08 -22.00
CA SER A 22 -7.61 -2.34 -20.81
C SER A 22 -7.34 -1.03 -20.02
N ASN A 23 -6.81 -1.15 -18.81
CA ASN A 23 -6.41 -0.04 -17.95
C ASN A 23 -5.23 -0.43 -17.03
N GLY A 24 -4.40 0.56 -16.68
CA GLY A 24 -3.28 0.42 -15.74
C GLY A 24 -2.37 1.65 -15.70
N GLY A 25 -1.51 1.72 -14.69
CA GLY A 25 -0.54 2.80 -14.46
C GLY A 25 -0.03 2.83 -13.03
N ASP A 26 1.06 3.55 -12.78
CA ASP A 26 1.53 3.81 -11.41
C ASP A 26 0.58 4.77 -10.70
N VAL A 27 0.11 5.78 -11.47
CA VAL A 27 -0.97 6.70 -11.12
C VAL A 27 -2.22 5.93 -10.73
N ASP A 28 -2.69 5.08 -11.65
CA ASP A 28 -3.90 4.28 -11.49
C ASP A 28 -3.89 3.49 -10.18
N LEU A 29 -2.80 2.75 -9.90
CA LEU A 29 -2.62 2.05 -8.62
C LEU A 29 -2.78 3.01 -7.45
N TYR A 30 -1.92 4.03 -7.39
CA TYR A 30 -1.81 4.92 -6.24
C TYR A 30 -3.11 5.62 -5.98
N ASP A 31 -3.64 6.38 -6.94
CA ASP A 31 -4.90 7.10 -6.75
C ASP A 31 -6.05 6.15 -6.36
N ALA A 32 -6.16 4.95 -6.96
CA ALA A 32 -7.17 3.98 -6.60
C ALA A 32 -7.03 3.48 -5.14
N PHE A 33 -5.83 3.06 -4.78
CA PHE A 33 -5.46 2.62 -3.45
C PHE A 33 -5.68 3.70 -2.39
N TYR A 34 -5.25 4.91 -2.74
CA TYR A 34 -5.45 6.13 -1.99
C TYR A 34 -6.95 6.42 -1.80
N GLN A 35 -7.80 6.15 -2.79
CA GLN A 35 -9.26 6.18 -2.60
C GLN A 35 -9.75 5.10 -1.62
N ARG A 36 -9.10 3.92 -1.56
CA ARG A 36 -9.34 2.91 -0.52
C ARG A 36 -8.94 3.37 0.89
N LEU A 37 -7.90 4.21 1.01
CA LEU A 37 -7.45 4.78 2.28
C LEU A 37 -8.50 5.71 2.91
N LEU A 38 -8.85 6.75 2.16
CA LEU A 38 -9.71 7.90 2.47
C LEU A 38 -11.15 7.62 2.96
N ALA A 39 -11.48 6.38 3.35
CA ALA A 39 -12.76 5.96 3.90
C ALA A 39 -13.14 6.64 5.24
N LEU A 40 -12.15 6.95 6.09
CA LEU A 40 -12.29 7.55 7.42
C LEU A 40 -11.01 8.27 7.83
N PRO A 41 -11.13 9.42 8.54
CA PRO A 41 -9.95 10.03 9.12
C PRO A 41 -10.10 10.58 10.57
N GLU A 42 -11.32 10.75 11.09
CA GLU A 42 -11.58 11.48 12.35
C GLU A 42 -11.77 10.61 13.61
N SER A 43 -12.47 9.47 13.51
CA SER A 43 -12.92 8.66 14.65
C SER A 43 -11.81 7.94 15.43
N ALA A 44 -10.62 7.81 14.82
CA ALA A 44 -9.39 7.21 15.32
C ALA A 44 -9.51 5.72 15.76
N SER A 45 -10.57 5.05 15.33
CA SER A 45 -10.81 3.59 15.42
C SER A 45 -10.02 2.82 14.33
N SER A 46 -8.73 3.15 14.24
CA SER A 46 -7.73 2.83 13.21
C SER A 46 -7.51 1.36 12.92
N GLU A 47 -7.76 0.48 13.89
CA GLU A 47 -7.47 -0.96 13.80
C GLU A 47 -8.20 -1.61 12.60
N THR A 48 -9.49 -1.28 12.48
CA THR A 48 -10.39 -1.72 11.42
C THR A 48 -9.88 -1.28 10.04
N LEU A 49 -9.51 -0.01 9.90
CA LEU A 49 -8.95 0.51 8.65
C LEU A 49 -7.56 -0.05 8.36
N LYS A 50 -6.71 -0.31 9.36
CA LYS A 50 -5.44 -1.02 9.19
C LYS A 50 -5.64 -2.41 8.58
N ASP A 51 -6.63 -3.19 9.01
CA ASP A 51 -6.96 -4.42 8.29
C ASP A 51 -7.57 -4.20 6.89
N SER A 52 -8.43 -3.21 6.68
CA SER A 52 -8.86 -2.86 5.30
C SER A 52 -7.66 -2.54 4.39
N ILE A 53 -6.70 -1.74 4.88
CA ILE A 53 -5.44 -1.40 4.24
C ILE A 53 -4.61 -2.65 3.97
N TYR A 54 -4.53 -3.58 4.92
CA TYR A 54 -3.86 -4.89 4.75
C TYR A 54 -4.50 -5.73 3.64
N GLN A 55 -5.84 -5.81 3.61
CA GLN A 55 -6.53 -6.59 2.58
C GLN A 55 -6.33 -5.99 1.18
N GLU A 56 -6.34 -4.66 1.06
CA GLU A 56 -6.03 -3.98 -0.20
C GLU A 56 -4.56 -4.16 -0.61
N MET A 57 -3.62 -4.03 0.32
CA MET A 57 -2.18 -4.30 0.14
C MET A 57 -1.96 -5.67 -0.51
N ASN A 58 -2.69 -6.66 0.00
CA ASN A 58 -2.63 -8.05 -0.41
C ASN A 58 -3.41 -8.43 -1.70
N ALA A 59 -4.39 -7.64 -2.15
CA ALA A 59 -5.34 -8.05 -3.19
C ALA A 59 -5.74 -7.08 -4.31
N PHE A 60 -5.45 -5.78 -4.19
CA PHE A 60 -5.60 -4.82 -5.28
C PHE A 60 -5.01 -5.31 -6.62
N LYS A 61 -3.92 -6.08 -6.49
CA LYS A 61 -3.08 -6.75 -7.46
C LYS A 61 -2.79 -5.91 -8.72
N ASP A 62 -1.69 -5.18 -8.67
CA ASP A 62 -1.30 -4.16 -9.66
C ASP A 62 -1.48 -4.59 -11.14
N PRO A 63 -2.42 -3.99 -11.90
CA PRO A 63 -2.59 -4.22 -13.34
C PRO A 63 -1.30 -4.11 -14.17
N ASN A 64 -0.49 -3.08 -13.91
CA ASN A 64 0.72 -2.78 -14.65
C ASN A 64 1.80 -3.87 -14.49
N SER A 65 2.02 -4.34 -13.25
CA SER A 65 3.01 -5.38 -12.93
C SER A 65 2.54 -6.78 -13.32
N GLY A 66 1.26 -7.11 -13.05
CA GLY A 66 0.62 -8.39 -13.35
C GLY A 66 0.22 -9.18 -12.12
N ASP A 67 0.99 -9.03 -11.05
CA ASP A 67 0.90 -9.70 -9.77
C ASP A 67 0.52 -8.70 -8.66
N SER A 68 1.23 -8.68 -7.54
CA SER A 68 0.88 -7.94 -6.34
C SER A 68 0.99 -6.42 -6.48
N ALA A 69 0.18 -5.71 -5.69
CA ALA A 69 0.15 -4.24 -5.66
C ALA A 69 1.52 -3.63 -5.34
N PHE A 70 2.20 -4.23 -4.37
CA PHE A 70 3.52 -3.83 -3.88
C PHE A 70 4.36 -5.11 -3.68
N VAL A 71 5.66 -5.03 -3.98
CA VAL A 71 6.59 -6.17 -4.08
C VAL A 71 6.76 -7.00 -2.79
N SER A 72 6.47 -6.37 -1.64
CA SER A 72 6.41 -6.89 -0.24
C SER A 72 7.20 -5.99 0.71
N PHE A 73 8.32 -5.44 0.23
CA PHE A 73 9.21 -4.57 0.98
C PHE A 73 9.56 -3.24 0.30
N GLU A 74 10.32 -3.17 -0.78
CA GLU A 74 10.85 -1.89 -1.28
C GLU A 74 9.75 -0.90 -1.69
N GLN A 75 8.91 -1.34 -2.63
CA GLN A 75 7.77 -0.56 -3.14
C GLN A 75 6.76 -0.30 -2.04
N GLN A 76 6.56 -1.31 -1.20
CA GLN A 76 5.55 -1.35 -0.14
C GLN A 76 5.87 -0.35 0.96
N THR A 77 7.07 -0.40 1.52
CA THR A 77 7.56 0.50 2.55
C THR A 77 7.73 1.92 2.03
N ALA A 78 8.24 2.10 0.79
CA ALA A 78 8.24 3.42 0.17
C ALA A 78 6.83 3.97 0.01
N MET A 79 5.86 3.15 -0.43
CA MET A 79 4.45 3.53 -0.41
C MET A 79 3.99 3.97 0.96
N LEU A 80 4.28 3.15 1.95
CA LEU A 80 3.75 3.35 3.29
C LEU A 80 4.28 4.65 3.89
N GLN A 81 5.58 4.90 3.72
CA GLN A 81 6.22 6.20 4.03
C GLN A 81 5.67 7.35 3.17
N ASN A 82 5.46 7.12 1.86
CA ASN A 82 4.91 8.08 0.91
C ASN A 82 3.49 8.53 1.33
N MET A 83 2.65 7.58 1.74
CA MET A 83 1.30 7.83 2.19
C MET A 83 1.29 8.54 3.54
N LEU A 84 2.19 8.22 4.48
CA LEU A 84 2.37 9.02 5.69
C LEU A 84 2.79 10.47 5.43
N ALA A 85 3.61 10.69 4.39
CA ALA A 85 3.94 12.04 3.92
C ALA A 85 2.73 12.77 3.30
N LYS A 86 1.79 12.05 2.67
CA LYS A 86 0.60 12.61 2.01
C LYS A 86 -0.55 12.96 2.97
N VAL A 87 -0.89 12.06 3.91
CA VAL A 87 -1.93 12.20 4.94
C VAL A 87 -1.63 13.25 6.01
N GLU A 88 -2.66 13.64 6.76
CA GLU A 88 -2.60 14.45 7.96
C GLU A 88 -2.15 13.58 9.15
N PRO A 89 -1.05 13.93 9.84
CA PRO A 89 -0.68 13.30 11.12
C PRO A 89 -1.83 13.24 12.13
N GLY A 90 -1.73 12.28 13.05
CA GLY A 90 -2.67 12.11 14.18
C GLY A 90 -4.00 11.42 13.86
N THR A 91 -4.46 11.50 12.61
CA THR A 91 -5.73 10.92 12.13
C THR A 91 -5.83 9.41 12.28
N HIS A 92 -7.07 8.92 12.18
CA HIS A 92 -7.42 7.51 12.02
C HIS A 92 -6.62 6.93 10.85
N LEU A 93 -6.51 7.70 9.75
CA LEU A 93 -5.82 7.26 8.56
C LEU A 93 -4.33 7.09 8.83
N TYR A 94 -3.65 8.16 9.26
CA TYR A 94 -2.22 8.17 9.55
C TYR A 94 -1.85 7.00 10.49
N GLU A 95 -2.68 6.80 11.52
CA GLU A 95 -2.51 5.73 12.50
C GLU A 95 -2.66 4.34 11.86
N ALA A 96 -3.57 4.17 10.89
CA ALA A 96 -3.74 2.91 10.18
C ALA A 96 -2.50 2.60 9.31
N LEU A 97 -1.99 3.58 8.56
CA LEU A 97 -0.80 3.43 7.72
C LEU A 97 0.41 3.08 8.58
N ASN A 98 0.62 3.82 9.68
CA ASN A 98 1.73 3.57 10.60
C ASN A 98 1.65 2.16 11.16
N GLY A 99 0.45 1.71 11.56
CA GLY A 99 0.24 0.41 12.16
C GLY A 99 0.41 -0.74 11.16
N VAL A 100 0.02 -0.59 9.89
CA VAL A 100 0.35 -1.58 8.87
C VAL A 100 1.83 -1.56 8.47
N LEU A 101 2.48 -0.39 8.43
CA LEU A 101 3.90 -0.28 8.10
C LEU A 101 4.72 -1.05 9.16
N VAL A 102 4.48 -0.71 10.42
CA VAL A 102 5.05 -1.31 11.63
C VAL A 102 4.71 -2.79 11.75
N GLY A 103 3.44 -3.14 11.52
CA GLY A 103 2.92 -4.50 11.72
C GLY A 103 3.31 -5.46 10.59
N SER A 104 3.25 -5.01 9.34
CA SER A 104 3.79 -5.75 8.18
C SER A 104 5.30 -5.94 8.31
N MET A 105 6.04 -4.90 8.71
CA MET A 105 7.49 -4.99 8.98
C MET A 105 7.80 -6.00 10.09
N ASN A 106 7.03 -6.00 11.19
CA ASN A 106 7.17 -6.96 12.28
C ASN A 106 6.83 -8.39 11.85
N ALA A 107 5.79 -8.58 11.04
CA ALA A 107 5.37 -9.87 10.50
C ALA A 107 6.43 -10.48 9.57
N GLN A 108 7.07 -9.65 8.73
CA GLN A 108 8.17 -10.06 7.85
C GLN A 108 9.46 -10.36 8.64
N SER A 109 9.83 -9.49 9.58
CA SER A 109 11.11 -9.54 10.31
C SER A 109 11.15 -10.55 11.47
N GLN A 110 10.06 -10.67 12.23
CA GLN A 110 9.95 -11.38 13.49
C GLN A 110 8.86 -12.46 13.49
N MET A 111 8.87 -13.33 12.48
CA MET A 111 8.02 -14.53 12.39
C MET A 111 8.08 -15.43 13.63
N THR A 112 9.21 -15.40 14.35
CA THR A 112 9.48 -16.00 15.66
C THR A 112 8.52 -15.50 16.73
N SER A 113 8.55 -14.19 16.97
CA SER A 113 7.70 -13.45 17.91
C SER A 113 6.21 -13.60 17.57
N TRP A 114 5.89 -13.72 16.28
CA TRP A 114 4.55 -13.98 15.74
C TRP A 114 3.92 -15.29 16.22
N MET A 115 4.71 -16.24 16.71
CA MET A 115 4.19 -17.44 17.38
C MET A 115 3.25 -17.11 18.56
N GLN A 116 3.51 -16.02 19.29
CA GLN A 116 2.69 -15.51 20.38
C GLN A 116 1.34 -14.90 19.94
N GLU A 117 1.01 -14.96 18.64
CA GLU A 117 -0.20 -14.42 18.03
C GLU A 117 -0.89 -15.46 17.13
N ILE A 118 -0.11 -16.25 16.38
CA ILE A 118 -0.58 -17.44 15.65
C ILE A 118 -1.26 -18.47 16.56
N ILE A 119 -0.83 -18.56 17.83
CA ILE A 119 -1.48 -19.32 18.90
C ILE A 119 -2.76 -18.57 19.34
N LEU A 120 -3.83 -18.73 18.57
CA LEU A 120 -5.15 -18.13 18.81
C LEU A 120 -5.80 -18.58 20.14
N SER A 121 -6.76 -17.78 20.62
CA SER A 121 -7.57 -18.01 21.82
C SER A 121 -9.02 -17.53 21.62
N GLY A 122 -9.94 -18.03 22.44
CA GLY A 122 -11.38 -17.73 22.38
C GLY A 122 -12.19 -18.49 23.44
N GLY A 123 -13.53 -18.46 23.32
CA GLY A 123 -14.44 -19.19 24.21
C GLY A 123 -15.87 -19.33 23.69
N GLU A 124 -16.61 -20.29 24.25
CA GLU A 124 -17.97 -20.67 23.83
C GLU A 124 -19.06 -19.69 24.30
N ASN A 125 -18.73 -18.74 25.17
CA ASN A 125 -19.62 -17.74 25.77
C ASN A 125 -20.24 -16.72 24.79
N LYS A 126 -19.77 -16.66 23.54
CA LYS A 126 -20.26 -15.77 22.47
C LYS A 126 -21.77 -15.96 22.18
N GLU A 127 -22.41 -14.88 21.73
CA GLU A 127 -23.82 -14.84 21.34
C GLU A 127 -24.17 -15.75 20.14
N ALA A 128 -25.45 -16.09 20.00
CA ALA A 128 -25.98 -16.93 18.91
C ALA A 128 -25.77 -16.33 17.51
N ILE A 129 -25.77 -17.20 16.49
CA ILE A 129 -25.69 -16.87 15.06
C ILE A 129 -26.91 -16.07 14.59
N ASP A 130 -26.71 -15.39 13.46
CA ASP A 130 -27.68 -14.57 12.74
C ASP A 130 -27.43 -14.60 11.22
N TRP A 131 -28.48 -14.48 10.41
CA TRP A 131 -28.47 -14.60 8.95
C TRP A 131 -29.60 -13.80 8.27
N VAL A 4 40.03 -16.79 -61.24
CA VAL A 4 40.42 -15.50 -60.66
C VAL A 4 39.22 -14.79 -60.03
N SER A 5 39.46 -14.02 -58.97
CA SER A 5 38.46 -13.26 -58.20
C SER A 5 39.10 -12.09 -57.42
N LEU A 6 38.28 -11.28 -56.76
CA LEU A 6 38.67 -10.15 -55.91
C LEU A 6 37.90 -10.18 -54.58
N SER A 7 38.49 -9.60 -53.53
CA SER A 7 37.98 -9.68 -52.14
C SER A 7 38.23 -8.38 -51.36
N ALA A 8 37.43 -8.16 -50.31
CA ALA A 8 37.53 -7.05 -49.36
C ALA A 8 36.97 -7.46 -47.98
N ARG A 9 37.26 -6.65 -46.94
CA ARG A 9 36.81 -6.87 -45.55
C ARG A 9 36.59 -5.53 -44.83
N ALA A 10 35.61 -5.52 -43.91
CA ALA A 10 35.34 -4.44 -42.96
C ALA A 10 34.78 -5.02 -41.64
N ALA A 11 34.81 -4.24 -40.56
CA ALA A 11 34.34 -4.63 -39.24
C ALA A 11 33.85 -3.42 -38.41
N MET A 12 33.04 -3.70 -37.38
CA MET A 12 32.46 -2.72 -36.46
C MET A 12 32.10 -3.36 -35.10
N LEU A 13 31.83 -2.51 -34.09
CA LEU A 13 31.38 -2.92 -32.75
C LEU A 13 30.44 -1.83 -32.17
N ASN A 14 29.46 -2.23 -31.36
CA ASN A 14 28.51 -1.31 -30.74
C ASN A 14 29.20 -0.27 -29.81
N ASN A 15 28.67 0.96 -29.81
CA ASN A 15 29.11 2.08 -28.96
C ASN A 15 27.93 2.96 -28.50
N MET A 16 26.73 2.35 -28.38
CA MET A 16 25.45 3.02 -28.06
C MET A 16 24.58 2.15 -27.15
N ASP A 17 23.73 2.79 -26.34
CA ASP A 17 22.82 2.14 -25.39
C ASP A 17 21.52 2.96 -25.19
N SER A 18 20.55 2.37 -24.48
CA SER A 18 19.23 2.97 -24.20
C SER A 18 18.65 2.46 -22.87
N ALA A 19 17.45 2.92 -22.49
CA ALA A 19 16.77 2.66 -21.23
C ALA A 19 15.25 2.43 -21.43
N PRO A 20 14.54 1.80 -20.46
CA PRO A 20 13.08 1.60 -20.51
C PRO A 20 12.26 2.85 -20.82
N LEU A 21 11.12 2.66 -21.47
CA LEU A 21 10.21 3.71 -21.97
C LEU A 21 8.71 3.42 -21.72
N SER A 22 8.41 2.38 -20.93
CA SER A 22 7.05 1.90 -20.62
C SER A 22 6.19 2.94 -19.88
N ASN A 23 4.87 2.76 -19.96
CA ASN A 23 3.85 3.51 -19.23
C ASN A 23 2.65 2.60 -18.91
N GLY A 24 1.87 2.93 -17.87
CA GLY A 24 0.78 2.08 -17.37
C GLY A 24 0.02 2.67 -16.18
N GLY A 25 -0.84 1.84 -15.58
CA GLY A 25 -1.75 2.19 -14.48
C GLY A 25 -1.08 2.35 -13.11
N ASP A 26 0.11 2.93 -13.03
CA ASP A 26 0.74 3.27 -11.75
C ASP A 26 -0.10 4.31 -11.00
N VAL A 27 -0.65 5.26 -11.77
CA VAL A 27 -1.66 6.24 -11.36
C VAL A 27 -2.87 5.53 -10.77
N ASP A 28 -3.46 4.63 -11.57
CA ASP A 28 -4.66 3.88 -11.22
C ASP A 28 -4.48 3.12 -9.91
N LEU A 29 -3.36 2.39 -9.72
CA LEU A 29 -3.01 1.77 -8.45
C LEU A 29 -3.06 2.78 -7.30
N TYR A 30 -2.26 3.84 -7.41
CA TYR A 30 -2.02 4.77 -6.32
C TYR A 30 -3.29 5.47 -5.90
N ASP A 31 -3.96 6.19 -6.81
CA ASP A 31 -5.21 6.86 -6.49
C ASP A 31 -6.31 5.88 -6.02
N ALA A 32 -6.44 4.68 -6.60
CA ALA A 32 -7.41 3.69 -6.15
C ALA A 32 -7.19 3.30 -4.68
N PHE A 33 -5.95 2.89 -4.39
CA PHE A 33 -5.46 2.61 -3.04
C PHE A 33 -5.65 3.78 -2.09
N TYR A 34 -5.35 4.97 -2.59
CA TYR A 34 -5.54 6.22 -1.90
C TYR A 34 -7.02 6.45 -1.53
N GLN A 35 -7.95 6.06 -2.39
CA GLN A 35 -9.38 6.03 -2.06
C GLN A 35 -9.71 4.95 -1.00
N ARG A 36 -8.96 3.83 -0.95
CA ARG A 36 -9.04 2.84 0.14
C ARG A 36 -8.62 3.43 1.49
N LEU A 37 -7.66 4.36 1.49
CA LEU A 37 -7.25 5.10 2.70
C LEU A 37 -8.38 6.02 3.19
N LEU A 38 -8.75 6.95 2.29
CA LEU A 38 -9.80 7.95 2.43
C LEU A 38 -11.25 7.38 2.56
N ALA A 39 -11.41 6.09 2.84
CA ALA A 39 -12.70 5.40 2.94
C ALA A 39 -13.59 5.93 4.06
N LEU A 40 -13.01 6.39 5.17
CA LEU A 40 -13.64 7.05 6.28
C LEU A 40 -12.57 7.84 7.07
N PRO A 41 -12.91 9.00 7.63
CA PRO A 41 -12.00 9.66 8.56
C PRO A 41 -12.67 10.24 9.83
N GLU A 42 -13.99 10.38 9.85
CA GLU A 42 -14.78 11.03 10.91
C GLU A 42 -14.77 10.27 12.25
N SER A 43 -14.80 8.93 12.19
CA SER A 43 -14.89 8.04 13.36
C SER A 43 -13.65 8.10 14.28
N ALA A 44 -12.47 8.22 13.67
CA ALA A 44 -11.13 8.18 14.29
C ALA A 44 -10.87 6.97 15.22
N SER A 45 -11.66 5.91 15.07
CA SER A 45 -11.68 4.68 15.87
C SER A 45 -12.34 3.54 15.07
N SER A 46 -11.61 3.03 14.08
CA SER A 46 -12.08 2.11 13.05
C SER A 46 -10.92 1.24 12.56
N GLU A 47 -10.41 0.36 13.41
CA GLU A 47 -9.37 -0.66 13.10
C GLU A 47 -9.71 -1.49 11.84
N THR A 48 -11.00 -1.58 11.50
CA THR A 48 -11.52 -2.12 10.25
C THR A 48 -10.88 -1.47 9.01
N LEU A 49 -10.48 -0.20 9.11
CA LEU A 49 -9.75 0.55 8.09
C LEU A 49 -8.29 0.08 7.97
N LYS A 50 -7.56 -0.15 9.07
CA LYS A 50 -6.24 -0.81 9.04
C LYS A 50 -6.33 -2.16 8.34
N ASP A 51 -7.34 -2.98 8.66
CA ASP A 51 -7.54 -4.26 7.97
C ASP A 51 -7.99 -4.12 6.50
N SER A 52 -8.71 -3.06 6.13
CA SER A 52 -8.99 -2.74 4.72
C SER A 52 -7.69 -2.35 3.99
N ILE A 53 -6.85 -1.53 4.60
CA ILE A 53 -5.50 -1.19 4.15
C ILE A 53 -4.64 -2.45 3.97
N TYR A 54 -4.68 -3.37 4.94
CA TYR A 54 -3.99 -4.66 4.90
C TYR A 54 -4.50 -5.58 3.77
N GLN A 55 -5.81 -5.66 3.60
CA GLN A 55 -6.42 -6.50 2.56
C GLN A 55 -6.01 -6.01 1.17
N GLU A 56 -6.05 -4.70 0.94
CA GLU A 56 -5.66 -4.11 -0.33
C GLU A 56 -4.14 -4.19 -0.55
N MET A 57 -3.33 -4.03 0.50
CA MET A 57 -1.88 -4.28 0.47
C MET A 57 -1.60 -5.67 -0.10
N ASN A 58 -2.34 -6.67 0.39
CA ASN A 58 -2.20 -8.08 0.03
C ASN A 58 -2.88 -8.52 -1.29
N ALA A 59 -3.85 -7.77 -1.83
CA ALA A 59 -4.72 -8.24 -2.91
C ALA A 59 -5.14 -7.31 -4.04
N PHE A 60 -4.88 -6.01 -3.98
CA PHE A 60 -5.08 -5.09 -5.10
C PHE A 60 -4.58 -5.62 -6.46
N LYS A 61 -3.45 -6.34 -6.36
CA LYS A 61 -2.59 -6.96 -7.35
C LYS A 61 -2.34 -6.07 -8.57
N ASP A 62 -1.20 -5.39 -8.52
CA ASP A 62 -0.81 -4.30 -9.43
C ASP A 62 -1.01 -4.56 -10.95
N PRO A 63 -1.38 -3.52 -11.71
CA PRO A 63 -1.55 -3.57 -13.16
C PRO A 63 -0.29 -3.92 -13.97
N ASN A 64 0.83 -3.28 -13.65
CA ASN A 64 2.07 -3.31 -14.43
C ASN A 64 2.73 -4.70 -14.47
N SER A 65 2.74 -5.41 -13.34
CA SER A 65 3.51 -6.64 -13.13
C SER A 65 2.65 -7.86 -12.77
N GLY A 66 1.74 -7.74 -11.79
CA GLY A 66 0.70 -8.70 -11.43
C GLY A 66 0.87 -9.34 -10.05
N ASP A 67 2.12 -9.52 -9.63
CA ASP A 67 2.52 -10.29 -8.45
C ASP A 67 1.88 -9.82 -7.14
N SER A 68 1.85 -8.51 -6.90
CA SER A 68 1.22 -7.80 -5.79
C SER A 68 1.33 -6.28 -5.95
N ALA A 69 0.64 -5.52 -5.09
CA ALA A 69 0.63 -4.05 -5.14
C ALA A 69 2.03 -3.40 -4.97
N PHE A 70 3.00 -4.17 -4.49
CA PHE A 70 4.41 -3.81 -4.25
C PHE A 70 5.35 -4.97 -4.67
N VAL A 71 6.57 -4.65 -5.15
CA VAL A 71 7.58 -5.64 -5.58
C VAL A 71 8.23 -6.41 -4.43
N SER A 72 8.51 -5.71 -3.33
CA SER A 72 9.28 -6.15 -2.17
C SER A 72 9.16 -5.12 -1.04
N PHE A 73 9.96 -5.27 0.04
CA PHE A 73 10.13 -4.28 1.10
C PHE A 73 10.34 -2.88 0.52
N GLU A 74 11.13 -2.74 -0.55
CA GLU A 74 11.56 -1.45 -1.09
C GLU A 74 10.38 -0.57 -1.48
N GLN A 75 9.52 -1.12 -2.33
CA GLN A 75 8.30 -0.47 -2.80
C GLN A 75 7.27 -0.36 -1.69
N GLN A 76 7.15 -1.40 -0.87
CA GLN A 76 6.19 -1.46 0.22
C GLN A 76 6.42 -0.34 1.22
N THR A 77 7.64 -0.22 1.73
CA THR A 77 8.05 0.86 2.63
C THR A 77 7.96 2.22 1.95
N ALA A 78 8.37 2.35 0.68
CA ALA A 78 8.22 3.61 -0.03
C ALA A 78 6.75 4.02 -0.20
N MET A 79 5.85 3.10 -0.54
CA MET A 79 4.40 3.31 -0.55
C MET A 79 3.91 3.88 0.77
N LEU A 80 4.26 3.18 1.82
CA LEU A 80 3.74 3.35 3.15
C LEU A 80 4.26 4.67 3.75
N GLN A 81 5.55 4.95 3.60
CA GLN A 81 6.16 6.25 3.92
C GLN A 81 5.65 7.39 3.01
N ASN A 82 5.43 7.14 1.71
CA ASN A 82 4.85 8.09 0.76
C ASN A 82 3.44 8.50 1.23
N MET A 83 2.64 7.52 1.69
CA MET A 83 1.30 7.79 2.20
C MET A 83 1.35 8.54 3.51
N LEU A 84 2.30 8.28 4.43
CA LEU A 84 2.50 9.13 5.61
C LEU A 84 2.87 10.58 5.27
N ALA A 85 3.64 10.78 4.20
CA ALA A 85 3.95 12.11 3.70
C ALA A 85 2.72 12.83 3.10
N LYS A 86 1.78 12.08 2.50
CA LYS A 86 0.56 12.63 1.87
C LYS A 86 -0.58 12.96 2.86
N VAL A 87 -0.88 12.05 3.79
CA VAL A 87 -1.90 12.20 4.85
C VAL A 87 -1.57 13.30 5.84
N GLU A 88 -2.61 13.75 6.57
CA GLU A 88 -2.49 14.63 7.71
C GLU A 88 -1.95 13.87 8.93
N PRO A 89 -0.82 14.28 9.52
CA PRO A 89 -0.35 13.76 10.81
C PRO A 89 -1.43 13.73 11.91
N GLY A 90 -1.23 12.85 12.89
CA GLY A 90 -2.09 12.72 14.07
C GLY A 90 -3.40 11.95 13.88
N THR A 91 -3.94 11.93 12.66
CA THR A 91 -5.17 11.23 12.31
C THR A 91 -5.12 9.73 12.57
N HIS A 92 -6.30 9.13 12.72
CA HIS A 92 -6.47 7.68 12.74
C HIS A 92 -5.97 7.07 11.41
N LEU A 93 -6.11 7.80 10.29
CA LEU A 93 -5.56 7.33 9.02
C LEU A 93 -4.04 7.23 9.10
N TYR A 94 -3.35 8.31 9.46
CA TYR A 94 -1.90 8.36 9.62
C TYR A 94 -1.43 7.20 10.52
N GLU A 95 -2.14 6.99 11.63
CA GLU A 95 -1.90 5.90 12.57
C GLU A 95 -2.13 4.51 11.94
N ALA A 96 -3.08 4.37 11.00
CA ALA A 96 -3.28 3.13 10.27
C ALA A 96 -2.08 2.84 9.37
N LEU A 97 -1.61 3.82 8.59
CA LEU A 97 -0.46 3.64 7.71
C LEU A 97 0.80 3.29 8.52
N ASN A 98 1.02 3.96 9.65
CA ASN A 98 2.13 3.68 10.56
C ASN A 98 2.01 2.26 11.13
N GLY A 99 0.83 1.92 11.65
CA GLY A 99 0.59 0.66 12.36
C GLY A 99 0.62 -0.54 11.42
N VAL A 100 0.03 -0.42 10.22
CA VAL A 100 0.17 -1.46 9.22
C VAL A 100 1.59 -1.56 8.67
N LEU A 101 2.34 -0.46 8.47
CA LEU A 101 3.72 -0.56 7.99
C LEU A 101 4.55 -1.34 9.02
N VAL A 102 4.44 -0.96 10.29
CA VAL A 102 5.09 -1.57 11.45
C VAL A 102 4.72 -3.05 11.61
N GLY A 103 3.43 -3.37 11.47
CA GLY A 103 2.93 -4.74 11.58
C GLY A 103 3.29 -5.61 10.37
N SER A 104 3.14 -5.08 9.16
CA SER A 104 3.58 -5.71 7.90
C SER A 104 5.09 -6.03 7.93
N MET A 105 5.90 -5.10 8.45
CA MET A 105 7.35 -5.25 8.63
C MET A 105 7.72 -6.33 9.64
N ASN A 106 7.08 -6.35 10.82
CA ASN A 106 7.32 -7.37 11.84
C ASN A 106 6.83 -8.78 11.42
N ALA A 107 5.72 -8.85 10.68
CA ALA A 107 5.22 -10.09 10.10
C ALA A 107 6.16 -10.64 9.01
N GLN A 108 6.65 -9.78 8.11
CA GLN A 108 7.61 -10.12 7.06
C GLN A 108 8.99 -10.52 7.61
N SER A 109 9.40 -9.92 8.74
CA SER A 109 10.58 -10.30 9.52
C SER A 109 10.50 -11.73 10.10
N GLN A 110 9.28 -12.28 10.24
CA GLN A 110 8.96 -13.67 10.58
C GLN A 110 9.69 -14.24 11.83
N MET A 111 9.98 -13.38 12.81
CA MET A 111 10.69 -13.70 14.05
C MET A 111 10.07 -13.00 15.27
N THR A 112 9.96 -11.66 15.24
CA THR A 112 9.41 -10.83 16.32
C THR A 112 7.93 -11.10 16.56
N SER A 113 7.15 -10.93 15.49
CA SER A 113 5.73 -11.25 15.42
C SER A 113 5.45 -12.72 15.78
N TRP A 114 6.39 -13.61 15.42
CA TRP A 114 6.33 -15.03 15.70
C TRP A 114 6.35 -15.38 17.20
N MET A 115 6.90 -14.51 18.05
CA MET A 115 6.89 -14.65 19.52
C MET A 115 5.49 -14.61 20.16
N GLN A 116 4.45 -14.29 19.37
CA GLN A 116 3.04 -14.39 19.74
C GLN A 116 2.25 -15.33 18.83
N GLU A 117 2.72 -15.59 17.60
CA GLU A 117 2.15 -16.59 16.68
C GLU A 117 2.33 -18.03 17.21
N ILE A 118 3.43 -18.28 17.93
CA ILE A 118 3.72 -19.48 18.70
C ILE A 118 2.61 -19.88 19.68
N ILE A 119 1.97 -18.87 20.28
CA ILE A 119 0.74 -18.96 21.10
C ILE A 119 -0.50 -19.06 20.18
N LEU A 120 -0.50 -20.04 19.29
CA LEU A 120 -1.44 -20.23 18.17
C LEU A 120 -2.93 -20.00 18.54
N SER A 121 -3.40 -20.61 19.63
CA SER A 121 -4.79 -20.52 20.11
C SER A 121 -5.23 -19.10 20.52
N GLY A 122 -4.31 -18.28 21.01
CA GLY A 122 -4.52 -16.91 21.51
C GLY A 122 -5.30 -16.81 22.82
N GLY A 123 -6.58 -17.21 22.79
CA GLY A 123 -7.49 -17.28 23.95
C GLY A 123 -8.96 -17.16 23.53
N GLU A 124 -9.87 -17.81 24.28
CA GLU A 124 -11.29 -17.95 23.92
C GLU A 124 -12.25 -17.91 25.12
N ASN A 125 -11.78 -18.16 26.34
CA ASN A 125 -12.57 -18.11 27.59
C ASN A 125 -13.08 -16.69 27.96
N LYS A 126 -12.52 -15.64 27.32
CA LYS A 126 -12.84 -14.21 27.49
C LYS A 126 -14.34 -13.89 27.48
N GLU A 127 -14.91 -13.62 28.65
CA GLU A 127 -16.32 -13.25 28.85
C GLU A 127 -16.71 -11.91 28.20
N ALA A 128 -17.99 -11.76 27.83
CA ALA A 128 -18.51 -10.60 27.11
C ALA A 128 -18.48 -9.27 27.90
N ILE A 129 -18.66 -9.34 29.23
CA ILE A 129 -18.74 -8.24 30.21
C ILE A 129 -19.56 -7.01 29.74
N ASP A 130 -19.29 -5.83 30.32
CA ASP A 130 -19.87 -4.51 29.96
C ASP A 130 -21.42 -4.44 29.96
N TRP A 131 -22.06 -5.26 30.80
CA TRP A 131 -23.51 -5.22 31.10
C TRP A 131 -23.98 -3.88 31.74
N VAL A 4 -11.06 61.85 -35.97
CA VAL A 4 -10.10 61.80 -34.84
C VAL A 4 -10.68 60.93 -33.71
N SER A 5 -9.81 60.22 -32.98
CA SER A 5 -10.16 59.40 -31.81
C SER A 5 -10.71 60.21 -30.63
N LEU A 6 -11.36 59.53 -29.68
CA LEU A 6 -11.95 60.09 -28.45
C LEU A 6 -11.94 59.07 -27.28
N SER A 7 -12.33 59.54 -26.09
CA SER A 7 -12.37 58.75 -24.84
C SER A 7 -13.25 57.49 -24.93
N ALA A 8 -13.00 56.52 -24.05
CA ALA A 8 -13.69 55.21 -24.00
C ALA A 8 -14.01 54.78 -22.55
N ARG A 9 -14.89 53.78 -22.41
CA ARG A 9 -15.42 53.25 -21.14
C ARG A 9 -15.62 51.73 -21.20
N ALA A 10 -15.92 51.12 -20.05
CA ALA A 10 -16.32 49.71 -19.90
C ALA A 10 -15.37 48.67 -20.57
N ALA A 11 -14.06 48.92 -20.50
CA ALA A 11 -13.00 48.05 -21.04
C ALA A 11 -11.76 48.00 -20.13
N MET A 12 -11.04 46.88 -20.16
CA MET A 12 -9.84 46.59 -19.35
C MET A 12 -8.97 45.51 -20.02
N LEU A 13 -7.70 45.42 -19.64
CA LEU A 13 -6.77 44.35 -20.03
C LEU A 13 -7.31 42.95 -19.67
N ASN A 14 -6.98 41.94 -20.48
CA ASN A 14 -7.52 40.57 -20.39
C ASN A 14 -6.41 39.49 -20.39
N ASN A 15 -5.31 39.77 -19.67
CA ASN A 15 -4.21 38.83 -19.44
C ASN A 15 -4.70 37.53 -18.73
N MET A 16 -4.04 36.40 -19.00
CA MET A 16 -4.41 35.06 -18.50
C MET A 16 -3.19 34.13 -18.35
N ASP A 17 -3.37 32.99 -17.68
CA ASP A 17 -2.32 32.00 -17.40
C ASP A 17 -2.87 30.56 -17.36
N SER A 18 -2.07 29.59 -17.81
CA SER A 18 -2.36 28.15 -17.81
C SER A 18 -1.06 27.32 -17.87
N ALA A 19 -1.12 26.02 -17.56
CA ALA A 19 0.03 25.11 -17.56
C ALA A 19 -0.35 23.66 -17.96
N PRO A 20 0.59 22.85 -18.51
CA PRO A 20 0.36 21.44 -18.85
C PRO A 20 -0.03 20.53 -17.67
N LEU A 21 -0.48 19.30 -18.00
CA LEU A 21 -0.76 18.19 -17.08
C LEU A 21 -0.18 16.87 -17.63
N SER A 22 -0.11 15.83 -16.79
CA SER A 22 0.43 14.50 -17.13
C SER A 22 -0.28 13.37 -16.35
N ASN A 23 -0.07 12.12 -16.78
CA ASN A 23 -0.65 10.90 -16.22
C ASN A 23 0.27 9.68 -16.43
N GLY A 24 0.00 8.57 -15.73
CA GLY A 24 0.79 7.33 -15.79
C GLY A 24 0.13 6.15 -15.07
N GLY A 25 0.83 5.02 -14.94
CA GLY A 25 0.29 3.79 -14.33
C GLY A 25 0.72 3.56 -12.88
N ASP A 26 1.82 4.17 -12.41
CA ASP A 26 2.15 4.18 -10.99
C ASP A 26 1.12 5.07 -10.27
N VAL A 27 0.83 6.22 -10.90
CA VAL A 27 -0.26 7.14 -10.57
C VAL A 27 -1.57 6.39 -10.38
N ASP A 28 -1.98 5.63 -11.40
CA ASP A 28 -3.22 4.86 -11.38
C ASP A 28 -3.31 3.96 -10.13
N LEU A 29 -2.26 3.17 -9.84
CA LEU A 29 -2.19 2.37 -8.61
C LEU A 29 -2.37 3.25 -7.37
N TYR A 30 -1.51 4.24 -7.18
CA TYR A 30 -1.44 5.07 -5.99
C TYR A 30 -2.76 5.76 -5.73
N ASP A 31 -3.23 6.58 -6.67
CA ASP A 31 -4.49 7.32 -6.55
C ASP A 31 -5.70 6.40 -6.31
N ALA A 32 -5.81 5.26 -7.02
CA ALA A 32 -6.88 4.28 -6.82
C ALA A 32 -6.84 3.65 -5.41
N PHE A 33 -5.66 3.21 -5.00
CA PHE A 33 -5.39 2.63 -3.70
C PHE A 33 -5.64 3.60 -2.55
N TYR A 34 -5.14 4.81 -2.72
CA TYR A 34 -5.33 5.92 -1.85
C TYR A 34 -6.83 6.21 -1.68
N GLN A 35 -7.62 6.10 -2.76
CA GLN A 35 -9.09 6.14 -2.71
C GLN A 35 -9.67 4.97 -1.91
N ARG A 36 -9.07 3.76 -2.02
CA ARG A 36 -9.40 2.57 -1.21
C ARG A 36 -9.13 2.78 0.28
N LEU A 37 -8.19 3.65 0.68
CA LEU A 37 -8.02 4.07 2.06
C LEU A 37 -9.25 4.87 2.55
N LEU A 38 -9.51 5.98 1.87
CA LEU A 38 -10.50 7.03 2.14
C LEU A 38 -11.98 6.59 2.19
N ALA A 39 -12.29 5.32 1.94
CA ALA A 39 -13.64 4.75 1.96
C ALA A 39 -14.30 4.69 3.36
N LEU A 40 -13.50 4.66 4.43
CA LEU A 40 -13.91 4.38 5.81
C LEU A 40 -13.52 5.45 6.88
N PRO A 41 -12.35 6.13 6.79
CA PRO A 41 -11.80 6.95 7.86
C PRO A 41 -12.66 8.05 8.51
N GLU A 42 -13.77 8.47 7.90
CA GLU A 42 -14.77 9.34 8.52
C GLU A 42 -15.26 8.81 9.89
N SER A 43 -15.35 7.49 10.04
CA SER A 43 -15.69 6.80 11.29
C SER A 43 -14.57 6.79 12.36
N ALA A 44 -13.35 7.24 12.00
CA ALA A 44 -12.12 7.27 12.81
C ALA A 44 -11.72 5.92 13.44
N SER A 45 -12.20 4.83 12.83
CA SER A 45 -11.95 3.46 13.29
C SER A 45 -10.45 3.14 13.39
N SER A 46 -10.07 2.37 14.41
CA SER A 46 -8.69 1.98 14.70
C SER A 46 -8.28 0.69 13.99
N GLU A 47 -8.74 -0.46 14.50
CA GLU A 47 -8.28 -1.78 14.08
C GLU A 47 -8.93 -2.23 12.77
N THR A 48 -10.23 -1.98 12.61
CA THR A 48 -11.00 -2.28 11.40
C THR A 48 -10.48 -1.50 10.19
N LEU A 49 -10.02 -0.26 10.38
CA LEU A 49 -9.34 0.51 9.34
C LEU A 49 -7.99 -0.12 8.97
N LYS A 50 -7.12 -0.44 9.94
CA LYS A 50 -5.85 -1.13 9.71
C LYS A 50 -6.02 -2.47 8.96
N ASP A 51 -7.04 -3.27 9.29
CA ASP A 51 -7.32 -4.51 8.56
C ASP A 51 -7.99 -4.28 7.19
N SER A 52 -8.80 -3.22 7.02
CA SER A 52 -9.28 -2.81 5.70
C SER A 52 -8.09 -2.40 4.81
N ILE A 53 -7.14 -1.64 5.36
CA ILE A 53 -5.88 -1.27 4.74
C ILE A 53 -5.06 -2.52 4.38
N TYR A 54 -4.95 -3.48 5.29
CA TYR A 54 -4.27 -4.77 5.06
C TYR A 54 -4.93 -5.55 3.91
N GLN A 55 -6.26 -5.57 3.84
CA GLN A 55 -6.98 -6.29 2.81
C GLN A 55 -6.84 -5.61 1.44
N GLU A 56 -6.94 -4.28 1.37
CA GLU A 56 -6.75 -3.53 0.13
C GLU A 56 -5.30 -3.61 -0.38
N MET A 57 -4.31 -3.55 0.53
CA MET A 57 -2.90 -3.82 0.28
C MET A 57 -2.73 -5.18 -0.41
N ASN A 58 -3.34 -6.20 0.18
CA ASN A 58 -3.36 -7.60 -0.25
C ASN A 58 -4.15 -7.89 -1.55
N ALA A 59 -5.05 -7.00 -2.00
CA ALA A 59 -6.01 -7.30 -3.06
C ALA A 59 -6.03 -6.41 -4.30
N PHE A 60 -5.50 -5.19 -4.24
CA PHE A 60 -5.31 -4.37 -5.43
C PHE A 60 -4.64 -5.12 -6.60
N LYS A 61 -3.68 -5.95 -6.19
CA LYS A 61 -2.71 -6.77 -6.89
C LYS A 61 -2.12 -6.09 -8.12
N ASP A 62 -0.94 -5.50 -7.93
CA ASP A 62 -0.25 -4.67 -8.93
C ASP A 62 -0.16 -5.36 -10.31
N PRO A 63 -0.65 -4.72 -11.39
CA PRO A 63 -0.69 -5.28 -12.74
C PRO A 63 0.63 -5.89 -13.24
N ASN A 64 1.75 -5.20 -13.05
CA ASN A 64 3.07 -5.66 -13.45
C ASN A 64 3.59 -6.83 -12.57
N SER A 65 3.48 -6.70 -11.24
CA SER A 65 4.07 -7.63 -10.27
C SER A 65 3.27 -8.94 -10.13
N GLY A 66 1.94 -8.85 -10.07
CA GLY A 66 0.95 -9.92 -9.94
C GLY A 66 0.80 -10.43 -8.50
N ASP A 67 1.89 -10.34 -7.75
CA ASP A 67 2.07 -10.91 -6.41
C ASP A 67 1.23 -10.19 -5.34
N SER A 68 1.31 -8.85 -5.30
CA SER A 68 0.57 -7.93 -4.45
C SER A 68 0.68 -6.50 -4.99
N ALA A 69 0.13 -5.50 -4.29
CA ALA A 69 0.24 -4.09 -4.68
C ALA A 69 1.68 -3.52 -4.62
N PHE A 70 2.61 -4.26 -4.01
CA PHE A 70 4.01 -3.92 -3.79
C PHE A 70 4.89 -5.16 -4.03
N VAL A 71 6.11 -5.01 -4.56
CA VAL A 71 7.02 -6.11 -4.93
C VAL A 71 7.64 -6.83 -3.73
N SER A 72 8.05 -6.06 -2.74
CA SER A 72 8.86 -6.44 -1.56
C SER A 72 9.03 -5.21 -0.64
N PHE A 73 9.94 -5.27 0.33
CA PHE A 73 10.33 -4.19 1.24
C PHE A 73 10.50 -2.86 0.53
N GLU A 74 11.18 -2.87 -0.61
CA GLU A 74 11.57 -1.63 -1.31
C GLU A 74 10.35 -0.76 -1.65
N GLN A 75 9.39 -1.40 -2.32
CA GLN A 75 8.15 -0.78 -2.75
C GLN A 75 7.18 -0.61 -1.59
N GLN A 76 7.17 -1.55 -0.65
CA GLN A 76 6.31 -1.46 0.54
C GLN A 76 6.69 -0.24 1.38
N THR A 77 7.97 -0.05 1.67
CA THR A 77 8.46 1.09 2.44
C THR A 77 8.28 2.39 1.67
N ALA A 78 8.58 2.43 0.36
CA ALA A 78 8.25 3.62 -0.43
C ALA A 78 6.75 3.90 -0.46
N MET A 79 5.90 2.87 -0.64
CA MET A 79 4.44 2.96 -0.54
C MET A 79 4.08 3.63 0.76
N LEU A 80 4.58 3.11 1.86
CA LEU A 80 4.15 3.50 3.19
C LEU A 80 4.64 4.90 3.55
N GLN A 81 5.89 5.21 3.23
CA GLN A 81 6.42 6.58 3.32
C GLN A 81 5.60 7.55 2.45
N ASN A 82 5.27 7.15 1.22
CA ASN A 82 4.44 7.90 0.28
C ASN A 82 2.98 8.08 0.82
N MET A 83 2.44 7.02 1.43
CA MET A 83 1.12 6.94 2.03
C MET A 83 1.02 7.94 3.18
N LEU A 84 1.99 7.95 4.10
CA LEU A 84 2.09 8.91 5.18
C LEU A 84 2.35 10.35 4.72
N ALA A 85 3.09 10.53 3.62
CA ALA A 85 3.29 11.83 2.99
C ALA A 85 2.00 12.42 2.39
N LYS A 86 1.06 11.56 1.95
CA LYS A 86 -0.22 11.99 1.36
C LYS A 86 -1.26 12.39 2.42
N VAL A 87 -1.49 11.53 3.43
CA VAL A 87 -2.45 11.73 4.53
C VAL A 87 -2.05 12.85 5.50
N GLU A 88 -3.04 13.35 6.24
CA GLU A 88 -2.88 14.30 7.33
C GLU A 88 -2.46 13.59 8.62
N PRO A 89 -1.30 13.92 9.22
CA PRO A 89 -0.86 13.45 10.55
C PRO A 89 -1.93 13.35 11.64
N GLY A 90 -2.84 14.34 11.70
CA GLY A 90 -3.91 14.44 12.70
C GLY A 90 -4.91 13.28 12.70
N THR A 91 -5.18 12.68 11.55
CA THR A 91 -6.14 11.60 11.38
C THR A 91 -5.74 10.28 12.02
N HIS A 92 -6.74 9.43 12.26
CA HIS A 92 -6.51 8.04 12.63
C HIS A 92 -5.99 7.21 11.43
N LEU A 93 -6.31 7.65 10.21
CA LEU A 93 -5.80 7.06 8.98
C LEU A 93 -4.27 7.02 8.99
N TYR A 94 -3.64 8.16 9.25
CA TYR A 94 -2.17 8.27 9.37
C TYR A 94 -1.61 7.20 10.31
N GLU A 95 -2.26 7.05 11.46
CA GLU A 95 -1.89 6.07 12.48
C GLU A 95 -2.09 4.63 12.01
N ALA A 96 -3.11 4.34 11.19
CA ALA A 96 -3.34 3.02 10.62
C ALA A 96 -2.23 2.67 9.62
N LEU A 97 -1.82 3.61 8.76
CA LEU A 97 -0.72 3.40 7.82
C LEU A 97 0.60 3.14 8.56
N ASN A 98 0.89 3.90 9.61
CA ASN A 98 2.07 3.67 10.44
C ASN A 98 2.00 2.27 11.09
N GLY A 99 0.84 1.89 11.60
CA GLY A 99 0.64 0.63 12.30
C GLY A 99 0.72 -0.58 11.36
N VAL A 100 0.20 -0.49 10.12
CA VAL A 100 0.37 -1.56 9.14
C VAL A 100 1.78 -1.61 8.56
N LEU A 101 2.47 -0.46 8.38
CA LEU A 101 3.88 -0.44 7.98
C LEU A 101 4.68 -1.27 9.00
N VAL A 102 4.53 -0.92 10.28
CA VAL A 102 5.20 -1.51 11.44
C VAL A 102 4.83 -2.98 11.62
N GLY A 103 3.55 -3.32 11.51
CA GLY A 103 3.03 -4.67 11.73
C GLY A 103 3.36 -5.62 10.59
N SER A 104 3.14 -5.19 9.34
CA SER A 104 3.54 -5.93 8.14
C SER A 104 5.06 -6.15 8.09
N MET A 105 5.85 -5.11 8.40
CA MET A 105 7.31 -5.19 8.49
C MET A 105 7.78 -6.19 9.55
N ASN A 106 7.26 -6.14 10.78
CA ASN A 106 7.67 -7.05 11.85
C ASN A 106 7.29 -8.50 11.53
N ALA A 107 6.09 -8.72 10.98
CA ALA A 107 5.61 -10.04 10.58
C ALA A 107 6.48 -10.66 9.48
N GLN A 108 6.93 -9.85 8.52
CA GLN A 108 7.89 -10.25 7.49
C GLN A 108 9.30 -10.51 8.05
N SER A 109 9.75 -9.71 9.02
CA SER A 109 11.13 -9.70 9.51
C SER A 109 11.49 -10.81 10.49
N GLN A 110 10.80 -10.93 11.64
CA GLN A 110 11.19 -11.81 12.75
C GLN A 110 10.08 -12.03 13.79
N MET A 111 10.16 -13.15 14.52
CA MET A 111 9.27 -13.56 15.63
C MET A 111 9.45 -12.77 16.94
N THR A 112 10.19 -11.65 16.94
CA THR A 112 10.46 -10.77 18.09
C THR A 112 9.22 -10.40 18.89
N SER A 113 8.24 -9.92 18.16
CA SER A 113 6.90 -9.56 18.63
C SER A 113 6.19 -10.74 19.32
N TRP A 114 6.43 -11.95 18.80
CA TRP A 114 5.96 -13.22 19.37
C TRP A 114 6.70 -13.67 20.64
N MET A 115 7.97 -13.30 20.84
CA MET A 115 8.71 -13.61 22.07
C MET A 115 8.01 -13.07 23.32
N GLN A 116 7.39 -11.90 23.21
CA GLN A 116 6.56 -11.26 24.24
C GLN A 116 5.23 -12.01 24.57
N GLU A 117 5.03 -13.19 23.99
CA GLU A 117 3.86 -14.06 24.16
C GLU A 117 4.26 -15.52 24.40
N ILE A 118 5.34 -15.98 23.77
CA ILE A 118 6.01 -17.27 24.04
C ILE A 118 6.52 -17.39 25.48
N ILE A 119 6.95 -16.27 26.08
CA ILE A 119 7.37 -16.16 27.49
C ILE A 119 6.24 -16.57 28.45
N LEU A 120 6.60 -17.30 29.53
CA LEU A 120 5.66 -17.86 30.52
C LEU A 120 4.78 -16.81 31.19
N SER A 121 3.51 -17.18 31.45
CA SER A 121 2.50 -16.41 32.16
C SER A 121 1.45 -17.33 32.81
N GLY A 122 0.39 -16.76 33.39
CA GLY A 122 -0.67 -17.48 34.09
C GLY A 122 -1.74 -16.57 34.73
N GLY A 123 -2.56 -17.18 35.60
CA GLY A 123 -3.65 -16.53 36.35
C GLY A 123 -3.70 -16.94 37.83
N GLU A 124 -2.52 -17.23 38.41
CA GLU A 124 -2.35 -17.77 39.77
C GLU A 124 -2.90 -16.85 40.88
N ASN A 125 -3.04 -15.55 40.59
CA ASN A 125 -3.62 -14.50 41.44
C ASN A 125 -5.09 -14.68 41.87
N LYS A 126 -5.75 -15.78 41.47
CA LYS A 126 -7.16 -16.18 41.74
C LYS A 126 -7.59 -16.36 43.22
N GLU A 127 -6.85 -15.79 44.16
CA GLU A 127 -7.04 -15.90 45.61
C GLU A 127 -8.42 -15.41 46.12
N ALA A 128 -8.77 -15.83 47.34
CA ALA A 128 -10.07 -15.62 47.99
C ALA A 128 -9.95 -15.09 49.44
N ILE A 129 -8.87 -14.35 49.74
CA ILE A 129 -8.53 -13.75 51.01
C ILE A 129 -9.55 -12.73 51.55
N ASP A 130 -9.23 -12.19 52.72
CA ASP A 130 -10.00 -11.21 53.50
C ASP A 130 -9.06 -10.38 54.40
N TRP A 131 -9.46 -9.15 54.74
CA TRP A 131 -8.65 -8.16 55.46
C TRP A 131 -9.46 -7.38 56.52
N VAL A 4 -23.19 31.23 -39.79
CA VAL A 4 -21.74 31.13 -40.00
C VAL A 4 -21.02 32.47 -39.75
N SER A 5 -19.70 32.44 -39.58
CA SER A 5 -18.88 33.59 -39.15
C SER A 5 -17.63 33.83 -40.02
N LEU A 6 -17.54 33.16 -41.19
CA LEU A 6 -16.47 33.30 -42.19
C LEU A 6 -15.04 33.09 -41.64
N SER A 7 -14.90 32.25 -40.62
CA SER A 7 -13.63 31.85 -39.98
C SER A 7 -12.76 30.89 -40.81
N ALA A 8 -13.19 30.52 -42.02
CA ALA A 8 -12.46 29.66 -42.96
C ALA A 8 -11.05 30.20 -43.32
N ARG A 9 -10.17 29.29 -43.78
CA ARG A 9 -8.75 29.55 -44.10
C ARG A 9 -8.29 28.72 -45.31
N ALA A 10 -7.42 29.29 -46.14
CA ALA A 10 -6.92 28.67 -47.38
C ALA A 10 -5.92 27.50 -47.17
N ALA A 11 -5.40 27.34 -45.94
CA ALA A 11 -4.43 26.30 -45.55
C ALA A 11 -4.61 25.91 -44.07
N MET A 12 -3.98 24.80 -43.65
CA MET A 12 -4.04 24.29 -42.27
C MET A 12 -2.75 23.55 -41.89
N LEU A 13 -2.43 23.53 -40.59
CA LEU A 13 -1.27 22.87 -40.00
C LEU A 13 -1.61 22.36 -38.58
N ASN A 14 -1.47 21.05 -38.34
CA ASN A 14 -1.80 20.43 -37.06
C ASN A 14 -0.87 20.85 -35.89
N ASN A 15 0.37 21.26 -36.21
CA ASN A 15 1.35 21.84 -35.29
C ASN A 15 1.63 21.01 -34.02
N MET A 16 1.86 19.69 -34.18
CA MET A 16 2.22 18.75 -33.12
C MET A 16 3.46 17.93 -33.53
N ASP A 17 4.50 17.96 -32.70
CA ASP A 17 5.80 17.29 -32.94
C ASP A 17 6.51 17.00 -31.60
N SER A 18 6.23 15.83 -31.03
CA SER A 18 6.67 15.41 -29.68
C SER A 18 7.14 13.94 -29.65
N ALA A 19 7.97 13.59 -28.66
CA ALA A 19 8.53 12.25 -28.49
C ALA A 19 7.46 11.17 -28.23
N PRO A 20 7.69 9.89 -28.63
CA PRO A 20 6.78 8.76 -28.43
C PRO A 20 6.81 8.18 -27.00
N LEU A 21 7.07 9.01 -25.99
CA LEU A 21 7.24 8.63 -24.57
C LEU A 21 6.03 7.85 -24.02
N SER A 22 6.27 6.66 -23.47
CA SER A 22 5.27 5.77 -22.86
C SER A 22 4.77 6.27 -21.50
N ASN A 23 3.68 5.67 -21.01
CA ASN A 23 3.05 5.88 -19.71
C ASN A 23 2.35 4.59 -19.22
N GLY A 24 1.90 4.55 -17.96
CA GLY A 24 1.23 3.38 -17.38
C GLY A 24 0.43 3.66 -16.10
N GLY A 25 -0.21 2.63 -15.58
CA GLY A 25 -1.17 2.68 -14.46
C GLY A 25 -0.57 2.87 -13.05
N ASP A 26 0.57 3.57 -12.94
CA ASP A 26 1.14 3.98 -11.65
C ASP A 26 0.19 4.94 -10.92
N VAL A 27 -0.42 5.83 -11.71
CA VAL A 27 -1.52 6.70 -11.33
C VAL A 27 -2.66 5.88 -10.76
N ASP A 28 -3.17 4.95 -11.58
CA ASP A 28 -4.36 4.16 -11.27
C ASP A 28 -4.18 3.36 -9.99
N LEU A 29 -3.01 2.70 -9.78
CA LEU A 29 -2.73 1.97 -8.56
C LEU A 29 -2.87 2.87 -7.33
N TYR A 30 -2.14 4.00 -7.32
CA TYR A 30 -2.14 4.90 -6.20
C TYR A 30 -3.49 5.55 -6.00
N ASP A 31 -4.05 6.26 -6.97
CA ASP A 31 -5.35 6.91 -6.84
C ASP A 31 -6.48 5.96 -6.35
N ALA A 32 -6.50 4.72 -6.83
CA ALA A 32 -7.42 3.67 -6.38
C ALA A 32 -7.22 3.29 -4.90
N PHE A 33 -5.96 3.03 -4.55
CA PHE A 33 -5.53 2.74 -3.19
C PHE A 33 -5.78 3.89 -2.21
N TYR A 34 -5.47 5.08 -2.66
CA TYR A 34 -5.63 6.33 -1.98
C TYR A 34 -7.10 6.60 -1.68
N GLN A 35 -8.02 6.29 -2.61
CA GLN A 35 -9.46 6.31 -2.28
C GLN A 35 -9.85 5.23 -1.26
N ARG A 36 -9.17 4.06 -1.28
CA ARG A 36 -9.29 3.04 -0.22
C ARG A 36 -8.86 3.56 1.17
N LEU A 37 -7.92 4.52 1.23
CA LEU A 37 -7.56 5.24 2.45
C LEU A 37 -8.64 6.23 2.88
N LEU A 38 -8.94 7.18 1.99
CA LEU A 38 -9.90 8.29 2.10
C LEU A 38 -11.37 7.89 2.33
N ALA A 39 -11.63 6.62 2.65
CA ALA A 39 -12.91 6.08 3.13
C ALA A 39 -13.18 6.38 4.62
N LEU A 40 -12.11 6.65 5.38
CA LEU A 40 -12.09 6.88 6.83
C LEU A 40 -12.73 8.18 7.34
N PRO A 41 -12.59 9.33 6.64
CA PRO A 41 -12.93 10.64 7.17
C PRO A 41 -14.38 10.81 7.68
N GLU A 42 -15.32 10.02 7.17
CA GLU A 42 -16.72 9.98 7.60
C GLU A 42 -16.94 9.46 9.03
N SER A 43 -16.09 8.52 9.50
CA SER A 43 -16.28 7.77 10.74
C SER A 43 -15.03 7.55 11.61
N ALA A 44 -13.84 7.98 11.17
CA ALA A 44 -12.54 7.83 11.85
C ALA A 44 -12.18 6.38 12.24
N SER A 45 -12.73 5.41 11.49
CA SER A 45 -12.59 3.96 11.66
C SER A 45 -11.13 3.53 11.90
N SER A 46 -10.87 2.73 12.94
CA SER A 46 -9.53 2.43 13.43
C SER A 46 -9.00 1.08 12.94
N GLU A 47 -9.40 0.00 13.60
CA GLU A 47 -8.85 -1.35 13.44
C GLU A 47 -9.28 -1.97 12.11
N THR A 48 -10.57 -1.85 11.80
CA THR A 48 -11.21 -2.33 10.59
C THR A 48 -10.57 -1.74 9.34
N LEU A 49 -10.25 -0.43 9.35
CA LEU A 49 -9.63 0.21 8.20
C LEU A 49 -8.14 -0.13 8.07
N LYS A 50 -7.39 -0.33 9.17
CA LYS A 50 -6.03 -0.90 9.11
C LYS A 50 -6.04 -2.28 8.46
N ASP A 51 -7.04 -3.12 8.75
CA ASP A 51 -7.24 -4.37 8.02
C ASP A 51 -7.73 -4.19 6.57
N SER A 52 -8.52 -3.17 6.22
CA SER A 52 -8.81 -2.85 4.81
C SER A 52 -7.53 -2.43 4.06
N ILE A 53 -6.67 -1.63 4.69
CA ILE A 53 -5.35 -1.25 4.21
C ILE A 53 -4.49 -2.50 3.98
N TYR A 54 -4.46 -3.43 4.94
CA TYR A 54 -3.77 -4.71 4.84
C TYR A 54 -4.33 -5.59 3.71
N GLN A 55 -5.65 -5.65 3.56
CA GLN A 55 -6.33 -6.48 2.57
C GLN A 55 -6.02 -6.00 1.15
N GLU A 56 -6.09 -4.70 0.92
CA GLU A 56 -5.77 -4.11 -0.38
C GLU A 56 -4.26 -4.19 -0.68
N MET A 57 -3.39 -4.01 0.33
CA MET A 57 -1.94 -4.26 0.23
C MET A 57 -1.67 -5.67 -0.32
N ASN A 58 -2.40 -6.66 0.22
CA ASN A 58 -2.27 -8.07 -0.08
C ASN A 58 -2.97 -8.56 -1.37
N ALA A 59 -3.94 -7.82 -1.93
CA ALA A 59 -4.82 -8.32 -2.98
C ALA A 59 -5.18 -7.45 -4.19
N PHE A 60 -5.05 -6.12 -4.12
CA PHE A 60 -5.22 -5.24 -5.26
C PHE A 60 -4.48 -5.72 -6.53
N LYS A 61 -3.32 -6.31 -6.23
CA LYS A 61 -2.29 -6.93 -7.03
C LYS A 61 -2.25 -6.48 -8.50
N ASP A 62 -1.77 -5.26 -8.68
CA ASP A 62 -1.78 -4.55 -9.96
C ASP A 62 -0.81 -3.36 -10.19
N PRO A 63 0.47 -3.62 -10.49
CA PRO A 63 1.47 -2.63 -10.87
C PRO A 63 1.40 -2.36 -12.39
N ASN A 64 1.63 -3.41 -13.18
CA ASN A 64 1.46 -3.54 -14.62
C ASN A 64 1.27 -5.03 -15.01
N SER A 65 2.04 -5.94 -14.38
CA SER A 65 2.03 -7.38 -14.66
C SER A 65 1.03 -8.18 -13.80
N GLY A 66 1.12 -8.10 -12.47
CA GLY A 66 0.25 -8.85 -11.56
C GLY A 66 0.84 -9.26 -10.20
N ASP A 67 2.16 -9.43 -10.14
CA ASP A 67 2.87 -10.03 -8.99
C ASP A 67 2.59 -9.38 -7.61
N SER A 68 2.47 -8.05 -7.56
CA SER A 68 2.27 -7.24 -6.37
C SER A 68 1.32 -6.06 -6.61
N ALA A 69 1.15 -5.16 -5.65
CA ALA A 69 0.45 -3.87 -5.81
C ALA A 69 1.37 -2.76 -5.23
N PHE A 70 2.67 -2.90 -5.55
CA PHE A 70 3.85 -2.19 -5.03
C PHE A 70 4.41 -2.95 -3.82
N VAL A 71 5.22 -4.01 -4.00
CA VAL A 71 5.95 -4.62 -2.90
C VAL A 71 7.44 -4.78 -3.12
N SER A 72 7.91 -5.90 -3.64
CA SER A 72 9.34 -6.36 -3.68
C SER A 72 10.00 -6.54 -2.28
N PHE A 73 9.50 -5.76 -1.31
CA PHE A 73 9.77 -5.45 0.11
C PHE A 73 9.78 -3.92 0.22
N GLU A 74 10.57 -3.31 -0.68
CA GLU A 74 10.96 -1.92 -0.69
C GLU A 74 9.91 -0.96 -1.22
N GLN A 75 9.21 -1.32 -2.30
CA GLN A 75 8.15 -0.51 -2.90
C GLN A 75 6.98 -0.36 -1.94
N GLN A 76 6.64 -1.43 -1.20
CA GLN A 76 5.64 -1.44 -0.13
C GLN A 76 6.00 -0.42 0.95
N THR A 77 7.20 -0.52 1.46
CA THR A 77 7.80 0.38 2.46
C THR A 77 7.85 1.82 1.97
N ALA A 78 8.13 2.03 0.69
CA ALA A 78 8.03 3.33 0.04
C ALA A 78 6.59 3.83 -0.08
N MET A 79 5.61 3.01 -0.50
CA MET A 79 4.17 3.33 -0.44
C MET A 79 3.81 3.92 0.90
N LEU A 80 4.24 3.22 1.93
CA LEU A 80 3.82 3.42 3.30
C LEU A 80 4.41 4.71 3.85
N GLN A 81 5.70 4.94 3.66
CA GLN A 81 6.33 6.23 3.94
C GLN A 81 5.77 7.38 3.06
N ASN A 82 5.48 7.10 1.78
CA ASN A 82 4.87 8.04 0.83
C ASN A 82 3.48 8.48 1.31
N MET A 83 2.70 7.54 1.83
CA MET A 83 1.38 7.81 2.39
C MET A 83 1.48 8.62 3.67
N LEU A 84 2.43 8.34 4.59
CA LEU A 84 2.63 9.20 5.75
C LEU A 84 3.05 10.63 5.38
N ALA A 85 3.81 10.78 4.29
CA ALA A 85 4.12 12.09 3.72
C ALA A 85 2.88 12.78 3.10
N LYS A 86 1.88 12.03 2.60
CA LYS A 86 0.64 12.57 2.03
C LYS A 86 -0.41 12.99 3.08
N VAL A 87 -0.77 12.08 3.99
CA VAL A 87 -1.80 12.25 5.03
C VAL A 87 -1.44 13.28 6.10
N GLU A 88 -2.46 13.75 6.82
CA GLU A 88 -2.34 14.59 7.99
C GLU A 88 -2.05 13.74 9.23
N PRO A 89 -0.92 13.93 9.95
CA PRO A 89 -0.62 13.33 11.26
C PRO A 89 -1.79 13.22 12.26
N GLY A 90 -2.62 14.26 12.32
CA GLY A 90 -3.78 14.36 13.21
C GLY A 90 -4.82 13.24 13.10
N THR A 91 -4.99 12.68 11.89
CA THR A 91 -6.00 11.65 11.59
C THR A 91 -5.69 10.27 12.19
N HIS A 92 -6.73 9.45 12.29
CA HIS A 92 -6.59 8.04 12.60
C HIS A 92 -6.06 7.25 11.37
N LEU A 93 -6.31 7.77 10.16
CA LEU A 93 -5.75 7.24 8.93
C LEU A 93 -4.23 7.15 9.03
N TYR A 94 -3.57 8.25 9.40
CA TYR A 94 -2.12 8.30 9.56
C TYR A 94 -1.63 7.14 10.45
N GLU A 95 -2.34 6.92 11.57
CA GLU A 95 -2.07 5.86 12.52
C GLU A 95 -2.29 4.47 11.91
N ALA A 96 -3.27 4.29 11.01
CA ALA A 96 -3.46 3.04 10.29
C ALA A 96 -2.28 2.74 9.36
N LEU A 97 -1.79 3.72 8.59
CA LEU A 97 -0.66 3.53 7.68
C LEU A 97 0.61 3.19 8.47
N ASN A 98 0.88 3.94 9.56
CA ASN A 98 2.01 3.68 10.44
C ASN A 98 1.89 2.30 11.09
N GLY A 99 0.70 1.93 11.55
CA GLY A 99 0.43 0.69 12.25
C GLY A 99 0.57 -0.53 11.32
N VAL A 100 0.09 -0.45 10.08
CA VAL A 100 0.36 -1.50 9.11
C VAL A 100 1.82 -1.55 8.67
N LEU A 101 2.51 -0.41 8.53
CA LEU A 101 3.94 -0.41 8.19
C LEU A 101 4.73 -1.13 9.29
N VAL A 102 4.47 -0.77 10.55
CA VAL A 102 5.05 -1.33 11.77
C VAL A 102 4.73 -2.82 11.93
N GLY A 103 3.47 -3.21 11.71
CA GLY A 103 2.99 -4.58 11.87
C GLY A 103 3.42 -5.51 10.73
N SER A 104 3.36 -5.02 9.49
CA SER A 104 3.90 -5.70 8.30
C SER A 104 5.43 -5.88 8.43
N MET A 105 6.17 -4.85 8.87
CA MET A 105 7.60 -4.96 9.18
C MET A 105 7.91 -5.98 10.28
N ASN A 106 7.09 -6.05 11.35
CA ASN A 106 7.21 -7.05 12.41
C ASN A 106 6.95 -8.49 11.87
N ALA A 107 5.99 -8.64 10.97
CA ALA A 107 5.70 -9.90 10.30
C ALA A 107 6.86 -10.37 9.40
N GLN A 108 7.56 -9.43 8.74
CA GLN A 108 8.79 -9.71 7.98
C GLN A 108 9.97 -10.08 8.90
N SER A 109 10.20 -9.29 9.97
CA SER A 109 11.35 -9.44 10.86
C SER A 109 11.30 -10.68 11.78
N GLN A 110 10.09 -11.11 12.13
CA GLN A 110 9.81 -12.20 13.09
C GLN A 110 10.49 -11.98 14.47
N MET A 111 10.68 -10.71 14.87
CA MET A 111 11.29 -10.27 16.11
C MET A 111 10.52 -10.71 17.37
N THR A 112 9.26 -11.12 17.25
CA THR A 112 8.40 -11.68 18.29
C THR A 112 9.07 -12.78 19.08
N SER A 113 9.53 -13.77 18.34
CA SER A 113 10.29 -14.94 18.83
C SER A 113 11.60 -14.55 19.51
N TRP A 114 12.26 -13.49 18.99
CA TRP A 114 13.54 -12.96 19.46
C TRP A 114 13.46 -12.10 20.73
N MET A 115 12.26 -11.69 21.17
CA MET A 115 12.04 -11.02 22.46
C MET A 115 12.63 -11.81 23.64
N GLN A 116 12.58 -13.14 23.55
CA GLN A 116 13.12 -14.12 24.51
C GLN A 116 14.66 -14.09 24.66
N GLU A 117 15.36 -13.16 24.01
CA GLU A 117 16.81 -12.99 24.02
C GLU A 117 17.18 -11.51 24.21
N ILE A 118 16.45 -10.61 23.55
CA ILE A 118 16.51 -9.16 23.76
C ILE A 118 16.21 -8.77 25.22
N ILE A 119 15.28 -9.47 25.87
CA ILE A 119 15.01 -9.39 27.31
C ILE A 119 16.11 -10.13 28.09
N LEU A 120 17.05 -9.37 28.66
CA LEU A 120 18.19 -9.87 29.43
C LEU A 120 17.80 -10.71 30.67
N SER A 121 18.72 -11.57 31.13
CA SER A 121 18.53 -12.46 32.28
C SER A 121 18.26 -11.71 33.61
N GLY A 122 18.94 -10.57 33.82
CA GLY A 122 18.78 -9.72 35.00
C GLY A 122 19.80 -8.58 35.08
N GLY A 123 19.73 -7.80 36.17
CA GLY A 123 20.60 -6.64 36.44
C GLY A 123 21.32 -6.71 37.80
N GLU A 124 21.47 -7.92 38.35
CA GLU A 124 22.06 -8.22 39.66
C GLU A 124 23.62 -8.21 39.69
N ASN A 125 24.25 -7.80 38.58
CA ASN A 125 25.70 -7.73 38.39
C ASN A 125 26.46 -7.04 39.55
N LYS A 126 27.64 -7.58 39.90
CA LYS A 126 28.45 -7.23 41.08
C LYS A 126 28.90 -5.76 41.15
N GLU A 127 29.22 -5.32 42.37
CA GLU A 127 29.83 -4.03 42.69
C GLU A 127 31.21 -3.81 42.02
N ALA A 128 31.69 -2.56 42.06
CA ALA A 128 32.99 -2.12 41.56
C ALA A 128 33.59 -1.00 42.45
N ILE A 129 34.80 -0.52 42.11
CA ILE A 129 35.55 0.51 42.81
C ILE A 129 34.82 1.87 42.95
N ASP A 130 35.46 2.76 43.70
CA ASP A 130 34.96 4.07 44.16
C ASP A 130 34.63 5.10 43.05
N TRP A 131 35.00 4.82 41.78
CA TRP A 131 34.93 5.72 40.62
C TRP A 131 34.57 5.00 39.31
N VAL A 4 -71.85 13.03 -27.91
CA VAL A 4 -70.53 12.46 -28.25
C VAL A 4 -69.76 12.01 -27.00
N SER A 5 -68.66 11.27 -27.20
CA SER A 5 -67.79 10.74 -26.15
C SER A 5 -66.31 10.90 -26.52
N LEU A 6 -65.42 10.84 -25.52
CA LEU A 6 -63.97 11.08 -25.66
C LEU A 6 -63.16 10.25 -24.64
N SER A 7 -61.89 9.98 -24.95
CA SER A 7 -60.92 9.29 -24.10
C SER A 7 -59.51 9.86 -24.28
N ALA A 8 -58.61 9.55 -23.33
CA ALA A 8 -57.23 10.06 -23.28
C ALA A 8 -56.27 9.09 -22.54
N ARG A 9 -54.96 9.35 -22.66
CA ARG A 9 -53.87 8.62 -21.99
C ARG A 9 -52.66 9.52 -21.72
N ALA A 10 -51.74 9.07 -20.86
CA ALA A 10 -50.51 9.78 -20.50
C ALA A 10 -49.36 8.81 -20.18
N ALA A 11 -48.12 9.32 -20.20
CA ALA A 11 -46.88 8.58 -19.91
C ALA A 11 -45.76 9.52 -19.40
N MET A 12 -44.64 8.94 -18.97
CA MET A 12 -43.43 9.65 -18.53
C MET A 12 -42.16 8.96 -19.04
N LEU A 13 -41.03 9.69 -19.07
CA LEU A 13 -39.72 9.20 -19.51
C LEU A 13 -38.59 9.94 -18.78
N ASN A 14 -37.50 9.22 -18.48
CA ASN A 14 -36.27 9.74 -17.88
C ASN A 14 -35.05 8.90 -18.33
N ASN A 15 -33.84 9.46 -18.23
CA ASN A 15 -32.58 8.81 -18.60
C ASN A 15 -31.38 9.35 -17.79
N MET A 16 -30.29 8.58 -17.78
CA MET A 16 -28.97 8.95 -17.25
C MET A 16 -27.90 8.22 -18.08
N ASP A 17 -26.86 8.94 -18.49
CA ASP A 17 -25.85 8.48 -19.46
C ASP A 17 -24.42 8.94 -19.09
N SER A 18 -23.42 8.20 -19.57
CA SER A 18 -22.00 8.34 -19.20
C SER A 18 -21.06 7.99 -20.38
N ALA A 19 -19.76 8.25 -20.21
CA ALA A 19 -18.71 7.98 -21.21
C ALA A 19 -17.47 7.31 -20.57
N PRO A 20 -17.61 6.07 -20.04
CA PRO A 20 -16.51 5.33 -19.40
C PRO A 20 -15.40 4.94 -20.40
N LEU A 21 -14.22 4.62 -19.86
CA LEU A 21 -13.00 4.26 -20.59
C LEU A 21 -12.09 3.30 -19.80
N SER A 22 -10.93 2.97 -20.36
CA SER A 22 -9.87 2.16 -19.73
C SER A 22 -8.55 2.93 -19.67
N ASN A 23 -7.81 2.77 -18.56
CA ASN A 23 -6.57 3.48 -18.25
C ASN A 23 -5.68 2.67 -17.29
N GLY A 24 -4.41 3.07 -17.14
CA GLY A 24 -3.45 2.49 -16.19
C GLY A 24 -2.20 3.35 -16.02
N GLY A 25 -1.43 3.10 -14.96
CA GLY A 25 -0.24 3.88 -14.59
C GLY A 25 0.19 3.68 -13.13
N ASP A 26 1.33 4.27 -12.77
CA ASP A 26 1.76 4.37 -11.38
C ASP A 26 0.80 5.30 -10.62
N VAL A 27 0.43 6.40 -11.29
CA VAL A 27 -0.62 7.34 -10.93
C VAL A 27 -1.91 6.60 -10.60
N ASP A 28 -2.38 5.80 -11.56
CA ASP A 28 -3.63 5.04 -11.45
C ASP A 28 -3.62 4.15 -10.20
N LEU A 29 -2.56 3.38 -9.96
CA LEU A 29 -2.41 2.59 -8.74
C LEU A 29 -2.55 3.48 -7.50
N TYR A 30 -1.68 4.48 -7.35
CA TYR A 30 -1.58 5.27 -6.14
C TYR A 30 -2.87 6.00 -5.82
N ASP A 31 -3.37 6.82 -6.73
CA ASP A 31 -4.63 7.53 -6.56
C ASP A 31 -5.83 6.59 -6.28
N ALA A 32 -5.95 5.47 -7.01
CA ALA A 32 -7.03 4.51 -6.77
C ALA A 32 -6.94 3.86 -5.39
N PHE A 33 -5.74 3.41 -5.01
CA PHE A 33 -5.41 2.85 -3.72
C PHE A 33 -5.64 3.83 -2.57
N TYR A 34 -5.21 5.06 -2.79
CA TYR A 34 -5.41 6.17 -1.92
C TYR A 34 -6.93 6.39 -1.69
N GLN A 35 -7.75 6.23 -2.74
CA GLN A 35 -9.21 6.20 -2.62
C GLN A 35 -9.72 4.94 -1.87
N ARG A 36 -9.02 3.79 -1.95
CA ARG A 36 -9.28 2.60 -1.12
C ARG A 36 -9.05 2.86 0.38
N LEU A 37 -8.15 3.78 0.75
CA LEU A 37 -8.01 4.27 2.12
C LEU A 37 -9.30 5.00 2.57
N LEU A 38 -9.61 6.06 1.81
CA LEU A 38 -10.75 6.97 1.91
C LEU A 38 -12.14 6.31 1.69
N ALA A 39 -12.21 4.99 1.55
CA ALA A 39 -13.44 4.20 1.41
C ALA A 39 -14.42 4.35 2.59
N LEU A 40 -13.88 4.69 3.78
CA LEU A 40 -14.61 5.03 4.99
C LEU A 40 -13.95 6.23 5.69
N PRO A 41 -14.75 7.19 6.19
CA PRO A 41 -14.17 8.29 6.93
C PRO A 41 -15.01 8.81 8.12
N GLU A 42 -16.03 8.05 8.54
CA GLU A 42 -17.06 8.45 9.52
C GLU A 42 -16.53 9.02 10.85
N SER A 43 -15.45 8.42 11.38
CA SER A 43 -14.70 8.94 12.53
C SER A 43 -13.23 8.48 12.53
N ALA A 44 -12.99 7.17 12.69
CA ALA A 44 -11.68 6.55 12.65
C ALA A 44 -11.73 5.01 12.47
N SER A 45 -12.57 4.29 13.25
CA SER A 45 -12.70 2.82 13.28
C SER A 45 -11.33 2.12 13.15
N SER A 46 -10.49 2.31 14.16
CA SER A 46 -9.05 1.97 14.21
C SER A 46 -8.68 0.59 13.70
N GLU A 47 -9.24 -0.44 14.33
CA GLU A 47 -8.86 -1.83 14.06
C GLU A 47 -9.35 -2.27 12.66
N THR A 48 -10.60 -1.95 12.36
CA THR A 48 -11.25 -2.18 11.07
C THR A 48 -10.51 -1.49 9.92
N LEU A 49 -10.04 -0.26 10.12
CA LEU A 49 -9.28 0.50 9.13
C LEU A 49 -7.89 -0.08 8.88
N LYS A 50 -7.15 -0.51 9.93
CA LYS A 50 -5.87 -1.20 9.81
C LYS A 50 -6.03 -2.52 9.04
N ASP A 51 -7.04 -3.33 9.33
CA ASP A 51 -7.25 -4.56 8.55
C ASP A 51 -7.79 -4.30 7.14
N SER A 52 -8.60 -3.26 6.92
CA SER A 52 -9.01 -2.83 5.58
C SER A 52 -7.78 -2.38 4.76
N ILE A 53 -6.86 -1.64 5.36
CA ILE A 53 -5.58 -1.25 4.76
C ILE A 53 -4.78 -2.49 4.37
N TYR A 54 -4.65 -3.47 5.26
CA TYR A 54 -3.98 -4.75 4.98
C TYR A 54 -4.60 -5.47 3.78
N GLN A 55 -5.93 -5.57 3.76
CA GLN A 55 -6.67 -6.28 2.73
C GLN A 55 -6.53 -5.61 1.36
N GLU A 56 -6.64 -4.28 1.29
CA GLU A 56 -6.51 -3.53 0.05
C GLU A 56 -5.07 -3.58 -0.49
N MET A 57 -4.06 -3.43 0.38
CA MET A 57 -2.63 -3.64 0.09
C MET A 57 -2.36 -5.02 -0.54
N ASN A 58 -3.02 -6.05 0.00
CA ASN A 58 -2.91 -7.43 -0.44
C ASN A 58 -3.74 -7.80 -1.70
N ALA A 59 -4.77 -7.02 -2.07
CA ALA A 59 -5.76 -7.41 -3.07
C ALA A 59 -6.02 -6.50 -4.26
N PHE A 60 -5.60 -5.23 -4.23
CA PHE A 60 -5.61 -4.34 -5.39
C PHE A 60 -5.08 -4.99 -6.68
N LYS A 61 -4.09 -5.85 -6.45
CA LYS A 61 -3.16 -6.56 -7.29
C LYS A 61 -2.74 -5.77 -8.53
N ASP A 62 -1.71 -4.97 -8.33
CA ASP A 62 -1.25 -3.96 -9.28
C ASP A 62 -0.84 -4.54 -10.65
N PRO A 63 -1.47 -4.09 -11.77
CA PRO A 63 -1.07 -4.46 -13.14
C PRO A 63 0.43 -4.34 -13.44
N ASN A 64 1.06 -3.23 -13.06
CA ASN A 64 2.48 -2.96 -13.32
C ASN A 64 3.41 -3.90 -12.53
N SER A 65 3.08 -4.19 -11.28
CA SER A 65 3.77 -5.16 -10.40
C SER A 65 3.64 -6.59 -10.93
N GLY A 66 2.42 -6.99 -11.31
CA GLY A 66 2.08 -8.33 -11.78
C GLY A 66 1.47 -9.23 -10.72
N ASP A 67 1.77 -8.93 -9.46
CA ASP A 67 1.18 -9.49 -8.26
C ASP A 67 0.60 -8.36 -7.40
N SER A 68 1.01 -8.18 -6.15
CA SER A 68 0.39 -7.26 -5.19
C SER A 68 0.64 -5.78 -5.47
N ALA A 69 -0.07 -4.89 -4.77
CA ALA A 69 0.09 -3.43 -4.88
C ALA A 69 1.51 -2.93 -4.57
N PHE A 70 2.30 -3.75 -3.88
CA PHE A 70 3.72 -3.56 -3.59
C PHE A 70 4.51 -4.82 -3.99
N VAL A 71 5.66 -4.63 -4.65
CA VAL A 71 6.52 -5.67 -5.24
C VAL A 71 7.20 -6.59 -4.21
N SER A 72 7.66 -5.97 -3.12
CA SER A 72 8.53 -6.51 -2.07
C SER A 72 8.77 -5.41 -1.02
N PHE A 73 9.71 -5.59 -0.10
CA PHE A 73 10.09 -4.65 0.97
C PHE A 73 10.27 -3.23 0.45
N GLU A 74 11.01 -3.09 -0.66
CA GLU A 74 11.42 -1.80 -1.21
C GLU A 74 10.19 -0.97 -1.62
N GLN A 75 9.35 -1.58 -2.45
CA GLN A 75 8.10 -0.97 -2.89
C GLN A 75 7.15 -0.74 -1.71
N GLN A 76 7.04 -1.70 -0.81
CA GLN A 76 6.15 -1.67 0.34
C GLN A 76 6.44 -0.47 1.22
N THR A 77 7.68 -0.33 1.64
CA THR A 77 8.15 0.74 2.49
C THR A 77 8.03 2.09 1.79
N ALA A 78 8.38 2.18 0.50
CA ALA A 78 8.13 3.40 -0.25
C ALA A 78 6.63 3.73 -0.35
N MET A 79 5.78 2.76 -0.68
CA MET A 79 4.33 2.95 -0.80
C MET A 79 3.73 3.42 0.51
N LEU A 80 4.21 2.90 1.61
CA LEU A 80 3.73 3.21 2.95
C LEU A 80 4.24 4.55 3.46
N GLN A 81 5.53 4.84 3.31
CA GLN A 81 6.08 6.19 3.56
C GLN A 81 5.44 7.25 2.65
N ASN A 82 5.16 6.91 1.38
CA ASN A 82 4.45 7.75 0.43
C ASN A 82 3.01 8.02 0.91
N MET A 83 2.32 7.00 1.43
CA MET A 83 1.00 7.15 2.03
C MET A 83 1.05 8.15 3.18
N LEU A 84 2.02 8.03 4.11
CA LEU A 84 2.18 8.97 5.22
C LEU A 84 2.47 10.40 4.76
N ALA A 85 3.22 10.55 3.67
CA ALA A 85 3.44 11.83 3.01
C ALA A 85 2.17 12.44 2.41
N LYS A 86 1.19 11.61 1.98
CA LYS A 86 -0.10 12.07 1.42
C LYS A 86 -1.12 12.47 2.50
N VAL A 87 -1.38 11.58 3.47
CA VAL A 87 -2.39 11.74 4.53
C VAL A 87 -2.05 12.86 5.54
N GLU A 88 -3.07 13.33 6.25
CA GLU A 88 -2.97 14.28 7.34
C GLU A 88 -2.49 13.59 8.64
N PRO A 89 -1.33 13.95 9.21
CA PRO A 89 -0.87 13.52 10.55
C PRO A 89 -1.96 13.44 11.64
N GLY A 90 -2.87 14.42 11.67
CA GLY A 90 -3.96 14.53 12.64
C GLY A 90 -4.93 13.35 12.69
N THR A 91 -5.19 12.70 11.56
CA THR A 91 -6.12 11.58 11.44
C THR A 91 -5.63 10.28 12.08
N HIS A 92 -6.58 9.39 12.36
CA HIS A 92 -6.26 8.01 12.73
C HIS A 92 -5.79 7.20 11.51
N LEU A 93 -6.22 7.60 10.30
CA LEU A 93 -5.79 6.99 9.05
C LEU A 93 -4.26 6.95 8.98
N TYR A 94 -3.61 8.10 9.20
CA TYR A 94 -2.15 8.21 9.28
C TYR A 94 -1.55 7.13 10.20
N GLU A 95 -2.17 7.00 11.38
CA GLU A 95 -1.80 6.05 12.42
C GLU A 95 -1.96 4.59 11.96
N ALA A 96 -2.99 4.28 11.15
CA ALA A 96 -3.24 2.96 10.62
C ALA A 96 -2.21 2.58 9.56
N LEU A 97 -1.81 3.51 8.68
CA LEU A 97 -0.76 3.30 7.70
C LEU A 97 0.58 3.03 8.41
N ASN A 98 0.92 3.84 9.43
CA ASN A 98 2.10 3.62 10.24
C ASN A 98 2.05 2.26 10.95
N GLY A 99 0.86 1.89 11.46
CA GLY A 99 0.66 0.66 12.23
C GLY A 99 0.73 -0.58 11.36
N VAL A 100 0.22 -0.57 10.12
CA VAL A 100 0.47 -1.66 9.19
C VAL A 100 1.91 -1.70 8.70
N LEU A 101 2.58 -0.57 8.49
CA LEU A 101 4.01 -0.54 8.11
C LEU A 101 4.81 -1.26 9.21
N VAL A 102 4.64 -0.82 10.45
CA VAL A 102 5.28 -1.33 11.66
C VAL A 102 4.93 -2.80 11.92
N GLY A 103 3.67 -3.17 11.76
CA GLY A 103 3.17 -4.52 12.05
C GLY A 103 3.53 -5.54 10.96
N SER A 104 3.33 -5.18 9.68
CA SER A 104 3.76 -5.97 8.52
C SER A 104 5.29 -6.16 8.53
N MET A 105 6.05 -5.08 8.82
CA MET A 105 7.51 -5.14 8.98
C MET A 105 7.94 -6.09 10.10
N ASN A 106 7.33 -5.99 11.29
CA ASN A 106 7.66 -6.84 12.43
C ASN A 106 7.31 -8.33 12.20
N ALA A 107 6.23 -8.60 11.46
CA ALA A 107 5.84 -9.94 11.05
C ALA A 107 6.85 -10.55 10.05
N GLN A 108 7.34 -9.75 9.09
CA GLN A 108 8.30 -10.17 8.08
C GLN A 108 9.75 -10.28 8.59
N SER A 109 10.19 -9.40 9.49
CA SER A 109 11.58 -9.27 9.91
C SER A 109 12.17 -10.48 10.64
N GLN A 110 11.46 -11.03 11.64
CA GLN A 110 11.93 -12.13 12.50
C GLN A 110 10.80 -12.79 13.30
N MET A 111 11.06 -14.01 13.80
CA MET A 111 10.15 -14.82 14.62
C MET A 111 10.68 -15.07 16.06
N THR A 112 11.86 -14.53 16.40
CA THR A 112 12.44 -14.47 17.74
C THR A 112 11.55 -13.70 18.71
N SER A 113 11.23 -12.47 18.33
CA SER A 113 10.31 -11.55 19.00
C SER A 113 8.91 -12.14 19.18
N TRP A 114 8.52 -13.06 18.29
CA TRP A 114 7.27 -13.81 18.33
C TRP A 114 7.17 -14.80 19.50
N MET A 115 8.30 -15.18 20.11
CA MET A 115 8.38 -16.00 21.32
C MET A 115 7.88 -15.31 22.61
N GLN A 116 7.47 -14.03 22.53
CA GLN A 116 6.90 -13.23 23.62
C GLN A 116 5.77 -13.85 24.46
N GLU A 117 5.10 -14.87 23.93
CA GLU A 117 3.92 -15.51 24.51
C GLU A 117 4.23 -16.92 25.05
N ILE A 118 4.96 -17.74 24.29
CA ILE A 118 5.47 -19.05 24.68
C ILE A 118 6.46 -18.99 25.85
N ILE A 119 7.29 -17.93 25.92
CA ILE A 119 8.18 -17.63 27.05
C ILE A 119 7.37 -17.27 28.31
N LEU A 120 7.86 -17.70 29.48
CA LEU A 120 7.34 -17.40 30.81
C LEU A 120 8.47 -17.05 31.80
N SER A 121 8.14 -16.39 32.90
CA SER A 121 9.08 -15.88 33.91
C SER A 121 9.96 -16.96 34.55
N GLY A 122 11.19 -16.59 34.91
CA GLY A 122 12.20 -17.48 35.50
C GLY A 122 13.63 -16.89 35.47
N GLY A 123 14.60 -17.68 35.93
CA GLY A 123 16.04 -17.34 35.86
C GLY A 123 16.58 -16.43 36.97
N GLU A 124 15.76 -16.09 37.97
CA GLU A 124 16.12 -15.23 39.10
C GLU A 124 17.07 -15.90 40.12
N ASN A 125 17.28 -17.21 40.01
CA ASN A 125 18.11 -18.03 40.91
C ASN A 125 19.58 -17.58 40.98
N LYS A 126 20.22 -17.90 42.11
CA LYS A 126 21.68 -17.78 42.34
C LYS A 126 22.51 -18.67 41.41
N GLU A 127 23.80 -18.33 41.29
CA GLU A 127 24.82 -19.16 40.63
C GLU A 127 25.14 -20.45 41.42
N ALA A 128 25.93 -21.35 40.83
CA ALA A 128 26.38 -22.60 41.43
C ALA A 128 27.79 -23.02 40.97
N ILE A 129 28.42 -23.94 41.73
CA ILE A 129 29.72 -24.53 41.48
C ILE A 129 29.85 -25.30 40.15
N ASP A 130 31.08 -25.75 39.90
CA ASP A 130 31.52 -26.47 38.69
C ASP A 130 32.56 -27.58 39.02
N TRP A 131 32.50 -28.13 40.23
CA TRP A 131 33.46 -29.09 40.81
C TRP A 131 32.76 -30.23 41.55
N VAL A 4 -0.24 19.48 -58.95
CA VAL A 4 -0.78 19.07 -57.64
C VAL A 4 -2.30 19.31 -57.51
N SER A 5 -2.93 18.59 -56.59
CA SER A 5 -4.37 18.62 -56.31
C SER A 5 -4.69 19.22 -54.93
N LEU A 6 -5.99 19.37 -54.61
CA LEU A 6 -6.46 19.86 -53.31
C LEU A 6 -6.02 18.96 -52.13
N SER A 7 -5.96 19.53 -50.92
CA SER A 7 -5.54 18.87 -49.68
C SER A 7 -6.51 17.81 -49.12
N ALA A 8 -7.73 17.71 -49.67
CA ALA A 8 -8.75 16.74 -49.26
C ALA A 8 -8.32 15.26 -49.41
N ARG A 9 -8.92 14.37 -48.60
CA ARG A 9 -8.68 12.92 -48.55
C ARG A 9 -9.99 12.14 -48.31
N ALA A 10 -9.94 10.83 -48.49
CA ALA A 10 -11.05 9.90 -48.26
C ALA A 10 -10.57 8.53 -47.74
N ALA A 11 -11.48 7.77 -47.11
CA ALA A 11 -11.22 6.44 -46.53
C ALA A 11 -12.49 5.56 -46.46
N MET A 12 -12.32 4.28 -46.16
CA MET A 12 -13.40 3.30 -45.92
C MET A 12 -14.23 3.62 -44.66
N LEU A 13 -15.36 2.92 -44.48
CA LEU A 13 -16.34 3.14 -43.41
C LEU A 13 -16.70 1.80 -42.74
N ASN A 14 -16.41 1.69 -41.45
CA ASN A 14 -16.76 0.56 -40.58
C ASN A 14 -16.96 1.03 -39.12
N ASN A 15 -17.54 0.19 -38.25
CA ASN A 15 -17.71 0.46 -36.82
C ASN A 15 -16.35 0.69 -36.10
N MET A 16 -16.35 1.53 -35.07
CA MET A 16 -15.16 1.81 -34.23
C MET A 16 -14.76 0.60 -33.37
N ASP A 17 -13.49 0.56 -32.93
CA ASP A 17 -12.87 -0.57 -32.22
C ASP A 17 -12.00 -0.15 -31.01
N SER A 18 -11.93 1.15 -30.70
CA SER A 18 -11.19 1.73 -29.57
C SER A 18 -11.75 3.11 -29.18
N ALA A 19 -11.44 3.57 -27.97
CA ALA A 19 -11.78 4.90 -27.44
C ALA A 19 -10.73 5.38 -26.42
N PRO A 20 -10.58 6.70 -26.17
CA PRO A 20 -9.67 7.24 -25.15
C PRO A 20 -9.86 6.62 -23.76
N LEU A 21 -8.76 6.17 -23.14
CA LEU A 21 -8.73 5.54 -21.82
C LEU A 21 -7.32 5.63 -21.18
N SER A 22 -7.21 5.20 -19.91
CA SER A 22 -5.94 5.05 -19.19
C SER A 22 -6.00 3.86 -18.22
N ASN A 23 -4.93 3.07 -18.16
CA ASN A 23 -4.79 1.87 -17.33
C ASN A 23 -3.29 1.55 -17.08
N GLY A 24 -2.98 0.83 -16.00
CA GLY A 24 -1.64 0.29 -15.73
C GLY A 24 -0.61 1.28 -15.18
N GLY A 25 -1.00 2.53 -14.89
CA GLY A 25 -0.10 3.59 -14.41
C GLY A 25 0.32 3.44 -12.93
N ASP A 26 1.42 4.09 -12.55
CA ASP A 26 1.83 4.22 -11.17
C ASP A 26 0.85 5.14 -10.42
N VAL A 27 0.50 6.24 -11.08
CA VAL A 27 -0.57 7.18 -10.72
C VAL A 27 -1.85 6.42 -10.42
N ASP A 28 -2.30 5.64 -11.40
CA ASP A 28 -3.53 4.85 -11.34
C ASP A 28 -3.57 3.96 -10.10
N LEU A 29 -2.54 3.15 -9.84
CA LEU A 29 -2.46 2.34 -8.62
C LEU A 29 -2.57 3.23 -7.37
N TYR A 30 -1.66 4.19 -7.22
CA TYR A 30 -1.51 4.97 -5.99
C TYR A 30 -2.79 5.70 -5.65
N ASP A 31 -3.28 6.54 -6.54
CA ASP A 31 -4.50 7.32 -6.33
C ASP A 31 -5.76 6.43 -6.16
N ALA A 32 -5.89 5.32 -6.88
CA ALA A 32 -6.99 4.37 -6.68
C ALA A 32 -6.96 3.76 -5.28
N PHE A 33 -5.81 3.22 -4.90
CA PHE A 33 -5.51 2.72 -3.56
C PHE A 33 -5.73 3.76 -2.47
N TYR A 34 -5.34 4.98 -2.77
CA TYR A 34 -5.54 6.14 -1.94
C TYR A 34 -7.05 6.37 -1.70
N GLN A 35 -7.90 6.15 -2.72
CA GLN A 35 -9.35 6.12 -2.53
C GLN A 35 -9.81 4.93 -1.65
N ARG A 36 -9.14 3.77 -1.76
CA ARG A 36 -9.37 2.61 -0.88
C ARG A 36 -9.03 2.90 0.59
N LEU A 37 -8.11 3.82 0.89
CA LEU A 37 -7.88 4.34 2.23
C LEU A 37 -9.11 5.09 2.75
N LEU A 38 -9.46 6.14 2.01
CA LEU A 38 -10.56 7.08 2.23
C LEU A 38 -11.99 6.49 2.19
N ALA A 39 -12.13 5.19 1.92
CA ALA A 39 -13.40 4.48 1.78
C ALA A 39 -14.19 4.30 3.10
N LEU A 40 -13.50 4.32 4.24
CA LEU A 40 -14.01 3.97 5.56
C LEU A 40 -13.87 5.02 6.68
N PRO A 41 -12.74 5.77 6.78
CA PRO A 41 -12.39 6.60 7.94
C PRO A 41 -13.52 7.36 8.66
N GLU A 42 -13.91 6.87 9.83
CA GLU A 42 -14.90 7.43 10.76
C GLU A 42 -14.52 7.12 12.21
N SER A 43 -15.04 7.92 13.15
CA SER A 43 -14.96 7.88 14.62
C SER A 43 -13.56 7.81 15.25
N ALA A 44 -12.53 7.89 14.41
CA ALA A 44 -11.10 7.98 14.71
C ALA A 44 -10.55 6.86 15.64
N SER A 45 -11.30 5.78 15.81
CA SER A 45 -11.10 4.71 16.78
C SER A 45 -11.60 3.33 16.31
N SER A 46 -11.14 2.89 15.13
CA SER A 46 -11.63 1.75 14.38
C SER A 46 -10.47 1.15 13.56
N GLU A 47 -9.56 0.45 14.25
CA GLU A 47 -8.45 -0.35 13.71
C GLU A 47 -8.85 -1.28 12.54
N THR A 48 -10.16 -1.55 12.42
CA THR A 48 -10.80 -2.19 11.27
C THR A 48 -10.38 -1.51 9.95
N LEU A 49 -10.04 -0.21 9.98
CA LEU A 49 -9.42 0.56 8.90
C LEU A 49 -8.05 0.00 8.53
N LYS A 50 -7.16 -0.21 9.51
CA LYS A 50 -5.85 -0.86 9.34
C LYS A 50 -5.99 -2.28 8.77
N ASP A 51 -6.98 -3.06 9.20
CA ASP A 51 -7.28 -4.34 8.55
C ASP A 51 -7.88 -4.24 7.14
N SER A 52 -8.71 -3.22 6.86
CA SER A 52 -9.15 -2.93 5.49
C SER A 52 -7.97 -2.54 4.58
N ILE A 53 -7.05 -1.72 5.10
CA ILE A 53 -5.79 -1.35 4.47
C ILE A 53 -4.93 -2.59 4.21
N TYR A 54 -4.82 -3.52 5.18
CA TYR A 54 -4.09 -4.77 5.04
C TYR A 54 -4.67 -5.69 3.95
N GLN A 55 -5.99 -5.88 3.98
CA GLN A 55 -6.67 -6.74 3.01
C GLN A 55 -6.57 -6.17 1.59
N GLU A 56 -6.65 -4.85 1.45
CA GLU A 56 -6.43 -4.17 0.18
C GLU A 56 -4.97 -4.22 -0.27
N MET A 57 -4.00 -4.01 0.65
CA MET A 57 -2.56 -4.13 0.43
C MET A 57 -2.23 -5.47 -0.24
N ASN A 58 -2.84 -6.55 0.27
CA ASN A 58 -2.67 -7.92 -0.19
C ASN A 58 -3.36 -8.28 -1.54
N ALA A 59 -4.37 -7.51 -1.97
CA ALA A 59 -5.26 -7.88 -3.07
C ALA A 59 -5.55 -6.87 -4.19
N PHE A 60 -5.28 -5.58 -4.00
CA PHE A 60 -5.35 -4.58 -5.06
C PHE A 60 -4.67 -5.03 -6.37
N LYS A 61 -3.51 -5.69 -6.18
CA LYS A 61 -2.72 -6.42 -7.16
C LYS A 61 -2.26 -5.58 -8.36
N ASP A 62 -1.03 -5.14 -8.22
CA ASP A 62 -0.34 -4.24 -9.15
C ASP A 62 -0.24 -4.86 -10.56
N PRO A 63 -0.78 -4.22 -11.62
CA PRO A 63 -0.66 -4.65 -13.00
C PRO A 63 0.74 -5.08 -13.45
N ASN A 64 1.77 -4.32 -13.06
CA ASN A 64 3.16 -4.59 -13.42
C ASN A 64 3.74 -5.81 -12.67
N SER A 65 3.53 -5.91 -11.36
CA SER A 65 4.07 -6.97 -10.51
C SER A 65 3.34 -8.31 -10.64
N GLY A 66 2.02 -8.30 -10.43
CA GLY A 66 1.13 -9.47 -10.42
C GLY A 66 1.03 -10.16 -9.05
N ASP A 67 2.07 -10.01 -8.24
CA ASP A 67 2.26 -10.70 -6.96
C ASP A 67 1.42 -10.10 -5.80
N SER A 68 1.40 -8.78 -5.71
CA SER A 68 0.61 -7.94 -4.81
C SER A 68 0.60 -6.50 -5.29
N ALA A 69 0.02 -5.56 -4.54
CA ALA A 69 0.09 -4.13 -4.82
C ALA A 69 1.53 -3.53 -4.74
N PHE A 70 2.46 -4.27 -4.12
CA PHE A 70 3.86 -3.88 -3.88
C PHE A 70 4.81 -5.01 -4.32
N VAL A 71 5.94 -4.64 -4.94
CA VAL A 71 6.99 -5.51 -5.49
C VAL A 71 7.69 -6.36 -4.43
N SER A 72 8.04 -5.73 -3.31
CA SER A 72 8.84 -6.29 -2.21
C SER A 72 8.89 -5.29 -1.04
N PHE A 73 9.79 -5.52 -0.08
CA PHE A 73 10.13 -4.58 0.99
C PHE A 73 10.34 -3.17 0.42
N GLU A 74 11.02 -3.06 -0.72
CA GLU A 74 11.40 -1.79 -1.34
C GLU A 74 10.17 -0.96 -1.70
N GLN A 75 9.24 -1.57 -2.44
CA GLN A 75 8.00 -0.91 -2.83
C GLN A 75 7.08 -0.66 -1.64
N GLN A 76 6.94 -1.61 -0.72
CA GLN A 76 6.17 -1.49 0.51
C GLN A 76 6.66 -0.28 1.34
N THR A 77 7.97 -0.13 1.51
CA THR A 77 8.56 0.97 2.28
C THR A 77 8.38 2.31 1.56
N ALA A 78 8.54 2.36 0.23
CA ALA A 78 8.17 3.56 -0.52
C ALA A 78 6.67 3.87 -0.47
N MET A 79 5.80 2.86 -0.60
CA MET A 79 4.35 3.00 -0.42
C MET A 79 4.07 3.67 0.90
N LEU A 80 4.63 3.13 1.97
CA LEU A 80 4.27 3.53 3.31
C LEU A 80 4.82 4.90 3.68
N GLN A 81 6.06 5.19 3.29
CA GLN A 81 6.59 6.56 3.40
C GLN A 81 5.77 7.54 2.54
N ASN A 82 5.41 7.16 1.31
CA ASN A 82 4.57 7.94 0.41
C ASN A 82 3.15 8.15 0.99
N MET A 83 2.58 7.10 1.58
CA MET A 83 1.25 7.04 2.17
C MET A 83 1.16 8.02 3.34
N LEU A 84 2.15 7.99 4.25
CA LEU A 84 2.26 8.94 5.36
C LEU A 84 2.56 10.37 4.93
N ALA A 85 3.33 10.56 3.85
CA ALA A 85 3.57 11.87 3.26
C ALA A 85 2.31 12.50 2.65
N LYS A 86 1.37 11.69 2.14
CA LYS A 86 0.13 12.15 1.50
C LYS A 86 -0.97 12.52 2.50
N VAL A 87 -1.22 11.68 3.51
CA VAL A 87 -2.17 11.92 4.61
C VAL A 87 -1.74 13.06 5.54
N GLU A 88 -2.68 13.52 6.34
CA GLU A 88 -2.49 14.46 7.46
C GLU A 88 -1.41 13.99 8.45
N PRO A 89 -0.80 14.94 9.17
CA PRO A 89 0.14 14.72 10.29
C PRO A 89 -0.21 13.63 11.32
N GLY A 90 -1.48 13.53 11.75
CA GLY A 90 -1.84 12.68 12.90
C GLY A 90 -3.30 12.25 13.05
N THR A 91 -3.99 11.98 11.94
CA THR A 91 -5.32 11.35 11.95
C THR A 91 -5.26 9.86 12.33
N HIS A 92 -6.44 9.30 12.58
CA HIS A 92 -6.63 7.86 12.70
C HIS A 92 -6.20 7.14 11.41
N LEU A 93 -6.36 7.79 10.24
CA LEU A 93 -5.84 7.26 8.99
C LEU A 93 -4.31 7.14 9.05
N TYR A 94 -3.61 8.25 9.34
CA TYR A 94 -2.16 8.28 9.51
C TYR A 94 -1.69 7.16 10.45
N GLU A 95 -2.41 6.99 11.56
CA GLU A 95 -2.13 5.94 12.55
C GLU A 95 -2.35 4.53 11.98
N ALA A 96 -3.34 4.32 11.12
CA ALA A 96 -3.55 3.04 10.45
C ALA A 96 -2.37 2.73 9.52
N LEU A 97 -1.89 3.70 8.74
CA LEU A 97 -0.77 3.51 7.84
C LEU A 97 0.52 3.20 8.60
N ASN A 98 0.79 3.91 9.70
CA ASN A 98 1.92 3.63 10.56
C ASN A 98 1.81 2.24 11.19
N GLY A 99 0.61 1.86 11.64
CA GLY A 99 0.35 0.58 12.29
C GLY A 99 0.50 -0.58 11.32
N VAL A 100 0.00 -0.46 10.08
CA VAL A 100 0.22 -1.47 9.06
C VAL A 100 1.66 -1.50 8.56
N LEU A 101 2.37 -0.37 8.44
CA LEU A 101 3.80 -0.34 8.13
C LEU A 101 4.55 -1.17 9.17
N VAL A 102 4.32 -0.87 10.45
CA VAL A 102 4.95 -1.48 11.62
C VAL A 102 4.65 -2.98 11.71
N GLY A 103 3.38 -3.37 11.53
CA GLY A 103 2.96 -4.77 11.63
C GLY A 103 3.33 -5.60 10.40
N SER A 104 3.19 -5.05 9.18
CA SER A 104 3.69 -5.63 7.93
C SER A 104 5.22 -5.83 8.00
N MET A 105 5.96 -4.84 8.51
CA MET A 105 7.41 -4.93 8.75
C MET A 105 7.76 -6.06 9.74
N ASN A 106 7.06 -6.16 10.88
CA ASN A 106 7.28 -7.24 11.84
C ASN A 106 6.91 -8.63 11.29
N ALA A 107 5.89 -8.71 10.43
CA ALA A 107 5.52 -9.95 9.75
C ALA A 107 6.61 -10.41 8.76
N GLN A 108 7.26 -9.48 8.06
CA GLN A 108 8.43 -9.76 7.22
C GLN A 108 9.68 -10.12 8.03
N SER A 109 9.97 -9.39 9.11
CA SER A 109 11.21 -9.52 9.88
C SER A 109 11.25 -10.73 10.84
N GLN A 110 10.09 -11.12 11.38
CA GLN A 110 9.77 -12.24 12.27
C GLN A 110 10.87 -12.71 13.24
N MET A 111 11.88 -13.44 12.75
CA MET A 111 12.99 -14.00 13.51
C MET A 111 13.78 -12.96 14.33
N THR A 112 13.79 -11.68 13.93
CA THR A 112 14.41 -10.57 14.65
C THR A 112 13.83 -10.41 16.05
N SER A 113 12.52 -10.19 16.10
CA SER A 113 11.69 -10.07 17.30
C SER A 113 11.74 -11.33 18.16
N TRP A 114 11.93 -12.50 17.53
CA TRP A 114 12.05 -13.79 18.19
C TRP A 114 13.31 -13.93 19.07
N MET A 115 14.36 -13.15 18.81
CA MET A 115 15.59 -13.09 19.62
C MET A 115 15.38 -12.54 21.05
N GLN A 116 14.15 -12.22 21.45
CA GLN A 116 13.76 -11.90 22.83
C GLN A 116 13.41 -13.15 23.65
N GLU A 117 13.13 -14.30 23.02
CA GLU A 117 12.67 -15.52 23.69
C GLU A 117 13.83 -16.30 24.34
N ILE A 118 14.96 -16.37 23.63
CA ILE A 118 16.23 -16.97 24.01
C ILE A 118 16.88 -16.36 25.26
N ILE A 119 16.60 -15.07 25.49
CA ILE A 119 17.11 -14.24 26.59
C ILE A 119 16.72 -14.81 27.98
N LEU A 120 17.71 -14.90 28.88
CA LEU A 120 17.56 -15.35 30.27
C LEU A 120 18.61 -14.74 31.23
N SER A 121 19.80 -14.38 30.74
CA SER A 121 20.92 -13.83 31.51
C SER A 121 20.57 -12.56 32.32
N GLY A 122 21.28 -12.36 33.44
CA GLY A 122 21.13 -11.20 34.33
C GLY A 122 22.11 -11.23 35.52
N GLY A 123 22.01 -10.23 36.40
CA GLY A 123 22.84 -10.12 37.61
C GLY A 123 22.50 -11.13 38.72
N GLU A 124 23.37 -11.23 39.73
CA GLU A 124 23.23 -12.18 40.85
C GLU A 124 22.02 -11.89 41.76
N ASN A 125 21.59 -10.63 41.83
CA ASN A 125 20.40 -10.15 42.52
C ASN A 125 19.93 -8.80 41.94
N LYS A 126 18.61 -8.56 41.98
CA LYS A 126 17.92 -7.33 41.58
C LYS A 126 16.84 -6.85 42.56
N GLU A 127 16.75 -7.45 43.75
CA GLU A 127 15.66 -7.28 44.73
C GLU A 127 16.16 -7.06 46.17
N ALA A 128 15.21 -6.71 47.06
CA ALA A 128 15.35 -6.42 48.49
C ALA A 128 16.27 -5.24 48.89
N ILE A 129 16.05 -4.74 50.11
CA ILE A 129 16.75 -3.61 50.74
C ILE A 129 18.22 -3.91 51.11
N ASP A 130 18.86 -2.91 51.71
CA ASP A 130 20.18 -2.96 52.32
C ASP A 130 20.24 -2.09 53.60
N TRP A 131 21.20 -2.36 54.49
CA TRP A 131 21.36 -1.72 55.81
C TRP A 131 21.63 -0.20 55.72
N VAL A 4 52.31 -23.18 -38.88
CA VAL A 4 52.06 -24.38 -38.06
C VAL A 4 51.04 -24.09 -36.96
N SER A 5 50.29 -25.11 -36.53
CA SER A 5 49.25 -25.05 -35.50
C SER A 5 49.06 -26.39 -34.76
N LEU A 6 48.29 -26.38 -33.67
CA LEU A 6 47.97 -27.56 -32.85
C LEU A 6 46.55 -27.45 -32.24
N SER A 7 45.85 -28.58 -32.14
CA SER A 7 44.51 -28.68 -31.54
C SER A 7 44.53 -28.51 -30.00
N ALA A 8 43.34 -28.42 -29.38
CA ALA A 8 43.14 -28.31 -27.94
C ALA A 8 41.85 -29.02 -27.47
N ARG A 9 41.76 -29.29 -26.16
CA ARG A 9 40.59 -29.91 -25.51
C ARG A 9 39.35 -28.99 -25.52
N ALA A 10 38.17 -29.59 -25.34
CA ALA A 10 36.88 -28.89 -25.30
C ALA A 10 36.74 -27.91 -24.11
N ALA A 11 35.77 -27.01 -24.21
CA ALA A 11 35.40 -26.00 -23.19
C ALA A 11 33.88 -25.72 -23.20
N MET A 12 33.41 -24.95 -22.20
CA MET A 12 31.99 -24.59 -22.04
C MET A 12 31.79 -23.20 -21.41
N LEU A 13 30.60 -22.63 -21.60
CA LEU A 13 30.15 -21.35 -21.05
C LEU A 13 28.62 -21.37 -20.91
N ASN A 14 28.09 -20.88 -19.78
CA ASN A 14 26.65 -20.83 -19.48
C ASN A 14 26.28 -19.55 -18.72
N ASN A 15 24.97 -19.22 -18.68
CA ASN A 15 24.41 -18.03 -18.03
C ASN A 15 23.01 -18.31 -17.44
N MET A 16 22.41 -17.28 -16.83
CA MET A 16 21.02 -17.27 -16.34
C MET A 16 20.25 -16.06 -16.92
N ASP A 17 18.93 -16.02 -16.68
CA ASP A 17 18.02 -14.93 -17.08
C ASP A 17 16.83 -14.83 -16.10
N SER A 18 16.13 -13.69 -16.09
CA SER A 18 15.03 -13.37 -15.16
C SER A 18 13.87 -12.66 -15.85
N ALA A 19 12.64 -12.96 -15.43
CA ALA A 19 11.42 -12.37 -15.96
C ALA A 19 11.30 -10.85 -15.66
N PRO A 20 10.68 -10.05 -16.56
CA PRO A 20 10.42 -8.62 -16.33
C PRO A 20 9.23 -8.38 -15.38
N LEU A 21 8.96 -7.09 -15.08
CA LEU A 21 7.76 -6.61 -14.38
C LEU A 21 7.24 -5.30 -14.99
N SER A 22 5.98 -4.97 -14.71
CA SER A 22 5.22 -3.88 -15.34
C SER A 22 4.23 -3.19 -14.37
N ASN A 23 3.56 -2.14 -14.84
CA ASN A 23 2.53 -1.39 -14.11
C ASN A 23 1.54 -0.74 -15.10
N GLY A 24 0.30 -0.46 -14.66
CA GLY A 24 -0.74 0.18 -15.50
C GLY A 24 -0.71 1.72 -15.48
N GLY A 25 -0.13 2.30 -14.43
CA GLY A 25 0.13 3.72 -14.22
C GLY A 25 0.55 3.95 -12.76
N ASP A 26 1.51 4.84 -12.50
CA ASP A 26 1.92 5.15 -11.13
C ASP A 26 0.84 6.02 -10.48
N VAL A 27 0.34 6.98 -11.26
CA VAL A 27 -0.83 7.80 -10.99
C VAL A 27 -2.02 6.89 -10.71
N ASP A 28 -2.34 6.04 -11.69
CA ASP A 28 -3.51 5.17 -11.65
C ASP A 28 -3.52 4.29 -10.40
N LEU A 29 -2.43 3.57 -10.12
CA LEU A 29 -2.36 2.70 -8.94
C LEU A 29 -2.56 3.52 -7.67
N TYR A 30 -1.76 4.57 -7.47
CA TYR A 30 -1.79 5.32 -6.23
C TYR A 30 -3.11 6.02 -6.02
N ASP A 31 -3.55 6.88 -6.93
CA ASP A 31 -4.84 7.57 -6.81
C ASP A 31 -6.00 6.58 -6.56
N ALA A 32 -6.04 5.42 -7.25
CA ALA A 32 -7.04 4.40 -7.01
C ALA A 32 -6.95 3.80 -5.59
N PHE A 33 -5.75 3.39 -5.18
CA PHE A 33 -5.44 2.82 -3.87
C PHE A 33 -5.71 3.78 -2.71
N TYR A 34 -5.25 5.00 -2.89
CA TYR A 34 -5.48 6.14 -2.04
C TYR A 34 -6.99 6.36 -1.86
N GLN A 35 -7.78 6.21 -2.94
CA GLN A 35 -9.25 6.19 -2.86
C GLN A 35 -9.78 4.94 -2.11
N ARG A 36 -9.09 3.79 -2.16
CA ARG A 36 -9.40 2.62 -1.31
C ARG A 36 -9.21 2.92 0.18
N LEU A 37 -8.27 3.80 0.55
CA LEU A 37 -8.16 4.31 1.92
C LEU A 37 -9.46 5.05 2.30
N LEU A 38 -9.73 6.11 1.52
CA LEU A 38 -10.84 7.04 1.60
C LEU A 38 -12.25 6.45 1.31
N ALA A 39 -12.38 5.14 1.11
CA ALA A 39 -13.63 4.46 0.73
C ALA A 39 -14.72 4.49 1.82
N LEU A 40 -14.31 4.52 3.10
CA LEU A 40 -15.15 4.35 4.27
C LEU A 40 -14.87 5.19 5.53
N PRO A 41 -13.68 5.79 5.71
CA PRO A 41 -13.35 6.28 7.03
C PRO A 41 -13.89 7.65 7.47
N GLU A 42 -14.37 7.65 8.71
CA GLU A 42 -14.69 8.84 9.50
C GLU A 42 -13.35 9.49 9.97
N SER A 43 -12.28 8.69 9.89
CA SER A 43 -10.87 8.95 10.14
C SER A 43 -10.52 8.90 11.64
N ALA A 44 -11.17 7.95 12.34
CA ALA A 44 -11.15 7.83 13.78
C ALA A 44 -11.18 6.38 14.33
N SER A 45 -11.94 5.46 13.71
CA SER A 45 -11.94 4.04 14.07
C SER A 45 -10.55 3.42 13.91
N SER A 46 -10.13 2.59 14.87
CA SER A 46 -8.76 2.10 14.96
C SER A 46 -8.47 0.87 14.11
N GLU A 47 -9.15 -0.24 14.41
CA GLU A 47 -8.84 -1.55 13.84
C GLU A 47 -9.39 -1.77 12.43
N THR A 48 -10.61 -1.30 12.15
CA THR A 48 -11.27 -1.49 10.85
C THR A 48 -10.49 -0.84 9.70
N LEU A 49 -9.96 0.37 9.93
CA LEU A 49 -9.08 1.05 8.97
C LEU A 49 -7.80 0.22 8.76
N LYS A 50 -7.07 -0.12 9.83
CA LYS A 50 -5.85 -0.90 9.82
C LYS A 50 -5.99 -2.24 9.07
N ASP A 51 -7.02 -3.03 9.37
CA ASP A 51 -7.19 -4.32 8.73
C ASP A 51 -7.76 -4.23 7.31
N SER A 52 -8.56 -3.22 6.97
CA SER A 52 -8.94 -2.97 5.57
C SER A 52 -7.76 -2.46 4.74
N ILE A 53 -6.88 -1.66 5.33
CA ILE A 53 -5.60 -1.24 4.75
C ILE A 53 -4.74 -2.49 4.45
N TYR A 54 -4.65 -3.44 5.40
CA TYR A 54 -3.94 -4.71 5.19
C TYR A 54 -4.58 -5.55 4.07
N GLN A 55 -5.91 -5.70 4.08
CA GLN A 55 -6.58 -6.56 3.11
C GLN A 55 -6.42 -6.02 1.69
N GLU A 56 -6.43 -4.70 1.52
CA GLU A 56 -6.18 -4.04 0.25
C GLU A 56 -4.70 -4.10 -0.17
N MET A 57 -3.75 -3.95 0.78
CA MET A 57 -2.31 -4.16 0.55
C MET A 57 -2.05 -5.52 -0.09
N ASN A 58 -2.73 -6.54 0.43
CA ASN A 58 -2.67 -7.93 0.00
C ASN A 58 -3.47 -8.26 -1.28
N ALA A 59 -4.30 -7.35 -1.81
CA ALA A 59 -5.28 -7.67 -2.86
C ALA A 59 -5.47 -6.71 -4.04
N PHE A 60 -5.08 -5.44 -3.95
CA PHE A 60 -5.19 -4.49 -5.04
C PHE A 60 -4.56 -5.02 -6.34
N LYS A 61 -3.48 -5.78 -6.13
CA LYS A 61 -2.64 -6.57 -7.01
C LYS A 61 -2.54 -6.00 -8.42
N ASP A 62 -1.49 -5.22 -8.61
CA ASP A 62 -1.24 -4.38 -9.81
C ASP A 62 -1.72 -5.04 -11.13
N PRO A 63 -2.55 -4.36 -11.93
CA PRO A 63 -3.20 -4.91 -13.12
C PRO A 63 -2.25 -5.57 -14.13
N ASN A 64 -1.14 -4.91 -14.43
CA ASN A 64 -0.21 -5.31 -15.47
C ASN A 64 0.72 -6.46 -15.03
N SER A 65 1.28 -6.41 -13.80
CA SER A 65 2.13 -7.47 -13.25
C SER A 65 1.37 -8.68 -12.68
N GLY A 66 0.32 -8.44 -11.89
CA GLY A 66 -0.53 -9.43 -11.22
C GLY A 66 0.00 -9.88 -9.85
N ASP A 67 1.32 -9.81 -9.69
CA ASP A 67 2.09 -10.37 -8.57
C ASP A 67 1.79 -9.71 -7.22
N SER A 68 1.91 -8.37 -7.15
CA SER A 68 1.62 -7.50 -6.03
C SER A 68 1.35 -6.06 -6.48
N ALA A 69 0.66 -5.27 -5.65
CA ALA A 69 0.46 -3.85 -5.91
C ALA A 69 1.79 -3.07 -5.75
N PHE A 70 2.40 -3.17 -4.58
CA PHE A 70 3.73 -2.66 -4.24
C PHE A 70 4.40 -3.52 -3.15
N VAL A 71 5.34 -4.44 -3.44
CA VAL A 71 6.14 -5.07 -2.39
C VAL A 71 7.63 -5.13 -2.65
N SER A 72 8.16 -6.21 -3.26
CA SER A 72 9.60 -6.60 -3.37
C SER A 72 10.34 -6.78 -2.01
N PHE A 73 9.85 -6.05 -1.00
CA PHE A 73 10.25 -5.70 0.38
C PHE A 73 10.13 -4.17 0.47
N GLU A 74 10.82 -3.54 -0.48
CA GLU A 74 11.10 -2.12 -0.56
C GLU A 74 10.00 -1.22 -1.11
N GLN A 75 9.29 -1.65 -2.16
CA GLN A 75 8.17 -0.92 -2.73
C GLN A 75 7.03 -0.82 -1.71
N GLN A 76 6.82 -1.86 -0.89
CA GLN A 76 5.87 -1.86 0.22
C GLN A 76 6.19 -0.73 1.20
N THR A 77 7.41 -0.73 1.68
CA THR A 77 7.95 0.22 2.65
C THR A 77 7.98 1.65 2.11
N ALA A 78 8.27 1.83 0.82
CA ALA A 78 8.11 3.12 0.14
C ALA A 78 6.65 3.53 -0.02
N MET A 79 5.76 2.65 -0.49
CA MET A 79 4.33 2.94 -0.65
C MET A 79 3.71 3.37 0.67
N LEU A 80 4.20 2.83 1.78
CA LEU A 80 3.72 3.09 3.11
C LEU A 80 4.27 4.39 3.70
N GLN A 81 5.57 4.63 3.59
CA GLN A 81 6.14 5.95 3.92
C GLN A 81 5.54 7.07 3.04
N ASN A 82 5.30 6.77 1.75
CA ASN A 82 4.64 7.64 0.78
C ASN A 82 3.18 7.91 1.22
N MET A 83 2.47 6.90 1.72
CA MET A 83 1.13 7.06 2.26
C MET A 83 1.14 8.02 3.43
N LEU A 84 2.09 7.90 4.38
CA LEU A 84 2.21 8.83 5.50
C LEU A 84 2.54 10.27 5.05
N ALA A 85 3.32 10.41 3.98
CA ALA A 85 3.57 11.69 3.33
C ALA A 85 2.31 12.29 2.66
N LYS A 86 1.34 11.46 2.22
CA LYS A 86 0.10 11.88 1.58
C LYS A 86 -0.98 12.34 2.57
N VAL A 87 -1.31 11.50 3.56
CA VAL A 87 -2.33 11.75 4.60
C VAL A 87 -1.97 12.91 5.55
N GLU A 88 -3.00 13.47 6.17
CA GLU A 88 -2.93 14.52 7.18
C GLU A 88 -2.22 14.05 8.49
N PRO A 89 -1.90 14.98 9.41
CA PRO A 89 -1.05 14.69 10.56
C PRO A 89 -1.81 14.18 11.80
N GLY A 90 -3.04 14.66 11.99
CA GLY A 90 -3.85 14.48 13.20
C GLY A 90 -4.84 13.31 13.20
N THR A 91 -5.21 12.84 12.00
CA THR A 91 -6.15 11.74 11.80
C THR A 91 -5.70 10.41 12.36
N HIS A 92 -6.67 9.52 12.62
CA HIS A 92 -6.38 8.13 12.94
C HIS A 92 -5.98 7.33 11.69
N LEU A 93 -6.41 7.77 10.50
CA LEU A 93 -6.00 7.16 9.23
C LEU A 93 -4.47 7.06 9.17
N TYR A 94 -3.79 8.18 9.43
CA TYR A 94 -2.32 8.26 9.49
C TYR A 94 -1.75 7.17 10.40
N GLU A 95 -2.35 6.99 11.59
CA GLU A 95 -1.95 5.99 12.56
C GLU A 95 -2.23 4.56 12.09
N ALA A 96 -3.28 4.33 11.28
CA ALA A 96 -3.54 3.03 10.69
C ALA A 96 -2.44 2.65 9.69
N LEU A 97 -2.03 3.61 8.84
CA LEU A 97 -0.92 3.41 7.92
C LEU A 97 0.40 3.16 8.67
N ASN A 98 0.64 3.90 9.77
CA ASN A 98 1.78 3.71 10.65
C ASN A 98 1.77 2.29 11.25
N GLY A 99 0.61 1.86 11.73
CA GLY A 99 0.43 0.59 12.42
C GLY A 99 0.59 -0.59 11.47
N VAL A 100 0.04 -0.51 10.24
CA VAL A 100 0.33 -1.52 9.23
C VAL A 100 1.77 -1.48 8.75
N LEU A 101 2.42 -0.33 8.59
CA LEU A 101 3.83 -0.29 8.18
C LEU A 101 4.70 -0.97 9.24
N VAL A 102 4.45 -0.68 10.51
CA VAL A 102 5.12 -1.27 11.67
C VAL A 102 4.90 -2.80 11.75
N GLY A 103 3.66 -3.24 11.58
CA GLY A 103 3.30 -4.67 11.62
C GLY A 103 3.75 -5.45 10.38
N SER A 104 3.53 -4.89 9.19
CA SER A 104 4.01 -5.40 7.90
C SER A 104 5.54 -5.51 7.88
N MET A 105 6.26 -4.51 8.42
CA MET A 105 7.72 -4.54 8.61
C MET A 105 8.15 -5.64 9.56
N ASN A 106 7.50 -5.80 10.72
CA ASN A 106 7.84 -6.84 11.69
C ASN A 106 7.63 -8.27 11.13
N ALA A 107 6.60 -8.45 10.30
CA ALA A 107 6.37 -9.67 9.55
C ALA A 107 7.44 -9.90 8.46
N GLN A 108 7.79 -8.86 7.70
CA GLN A 108 8.79 -8.87 6.63
C GLN A 108 10.21 -9.15 7.15
N SER A 109 10.56 -8.62 8.33
CA SER A 109 11.91 -8.68 8.90
C SER A 109 12.30 -10.08 9.42
N GLN A 110 11.44 -10.72 10.22
CA GLN A 110 11.57 -12.10 10.69
C GLN A 110 10.29 -12.58 11.42
N MET A 111 9.50 -13.42 10.76
CA MET A 111 8.28 -14.03 11.33
C MET A 111 8.53 -14.95 12.55
N THR A 112 9.76 -15.44 12.72
CA THR A 112 10.21 -16.37 13.77
C THR A 112 9.96 -15.83 15.17
N SER A 113 10.55 -14.67 15.42
CA SER A 113 10.43 -13.88 16.65
C SER A 113 8.97 -13.50 16.96
N TRP A 114 8.17 -13.35 15.91
CA TRP A 114 6.78 -12.95 15.93
C TRP A 114 5.76 -14.10 16.03
N MET A 115 6.21 -15.37 16.03
CA MET A 115 5.34 -16.56 16.05
C MET A 115 4.26 -16.52 17.14
N GLN A 116 4.64 -16.11 18.36
CA GLN A 116 3.76 -15.97 19.53
C GLN A 116 2.67 -14.88 19.42
N GLU A 117 2.52 -14.26 18.25
CA GLU A 117 1.54 -13.21 17.95
C GLU A 117 0.88 -13.44 16.59
N ILE A 118 1.63 -13.92 15.59
CA ILE A 118 1.16 -14.39 14.29
C ILE A 118 0.21 -15.61 14.38
N ILE A 119 0.38 -16.46 15.39
CA ILE A 119 -0.41 -17.67 15.64
C ILE A 119 -1.93 -17.40 15.74
N LEU A 120 -2.73 -18.31 15.19
CA LEU A 120 -4.20 -18.23 15.09
C LEU A 120 -4.92 -18.18 16.45
N SER A 121 -4.37 -18.85 17.48
CA SER A 121 -4.98 -18.98 18.81
C SER A 121 -5.32 -17.64 19.48
N GLY A 122 -6.41 -17.61 20.25
CA GLY A 122 -6.94 -16.41 20.90
C GLY A 122 -8.31 -16.60 21.56
N GLY A 123 -8.91 -15.50 22.01
CA GLY A 123 -10.22 -15.46 22.67
C GLY A 123 -11.42 -15.38 21.71
N GLU A 124 -12.62 -15.23 22.27
CA GLU A 124 -13.90 -15.13 21.57
C GLU A 124 -14.13 -13.81 20.80
N ASN A 125 -13.25 -12.81 20.99
CA ASN A 125 -13.22 -11.49 20.35
C ASN A 125 -14.49 -10.60 20.52
N LYS A 126 -15.48 -11.04 21.31
CA LYS A 126 -16.71 -10.29 21.66
C LYS A 126 -16.41 -9.02 22.48
N GLU A 127 -17.30 -8.04 22.41
CA GLU A 127 -17.19 -6.72 23.01
C GLU A 127 -18.42 -6.30 23.83
N ALA A 128 -18.29 -5.21 24.60
CA ALA A 128 -19.31 -4.69 25.52
C ALA A 128 -19.30 -3.14 25.64
N ILE A 129 -18.87 -2.45 24.58
CA ILE A 129 -18.67 -0.99 24.47
C ILE A 129 -19.96 -0.22 24.82
N ASP A 130 -20.98 -0.44 23.97
CA ASP A 130 -22.37 0.00 24.12
C ASP A 130 -22.57 1.50 24.49
N TRP A 131 -21.74 2.38 23.93
CA TRP A 131 -21.78 3.84 24.12
C TRP A 131 -21.34 4.60 22.85
N VAL A 4 -18.25 -8.06 -65.07
CA VAL A 4 -17.11 -7.15 -65.25
C VAL A 4 -16.51 -6.80 -63.88
N SER A 5 -15.19 -6.60 -63.82
CA SER A 5 -14.45 -6.21 -62.60
C SER A 5 -13.47 -5.06 -62.89
N LEU A 6 -13.37 -4.11 -61.94
CA LEU A 6 -12.55 -2.89 -62.05
C LEU A 6 -12.02 -2.45 -60.67
N SER A 7 -11.77 -3.42 -59.78
CA SER A 7 -11.44 -3.25 -58.36
C SER A 7 -10.16 -2.44 -58.11
N ALA A 8 -10.09 -1.80 -56.93
CA ALA A 8 -8.95 -1.00 -56.44
C ALA A 8 -8.83 -1.09 -54.90
N ARG A 9 -7.80 -0.45 -54.33
CA ARG A 9 -7.49 -0.45 -52.88
C ARG A 9 -7.16 0.97 -52.37
N ALA A 10 -7.36 1.20 -51.07
CA ALA A 10 -7.08 2.47 -50.40
C ALA A 10 -5.57 2.81 -50.33
N ALA A 11 -5.25 4.08 -50.09
CA ALA A 11 -3.89 4.60 -49.91
C ALA A 11 -3.88 5.85 -49.00
N MET A 12 -2.69 6.19 -48.48
CA MET A 12 -2.44 7.34 -47.59
C MET A 12 -1.09 8.00 -47.91
N LEU A 13 -0.94 9.29 -47.58
CA LEU A 13 0.30 10.07 -47.81
C LEU A 13 1.45 9.65 -46.87
N ASN A 14 1.13 9.10 -45.69
CA ASN A 14 2.08 8.68 -44.65
C ASN A 14 1.53 7.55 -43.77
N ASN A 15 2.35 7.10 -42.81
CA ASN A 15 1.99 6.19 -41.71
C ASN A 15 2.43 6.81 -40.37
N MET A 16 2.08 6.18 -39.24
CA MET A 16 2.48 6.62 -37.89
C MET A 16 4.00 6.60 -37.66
N ASP A 17 4.49 7.48 -36.80
CA ASP A 17 5.91 7.65 -36.46
C ASP A 17 6.36 6.67 -35.34
N SER A 18 6.36 5.37 -35.66
CA SER A 18 6.72 4.28 -34.73
C SER A 18 8.06 4.49 -34.01
N ALA A 19 8.06 4.25 -32.69
CA ALA A 19 9.21 4.41 -31.80
C ALA A 19 9.12 3.44 -30.58
N PRO A 20 10.23 3.11 -29.91
CA PRO A 20 10.21 2.25 -28.72
C PRO A 20 9.48 2.91 -27.53
N LEU A 21 8.90 2.08 -26.66
CA LEU A 21 8.04 2.48 -25.53
C LEU A 21 8.03 1.45 -24.39
N SER A 22 7.45 1.81 -23.24
CA SER A 22 7.27 0.95 -22.07
C SER A 22 6.00 1.33 -21.28
N ASN A 23 5.52 0.42 -20.42
CA ASN A 23 4.33 0.59 -19.58
C ASN A 23 4.48 1.71 -18.52
N GLY A 24 3.36 2.20 -17.99
CA GLY A 24 3.32 3.15 -16.86
C GLY A 24 1.93 3.33 -16.26
N GLY A 25 1.87 3.90 -15.05
CA GLY A 25 0.64 4.05 -14.25
C GLY A 25 0.89 4.15 -12.75
N ASP A 26 1.96 4.86 -12.32
CA ASP A 26 2.21 5.10 -10.91
C ASP A 26 1.09 5.95 -10.31
N VAL A 27 0.67 6.97 -11.09
CA VAL A 27 -0.51 7.80 -10.87
C VAL A 27 -1.73 6.92 -10.58
N ASP A 28 -2.05 6.04 -11.54
CA ASP A 28 -3.20 5.16 -11.48
C ASP A 28 -3.17 4.31 -10.20
N LEU A 29 -2.04 3.63 -9.91
CA LEU A 29 -1.89 2.83 -8.70
C LEU A 29 -2.19 3.64 -7.44
N TYR A 30 -1.46 4.73 -7.24
CA TYR A 30 -1.53 5.49 -6.01
C TYR A 30 -2.90 6.07 -5.83
N ASP A 31 -3.38 6.91 -6.73
CA ASP A 31 -4.69 7.55 -6.60
C ASP A 31 -5.83 6.52 -6.43
N ALA A 32 -5.81 5.40 -7.15
CA ALA A 32 -6.79 4.32 -6.98
C ALA A 32 -6.73 3.70 -5.58
N PHE A 33 -5.55 3.28 -5.16
CA PHE A 33 -5.29 2.71 -3.84
C PHE A 33 -5.63 3.65 -2.69
N TYR A 34 -5.22 4.89 -2.86
CA TYR A 34 -5.48 6.00 -1.99
C TYR A 34 -7.00 6.21 -1.81
N GLN A 35 -7.78 6.06 -2.89
CA GLN A 35 -9.24 6.02 -2.81
C GLN A 35 -9.76 4.77 -2.06
N ARG A 36 -9.09 3.62 -2.19
CA ARG A 36 -9.39 2.40 -1.40
C ARG A 36 -9.14 2.58 0.11
N LEU A 37 -8.24 3.49 0.51
CA LEU A 37 -8.09 3.88 1.92
C LEU A 37 -9.40 4.53 2.42
N LEU A 38 -9.77 5.63 1.76
CA LEU A 38 -10.83 6.60 2.04
C LEU A 38 -12.29 6.07 2.09
N ALA A 39 -12.51 4.76 1.96
CA ALA A 39 -13.84 4.12 2.05
C ALA A 39 -14.50 4.20 3.45
N LEU A 40 -13.70 4.26 4.52
CA LEU A 40 -14.09 4.14 5.93
C LEU A 40 -13.51 5.19 6.91
N PRO A 41 -12.29 5.75 6.72
CA PRO A 41 -11.57 6.54 7.71
C PRO A 41 -12.29 7.70 8.41
N GLU A 42 -13.38 8.24 7.86
CA GLU A 42 -14.25 9.23 8.53
C GLU A 42 -14.71 8.79 9.93
N SER A 43 -14.88 7.48 10.14
CA SER A 43 -15.23 6.85 11.42
C SER A 43 -14.09 6.84 12.46
N ALA A 44 -12.86 7.21 12.06
CA ALA A 44 -11.62 7.23 12.85
C ALA A 44 -11.30 5.90 13.57
N SER A 45 -11.81 4.79 13.04
CA SER A 45 -11.56 3.43 13.52
C SER A 45 -10.05 3.12 13.58
N SER A 46 -9.63 2.41 14.62
CA SER A 46 -8.24 1.99 14.81
C SER A 46 -7.91 0.68 14.09
N GLU A 47 -8.41 -0.44 14.58
CA GLU A 47 -8.01 -1.77 14.13
C GLU A 47 -8.69 -2.20 12.83
N THR A 48 -9.99 -1.96 12.69
CA THR A 48 -10.77 -2.29 11.49
C THR A 48 -10.26 -1.51 10.26
N LEU A 49 -9.86 -0.25 10.45
CA LEU A 49 -9.21 0.56 9.43
C LEU A 49 -7.86 -0.05 9.01
N LYS A 50 -6.97 -0.36 9.97
CA LYS A 50 -5.69 -1.05 9.71
C LYS A 50 -5.86 -2.38 8.96
N ASP A 51 -6.85 -3.21 9.32
CA ASP A 51 -7.08 -4.45 8.59
C ASP A 51 -7.70 -4.23 7.19
N SER A 52 -8.53 -3.20 7.02
CA SER A 52 -8.99 -2.78 5.68
C SER A 52 -7.80 -2.32 4.82
N ILE A 53 -6.87 -1.55 5.40
CA ILE A 53 -5.62 -1.14 4.77
C ILE A 53 -4.79 -2.36 4.37
N TYR A 54 -4.62 -3.35 5.27
CA TYR A 54 -3.90 -4.59 4.98
C TYR A 54 -4.52 -5.34 3.79
N GLN A 55 -5.84 -5.44 3.77
CA GLN A 55 -6.56 -6.16 2.72
C GLN A 55 -6.34 -5.50 1.37
N GLU A 56 -6.54 -4.18 1.28
CA GLU A 56 -6.37 -3.45 0.04
C GLU A 56 -4.90 -3.37 -0.40
N MET A 57 -3.96 -3.29 0.55
CA MET A 57 -2.52 -3.42 0.30
C MET A 57 -2.20 -4.72 -0.44
N ASN A 58 -2.74 -5.83 0.07
CA ASN A 58 -2.47 -7.18 -0.42
C ASN A 58 -3.27 -7.58 -1.68
N ALA A 59 -4.37 -6.90 -2.00
CA ALA A 59 -5.32 -7.32 -3.03
C ALA A 59 -5.41 -6.42 -4.26
N PHE A 60 -5.01 -5.16 -4.16
CA PHE A 60 -5.05 -4.22 -5.25
C PHE A 60 -3.89 -4.34 -6.22
N LYS A 61 -4.11 -5.41 -6.92
CA LYS A 61 -3.22 -6.11 -7.83
C LYS A 61 -2.78 -5.27 -9.03
N ASP A 62 -1.87 -4.38 -8.71
CA ASP A 62 -1.30 -3.38 -9.62
C ASP A 62 -0.78 -3.97 -10.95
N PRO A 63 -1.39 -3.62 -12.10
CA PRO A 63 -0.93 -4.05 -13.42
C PRO A 63 0.57 -3.81 -13.68
N ASN A 64 1.09 -2.65 -13.30
CA ASN A 64 2.48 -2.25 -13.54
C ASN A 64 3.48 -3.09 -12.73
N SER A 65 3.15 -3.40 -11.46
CA SER A 65 3.95 -4.27 -10.59
C SER A 65 3.85 -5.75 -10.96
N GLY A 66 2.67 -6.23 -11.40
CA GLY A 66 2.43 -7.56 -11.94
C GLY A 66 1.73 -8.54 -10.98
N ASP A 67 1.89 -8.27 -9.69
CA ASP A 67 1.17 -8.90 -8.59
C ASP A 67 0.50 -7.80 -7.74
N SER A 68 0.84 -7.62 -6.46
CA SER A 68 0.14 -6.72 -5.54
C SER A 68 0.40 -5.22 -5.79
N ALA A 69 -0.26 -4.35 -5.02
CA ALA A 69 -0.03 -2.90 -4.98
C ALA A 69 1.45 -2.51 -4.75
N PHE A 70 2.22 -3.45 -4.20
CA PHE A 70 3.67 -3.39 -3.96
C PHE A 70 4.37 -4.62 -4.57
N VAL A 71 5.55 -4.40 -5.15
CA VAL A 71 6.41 -5.41 -5.80
C VAL A 71 7.08 -6.39 -4.83
N SER A 72 7.54 -5.86 -3.70
CA SER A 72 8.37 -6.46 -2.66
C SER A 72 8.57 -5.44 -1.53
N PHE A 73 9.49 -5.68 -0.59
CA PHE A 73 9.80 -4.82 0.56
C PHE A 73 10.02 -3.37 0.14
N GLU A 74 10.83 -3.17 -0.92
CA GLU A 74 11.26 -1.85 -1.37
C GLU A 74 10.07 -1.00 -1.79
N GLN A 75 9.22 -1.57 -2.64
CA GLN A 75 7.99 -0.91 -3.07
C GLN A 75 7.02 -0.73 -1.91
N GLN A 76 6.85 -1.74 -1.06
CA GLN A 76 5.91 -1.74 0.07
C GLN A 76 6.22 -0.62 1.05
N THR A 77 7.48 -0.51 1.44
CA THR A 77 7.99 0.55 2.31
C THR A 77 7.87 1.92 1.65
N ALA A 78 8.22 2.05 0.37
CA ALA A 78 7.98 3.31 -0.34
C ALA A 78 6.49 3.65 -0.44
N MET A 79 5.62 2.70 -0.77
CA MET A 79 4.17 2.88 -0.88
C MET A 79 3.57 3.32 0.44
N LEU A 80 4.06 2.78 1.55
CA LEU A 80 3.66 3.10 2.90
C LEU A 80 4.16 4.47 3.36
N GLN A 81 5.43 4.78 3.11
CA GLN A 81 5.99 6.13 3.32
C GLN A 81 5.30 7.17 2.41
N ASN A 82 4.92 6.79 1.19
CA ASN A 82 4.19 7.64 0.24
C ASN A 82 2.75 7.90 0.72
N MET A 83 2.10 6.88 1.31
CA MET A 83 0.82 7.05 1.98
C MET A 83 0.93 8.11 3.08
N LEU A 84 1.94 7.99 3.95
CA LEU A 84 2.17 8.97 5.02
C LEU A 84 2.51 10.37 4.53
N ALA A 85 3.19 10.48 3.39
CA ALA A 85 3.44 11.73 2.71
C ALA A 85 2.14 12.39 2.17
N LYS A 86 1.14 11.59 1.77
CA LYS A 86 -0.14 12.08 1.26
C LYS A 86 -1.13 12.51 2.36
N VAL A 87 -1.36 11.66 3.36
CA VAL A 87 -2.28 11.88 4.50
C VAL A 87 -1.80 12.99 5.45
N GLU A 88 -2.73 13.51 6.25
CA GLU A 88 -2.49 14.44 7.33
C GLU A 88 -2.16 13.71 8.63
N PRO A 89 -1.01 13.97 9.28
CA PRO A 89 -0.66 13.50 10.64
C PRO A 89 -1.80 13.53 11.68
N GLY A 90 -2.63 14.57 11.63
CA GLY A 90 -3.79 14.78 12.51
C GLY A 90 -4.82 13.65 12.53
N THR A 91 -5.02 12.97 11.40
CA THR A 91 -6.00 11.89 11.25
C THR A 91 -5.63 10.59 11.96
N HIS A 92 -6.63 9.74 12.15
CA HIS A 92 -6.44 8.37 12.59
C HIS A 92 -5.98 7.46 11.44
N LEU A 93 -6.28 7.85 10.19
CA LEU A 93 -5.78 7.20 8.98
C LEU A 93 -4.25 7.11 9.04
N TYR A 94 -3.58 8.25 9.28
CA TYR A 94 -2.12 8.33 9.43
C TYR A 94 -1.61 7.26 10.42
N GLU A 95 -2.31 7.16 11.56
CA GLU A 95 -1.98 6.22 12.63
C GLU A 95 -2.18 4.75 12.17
N ALA A 96 -3.19 4.47 11.34
CA ALA A 96 -3.41 3.13 10.79
C ALA A 96 -2.27 2.74 9.85
N LEU A 97 -1.82 3.66 8.98
CA LEU A 97 -0.69 3.41 8.07
C LEU A 97 0.59 3.13 8.86
N ASN A 98 0.85 3.89 9.94
CA ASN A 98 1.96 3.62 10.85
C ASN A 98 1.85 2.23 11.49
N GLY A 99 0.64 1.84 11.93
CA GLY A 99 0.40 0.57 12.61
C GLY A 99 0.52 -0.63 11.67
N VAL A 100 0.02 -0.54 10.43
CA VAL A 100 0.23 -1.59 9.44
C VAL A 100 1.68 -1.69 8.99
N LEU A 101 2.39 -0.56 8.84
CA LEU A 101 3.81 -0.58 8.49
C LEU A 101 4.62 -1.28 9.58
N VAL A 102 4.34 -0.97 10.85
CA VAL A 102 4.93 -1.61 12.05
C VAL A 102 4.62 -3.11 12.11
N GLY A 103 3.37 -3.49 11.87
CA GLY A 103 2.93 -4.89 11.98
C GLY A 103 3.39 -5.76 10.81
N SER A 104 3.28 -5.23 9.58
CA SER A 104 3.84 -5.82 8.36
C SER A 104 5.36 -5.99 8.48
N MET A 105 6.07 -4.97 8.98
CA MET A 105 7.51 -5.03 9.26
C MET A 105 7.86 -6.12 10.29
N ASN A 106 7.13 -6.22 11.40
CA ASN A 106 7.36 -7.23 12.43
C ASN A 106 7.12 -8.67 11.93
N ALA A 107 6.10 -8.86 11.09
CA ALA A 107 5.79 -10.13 10.45
C ALA A 107 6.89 -10.57 9.46
N GLN A 108 7.47 -9.63 8.71
CA GLN A 108 8.55 -9.87 7.76
C GLN A 108 9.96 -9.99 8.39
N SER A 109 10.26 -9.17 9.41
CA SER A 109 11.61 -9.03 9.98
C SER A 109 12.16 -10.31 10.64
N GLN A 110 11.29 -11.08 11.29
CA GLN A 110 11.57 -12.40 11.90
C GLN A 110 12.90 -12.43 12.68
N MET A 111 13.07 -11.40 13.52
CA MET A 111 14.31 -11.04 14.23
C MET A 111 15.00 -12.20 14.96
N THR A 112 14.23 -13.12 15.55
CA THR A 112 14.68 -14.30 16.30
C THR A 112 15.66 -15.15 15.49
N SER A 113 15.17 -15.58 14.34
CA SER A 113 15.90 -16.32 13.31
C SER A 113 17.01 -15.49 12.66
N TRP A 114 16.78 -14.18 12.49
CA TRP A 114 17.73 -13.26 11.84
C TRP A 114 18.98 -12.96 12.68
N MET A 115 18.93 -13.10 14.01
CA MET A 115 20.12 -12.89 14.85
C MET A 115 21.31 -13.79 14.47
N GLN A 116 21.07 -14.99 13.92
CA GLN A 116 22.12 -15.89 13.43
C GLN A 116 22.68 -15.51 12.04
N GLU A 117 22.19 -14.44 11.42
CA GLU A 117 22.49 -14.01 10.05
C GLU A 117 22.94 -12.54 9.97
N ILE A 118 22.35 -11.64 10.77
CA ILE A 118 22.76 -10.26 10.96
C ILE A 118 24.17 -10.13 11.57
N ILE A 119 24.51 -11.05 12.47
CA ILE A 119 25.83 -11.23 13.09
C ILE A 119 26.87 -11.63 12.02
N LEU A 120 27.78 -10.71 11.71
CA LEU A 120 28.85 -10.82 10.72
C LEU A 120 30.10 -10.04 11.18
N SER A 121 31.27 -10.37 10.62
CA SER A 121 32.53 -9.65 10.80
C SER A 121 32.45 -8.18 10.30
N GLY A 122 33.31 -7.31 10.84
CA GLY A 122 33.36 -5.89 10.47
C GLY A 122 32.14 -5.09 10.96
N GLY A 123 31.81 -4.01 10.25
CA GLY A 123 30.61 -3.20 10.47
C GLY A 123 30.64 -1.82 9.80
N GLU A 124 29.56 -1.06 9.94
CA GLU A 124 29.34 0.28 9.36
C GLU A 124 28.77 1.31 10.36
N ASN A 125 28.58 0.93 11.62
CA ASN A 125 27.95 1.72 12.68
C ASN A 125 28.53 1.43 14.09
N LYS A 126 29.85 1.14 14.14
CA LYS A 126 30.60 0.71 15.32
C LYS A 126 31.83 1.58 15.60
N GLU A 127 32.56 1.25 16.66
CA GLU A 127 33.80 1.90 17.12
C GLU A 127 34.89 0.87 17.48
N ALA A 128 36.14 1.34 17.61
CA ALA A 128 37.32 0.56 17.94
C ALA A 128 38.40 1.41 18.65
N ILE A 129 39.51 0.78 19.05
CA ILE A 129 40.67 1.41 19.69
C ILE A 129 41.32 2.53 18.87
N ASP A 130 42.26 3.22 19.53
CA ASP A 130 43.03 4.35 19.03
C ASP A 130 44.45 4.39 19.65
N TRP A 131 45.42 4.96 18.92
CA TRP A 131 46.84 5.03 19.30
C TRP A 131 47.52 6.30 18.77
N VAL A 4 26.45 36.72 -52.19
CA VAL A 4 25.41 35.89 -51.54
C VAL A 4 24.91 36.56 -50.24
N SER A 5 23.80 36.07 -49.69
CA SER A 5 23.20 36.55 -48.43
C SER A 5 22.47 35.42 -47.67
N LEU A 6 22.24 35.64 -46.36
CA LEU A 6 21.58 34.70 -45.44
C LEU A 6 20.96 35.48 -44.25
N SER A 7 19.95 34.90 -43.60
CA SER A 7 19.27 35.47 -42.43
C SER A 7 18.77 34.39 -41.44
N ALA A 8 18.42 34.82 -40.22
CA ALA A 8 17.92 33.97 -39.13
C ALA A 8 17.01 34.77 -38.17
N ARG A 9 16.35 34.06 -37.24
CA ARG A 9 15.45 34.63 -36.21
C ARG A 9 15.49 33.79 -34.92
N ALA A 10 15.18 34.43 -33.79
CA ALA A 10 15.15 33.82 -32.45
C ALA A 10 14.01 34.40 -31.58
N ALA A 11 13.80 33.84 -30.40
CA ALA A 11 12.73 34.21 -29.45
C ALA A 11 13.19 34.06 -27.98
N MET A 12 12.33 34.50 -27.05
CA MET A 12 12.57 34.41 -25.59
C MET A 12 12.75 32.95 -25.13
N LEU A 13 13.59 32.75 -24.10
CA LEU A 13 14.01 31.43 -23.59
C LEU A 13 13.93 31.30 -22.05
N ASN A 14 13.48 32.34 -21.34
CA ASN A 14 13.23 32.31 -19.89
C ASN A 14 11.96 31.52 -19.51
N ASN A 15 11.06 31.25 -20.45
CA ASN A 15 9.87 30.43 -20.26
C ASN A 15 10.26 28.96 -19.99
N MET A 16 9.85 28.42 -18.83
CA MET A 16 10.19 27.06 -18.36
C MET A 16 9.00 26.41 -17.63
N ASP A 17 8.92 25.08 -17.68
CA ASP A 17 7.95 24.28 -16.92
C ASP A 17 8.29 24.16 -15.41
N SER A 18 7.34 23.67 -14.62
CA SER A 18 7.48 23.48 -13.16
C SER A 18 6.89 22.16 -12.63
N ALA A 19 6.22 21.36 -13.46
CA ALA A 19 5.67 20.04 -13.12
C ALA A 19 5.52 19.14 -14.37
N PRO A 20 5.66 17.81 -14.23
CA PRO A 20 5.39 16.85 -15.30
C PRO A 20 3.88 16.64 -15.53
N LEU A 21 3.52 15.99 -16.65
CA LEU A 21 2.15 15.57 -17.00
C LEU A 21 2.17 14.14 -17.60
N SER A 22 1.11 13.37 -17.36
CA SER A 22 0.99 11.95 -17.75
C SER A 22 -0.48 11.50 -17.85
N ASN A 23 -0.69 10.22 -18.21
CA ASN A 23 -1.97 9.52 -18.21
C ASN A 23 -1.75 8.04 -17.79
N GLY A 24 -2.76 7.40 -17.19
CA GLY A 24 -2.61 6.09 -16.54
C GLY A 24 -1.55 6.17 -15.42
N GLY A 25 -0.57 5.25 -15.41
CA GLY A 25 0.62 5.37 -14.55
C GLY A 25 0.65 4.54 -13.26
N ASP A 26 1.75 4.69 -12.53
CA ASP A 26 1.86 4.22 -11.16
C ASP A 26 0.88 5.07 -10.31
N VAL A 27 0.72 6.33 -10.72
CA VAL A 27 -0.29 7.29 -10.27
C VAL A 27 -1.67 6.64 -10.20
N ASP A 28 -2.08 5.99 -11.29
CA ASP A 28 -3.39 5.31 -11.34
C ASP A 28 -3.59 4.36 -10.16
N LEU A 29 -2.62 3.46 -9.91
CA LEU A 29 -2.58 2.60 -8.72
C LEU A 29 -2.67 3.43 -7.43
N TYR A 30 -1.76 4.38 -7.26
CA TYR A 30 -1.58 5.13 -6.03
C TYR A 30 -2.84 5.87 -5.62
N ASP A 31 -3.37 6.73 -6.49
CA ASP A 31 -4.61 7.47 -6.25
C ASP A 31 -5.83 6.55 -6.11
N ALA A 32 -5.96 5.47 -6.90
CA ALA A 32 -7.05 4.52 -6.75
C ALA A 32 -7.07 3.87 -5.36
N PHE A 33 -5.91 3.37 -4.95
CA PHE A 33 -5.62 2.86 -3.62
C PHE A 33 -5.84 3.90 -2.52
N TYR A 34 -5.42 5.12 -2.81
CA TYR A 34 -5.63 6.26 -1.95
C TYR A 34 -7.14 6.47 -1.69
N GLN A 35 -7.98 6.29 -2.72
CA GLN A 35 -9.44 6.26 -2.56
C GLN A 35 -9.92 5.05 -1.75
N ARG A 36 -9.24 3.88 -1.84
CA ARG A 36 -9.48 2.72 -0.95
C ARG A 36 -9.22 3.06 0.52
N LEU A 37 -8.29 3.99 0.83
CA LEU A 37 -8.13 4.53 2.18
C LEU A 37 -9.34 5.38 2.60
N LEU A 38 -9.59 6.44 1.83
CA LEU A 38 -10.57 7.52 2.06
C LEU A 38 -12.06 7.10 2.13
N ALA A 39 -12.37 5.81 2.00
CA ALA A 39 -13.71 5.24 2.12
C ALA A 39 -14.36 5.38 3.51
N LEU A 40 -13.55 5.48 4.58
CA LEU A 40 -13.98 5.40 5.99
C LEU A 40 -13.52 6.52 6.94
N PRO A 41 -12.30 7.11 6.81
CA PRO A 41 -11.69 7.97 7.81
C PRO A 41 -12.50 9.08 8.50
N GLU A 42 -13.59 9.56 7.87
CA GLU A 42 -14.58 10.46 8.46
C GLU A 42 -15.09 10.03 9.85
N SER A 43 -15.19 8.72 10.10
CA SER A 43 -15.59 8.13 11.38
C SER A 43 -14.56 8.27 12.51
N ALA A 44 -13.29 8.55 12.18
CA ALA A 44 -12.12 8.51 13.07
C ALA A 44 -11.98 7.21 13.89
N SER A 45 -12.41 6.09 13.29
CA SER A 45 -12.38 4.71 13.81
C SER A 45 -11.65 3.77 12.83
N SER A 46 -10.40 4.11 12.50
CA SER A 46 -9.59 3.52 11.44
C SER A 46 -8.84 2.25 11.84
N GLU A 47 -9.12 1.62 12.99
CA GLU A 47 -8.59 0.28 13.31
C GLU A 47 -9.15 -0.79 12.34
N THR A 48 -10.46 -0.73 12.09
CA THR A 48 -11.15 -1.50 11.06
C THR A 48 -10.55 -1.22 9.68
N LEU A 49 -10.16 0.04 9.43
CA LEU A 49 -9.44 0.44 8.23
C LEU A 49 -8.00 -0.07 8.21
N LYS A 50 -7.27 -0.21 9.33
CA LYS A 50 -5.98 -0.89 9.43
C LYS A 50 -6.06 -2.31 8.90
N ASP A 51 -7.05 -3.09 9.35
CA ASP A 51 -7.22 -4.43 8.77
C ASP A 51 -7.72 -4.42 7.32
N SER A 52 -8.54 -3.45 6.92
CA SER A 52 -8.92 -3.26 5.51
C SER A 52 -7.71 -2.89 4.64
N ILE A 53 -6.80 -2.03 5.12
CA ILE A 53 -5.54 -1.63 4.51
C ILE A 53 -4.66 -2.86 4.30
N TYR A 54 -4.57 -3.75 5.29
CA TYR A 54 -3.92 -5.05 5.13
C TYR A 54 -4.56 -5.90 4.02
N GLN A 55 -5.90 -5.96 3.99
CA GLN A 55 -6.63 -6.74 2.99
C GLN A 55 -6.41 -6.18 1.58
N GLU A 56 -6.42 -4.86 1.41
CA GLU A 56 -6.10 -4.18 0.16
C GLU A 56 -4.62 -4.39 -0.24
N MET A 57 -3.68 -4.27 0.70
CA MET A 57 -2.25 -4.56 0.50
C MET A 57 -2.06 -5.95 -0.13
N ASN A 58 -2.82 -6.92 0.38
CA ASN A 58 -2.82 -8.32 -0.03
C ASN A 58 -3.60 -8.63 -1.33
N ALA A 59 -4.52 -7.77 -1.80
CA ALA A 59 -5.48 -8.12 -2.86
C ALA A 59 -5.84 -7.10 -3.96
N PHE A 60 -5.49 -5.82 -3.82
CA PHE A 60 -5.66 -4.82 -4.86
C PHE A 60 -5.09 -5.25 -6.24
N LYS A 61 -4.01 -6.03 -6.14
CA LYS A 61 -3.21 -6.73 -7.14
C LYS A 61 -2.97 -5.95 -8.43
N ASP A 62 -1.78 -5.35 -8.50
CA ASP A 62 -1.33 -4.52 -9.63
C ASP A 62 -1.65 -5.13 -11.01
N PRO A 63 -2.37 -4.41 -11.89
CA PRO A 63 -2.78 -4.89 -13.22
C PRO A 63 -1.63 -5.40 -14.12
N ASN A 64 -0.54 -4.62 -14.23
CA ASN A 64 0.57 -4.90 -15.13
C ASN A 64 1.40 -6.12 -14.66
N SER A 65 1.74 -6.17 -13.37
CA SER A 65 2.55 -7.23 -12.76
C SER A 65 1.75 -8.53 -12.53
N GLY A 66 0.56 -8.41 -11.94
CA GLY A 66 -0.33 -9.49 -11.54
C GLY A 66 -0.06 -10.02 -10.13
N ASP A 67 1.20 -9.92 -9.71
CA ASP A 67 1.75 -10.54 -8.50
C ASP A 67 1.21 -9.92 -7.19
N SER A 68 1.23 -8.59 -7.08
CA SER A 68 0.71 -7.76 -6.00
C SER A 68 0.81 -6.26 -6.27
N ALA A 69 0.01 -5.48 -5.53
CA ALA A 69 -0.02 -4.02 -5.58
C ALA A 69 1.27 -3.39 -5.00
N PHE A 70 1.69 -3.90 -3.84
CA PHE A 70 2.86 -3.50 -3.05
C PHE A 70 3.46 -4.84 -2.53
N VAL A 71 4.73 -5.13 -2.81
CA VAL A 71 5.32 -6.48 -2.62
C VAL A 71 5.69 -6.94 -1.21
N SER A 72 6.69 -6.28 -0.61
CA SER A 72 7.32 -6.73 0.65
C SER A 72 8.28 -5.74 1.31
N PHE A 73 9.21 -5.13 0.56
CA PHE A 73 10.17 -4.17 1.12
C PHE A 73 10.31 -2.90 0.29
N GLU A 74 10.89 -2.90 -0.91
CA GLU A 74 11.23 -1.64 -1.60
C GLU A 74 9.95 -0.86 -1.98
N GLN A 75 9.01 -1.58 -2.59
CA GLN A 75 7.68 -1.07 -2.92
C GLN A 75 6.91 -0.72 -1.65
N GLN A 76 6.98 -1.58 -0.63
CA GLN A 76 6.28 -1.41 0.65
C GLN A 76 6.75 -0.16 1.38
N THR A 77 8.04 0.05 1.51
CA THR A 77 8.65 1.19 2.17
C THR A 77 8.37 2.48 1.41
N ALA A 78 8.48 2.49 0.08
CA ALA A 78 8.04 3.65 -0.69
C ALA A 78 6.54 3.90 -0.58
N MET A 79 5.70 2.88 -0.71
CA MET A 79 4.24 3.02 -0.61
C MET A 79 3.85 3.54 0.76
N LEU A 80 4.52 3.10 1.81
CA LEU A 80 4.25 3.54 3.16
C LEU A 80 4.73 4.96 3.42
N GLN A 81 5.98 5.27 3.07
CA GLN A 81 6.49 6.64 3.14
C GLN A 81 5.64 7.61 2.30
N ASN A 82 5.20 7.18 1.10
CA ASN A 82 4.31 7.92 0.22
C ASN A 82 2.92 8.12 0.87
N MET A 83 2.34 7.04 1.40
CA MET A 83 1.04 7.01 2.05
C MET A 83 1.02 7.98 3.24
N LEU A 84 2.05 7.93 4.10
CA LEU A 84 2.21 8.83 5.24
C LEU A 84 2.51 10.28 4.85
N ALA A 85 3.23 10.51 3.74
CA ALA A 85 3.45 11.84 3.19
C ALA A 85 2.17 12.50 2.67
N LYS A 86 1.20 11.71 2.15
CA LYS A 86 -0.06 12.22 1.58
C LYS A 86 -1.12 12.59 2.63
N VAL A 87 -1.30 11.73 3.65
CA VAL A 87 -2.17 11.94 4.83
C VAL A 87 -1.63 13.02 5.78
N GLU A 88 -2.33 13.26 6.88
CA GLU A 88 -1.99 14.18 7.96
C GLU A 88 -1.75 13.40 9.26
N PRO A 89 -0.59 13.59 9.94
CA PRO A 89 -0.23 12.96 11.23
C PRO A 89 -1.34 12.88 12.29
N GLY A 90 -2.15 13.92 12.42
CA GLY A 90 -3.27 14.02 13.37
C GLY A 90 -4.33 12.92 13.25
N THR A 91 -4.56 12.40 12.04
CA THR A 91 -5.62 11.44 11.75
C THR A 91 -5.39 10.03 12.32
N HIS A 92 -6.50 9.29 12.44
CA HIS A 92 -6.47 7.86 12.74
C HIS A 92 -6.01 7.08 11.49
N LEU A 93 -6.28 7.60 10.28
CA LEU A 93 -5.76 7.05 9.03
C LEU A 93 -4.24 6.93 9.08
N TYR A 94 -3.54 8.02 9.40
CA TYR A 94 -2.08 8.06 9.50
C TYR A 94 -1.58 6.93 10.41
N GLU A 95 -2.24 6.74 11.55
CA GLU A 95 -1.93 5.69 12.51
C GLU A 95 -2.23 4.28 11.98
N ALA A 96 -3.25 4.10 11.13
CA ALA A 96 -3.48 2.84 10.44
C ALA A 96 -2.30 2.50 9.53
N LEU A 97 -1.82 3.46 8.75
CA LEU A 97 -0.67 3.26 7.87
C LEU A 97 0.61 3.01 8.67
N ASN A 98 0.83 3.76 9.75
CA ASN A 98 1.93 3.55 10.70
C ASN A 98 1.88 2.13 11.27
N GLY A 99 0.69 1.68 11.66
CA GLY A 99 0.47 0.38 12.28
C GLY A 99 0.63 -0.77 11.30
N VAL A 100 0.16 -0.65 10.05
CA VAL A 100 0.45 -1.66 9.03
C VAL A 100 1.90 -1.66 8.58
N LEU A 101 2.59 -0.51 8.51
CA LEU A 101 4.02 -0.45 8.25
C LEU A 101 4.78 -1.27 9.30
N VAL A 102 4.52 -0.96 10.56
CA VAL A 102 5.13 -1.55 11.76
C VAL A 102 4.80 -3.04 11.89
N GLY A 103 3.54 -3.41 11.70
CA GLY A 103 3.05 -4.78 11.85
C GLY A 103 3.40 -5.69 10.68
N SER A 104 3.27 -5.20 9.44
CA SER A 104 3.74 -5.89 8.23
C SER A 104 5.26 -6.11 8.30
N MET A 105 6.04 -5.07 8.66
CA MET A 105 7.49 -5.18 8.88
C MET A 105 7.85 -6.22 9.94
N ASN A 106 7.17 -6.24 11.09
CA ASN A 106 7.41 -7.19 12.17
C ASN A 106 7.07 -8.64 11.76
N ALA A 107 6.00 -8.83 10.98
CA ALA A 107 5.62 -10.11 10.41
C ALA A 107 6.66 -10.64 9.40
N GLN A 108 7.24 -9.75 8.59
CA GLN A 108 8.25 -10.06 7.58
C GLN A 108 9.65 -10.30 8.16
N SER A 109 10.06 -9.53 9.19
CA SER A 109 11.40 -9.57 9.78
C SER A 109 11.72 -10.87 10.53
N GLN A 110 10.72 -11.48 11.18
CA GLN A 110 10.74 -12.72 11.97
C GLN A 110 11.76 -12.84 13.13
N MET A 111 12.82 -12.03 13.18
CA MET A 111 13.80 -12.01 14.28
C MET A 111 13.18 -11.63 15.63
N THR A 112 13.52 -12.38 16.67
CA THR A 112 13.08 -12.18 18.06
C THR A 112 14.28 -11.95 18.98
N SER A 113 14.98 -13.02 19.35
CA SER A 113 16.18 -13.01 20.18
C SER A 113 17.34 -12.23 19.53
N TRP A 114 17.43 -12.28 18.20
CA TRP A 114 18.38 -11.49 17.41
C TRP A 114 18.07 -9.99 17.49
N MET A 115 16.80 -9.61 17.27
CA MET A 115 16.35 -8.24 17.33
C MET A 115 16.58 -7.62 18.71
N GLN A 116 16.26 -8.36 19.77
CA GLN A 116 16.48 -8.02 21.18
C GLN A 116 17.98 -7.93 21.60
N GLU A 117 18.92 -8.07 20.66
CA GLU A 117 20.37 -7.98 20.88
C GLU A 117 21.03 -6.98 19.92
N ILE A 118 20.65 -6.98 18.64
CA ILE A 118 21.04 -5.99 17.65
C ILE A 118 20.51 -4.57 17.96
N ILE A 119 19.30 -4.49 18.54
CA ILE A 119 18.68 -3.28 19.09
C ILE A 119 19.06 -3.12 20.57
N LEU A 120 19.41 -1.89 20.97
CA LEU A 120 19.76 -1.50 22.33
C LEU A 120 18.82 -0.44 22.94
N SER A 121 17.87 0.08 22.14
CA SER A 121 16.82 1.03 22.54
C SER A 121 15.85 0.46 23.60
N GLY A 122 15.09 1.34 24.26
CA GLY A 122 14.07 1.00 25.26
C GLY A 122 13.25 2.21 25.73
N GLY A 123 12.36 2.00 26.69
CA GLY A 123 11.48 3.03 27.26
C GLY A 123 10.78 2.59 28.55
N GLU A 124 10.06 3.52 29.18
CA GLU A 124 9.36 3.39 30.48
C GLU A 124 10.27 2.96 31.66
N ASN A 125 11.59 3.17 31.50
CA ASN A 125 12.68 2.78 32.40
C ASN A 125 12.71 1.28 32.79
N LYS A 126 13.71 0.87 33.58
CA LYS A 126 13.88 -0.49 34.13
C LYS A 126 12.67 -0.93 34.98
N GLU A 127 12.41 -2.24 34.99
CA GLU A 127 11.36 -2.88 35.79
C GLU A 127 11.56 -2.71 37.32
N ALA A 128 10.48 -2.97 38.09
CA ALA A 128 10.47 -2.98 39.55
C ALA A 128 9.62 -4.10 40.18
N ILE A 129 8.82 -4.84 39.39
CA ILE A 129 7.97 -5.95 39.81
C ILE A 129 8.74 -7.09 40.48
N ASP A 130 9.86 -7.48 39.85
CA ASP A 130 10.84 -8.49 40.29
C ASP A 130 10.22 -9.79 40.85
N TRP A 131 9.20 -10.31 40.16
CA TRP A 131 8.41 -11.50 40.52
C TRP A 131 7.97 -12.30 39.27
N VAL A 4 -3.89 55.71 -43.65
CA VAL A 4 -5.06 54.80 -43.58
C VAL A 4 -4.70 53.45 -42.92
N SER A 5 -5.70 52.66 -42.57
CA SER A 5 -5.56 51.31 -41.98
C SER A 5 -6.72 50.38 -42.36
N LEU A 6 -6.56 49.08 -42.08
CA LEU A 6 -7.53 48.02 -42.40
C LEU A 6 -7.47 46.90 -41.34
N SER A 7 -8.57 46.16 -41.18
CA SER A 7 -8.67 44.99 -40.29
C SER A 7 -7.74 43.83 -40.68
N ALA A 8 -7.45 42.94 -39.72
CA ALA A 8 -6.58 41.76 -39.87
C ALA A 8 -7.02 40.61 -38.94
N ARG A 9 -6.48 39.41 -39.17
CA ARG A 9 -6.78 38.15 -38.43
C ARG A 9 -5.52 37.30 -38.23
N ALA A 10 -5.60 36.33 -37.31
CA ALA A 10 -4.54 35.37 -36.99
C ALA A 10 -5.10 34.00 -36.53
N ALA A 11 -4.23 32.99 -36.46
CA ALA A 11 -4.53 31.63 -35.99
C ALA A 11 -3.30 30.96 -35.34
N MET A 12 -3.51 29.84 -34.64
CA MET A 12 -2.47 29.05 -33.97
C MET A 12 -2.86 27.56 -33.90
N LEU A 13 -1.88 26.66 -33.98
CA LEU A 13 -2.06 25.20 -33.94
C LEU A 13 -2.04 24.65 -32.49
N ASN A 14 -2.54 25.42 -31.52
CA ASN A 14 -2.56 25.05 -30.09
C ASN A 14 -3.49 23.87 -29.74
N ASN A 15 -4.40 23.48 -30.65
CA ASN A 15 -5.38 22.39 -30.49
C ASN A 15 -4.76 20.96 -30.62
N MET A 16 -3.53 20.77 -30.13
CA MET A 16 -2.83 19.47 -30.08
C MET A 16 -3.53 18.44 -29.16
N ASP A 17 -3.22 17.16 -29.33
CA ASP A 17 -3.91 16.04 -28.65
C ASP A 17 -2.99 14.94 -28.08
N SER A 18 -1.72 14.87 -28.51
CA SER A 18 -0.73 13.88 -28.05
C SER A 18 -0.41 14.00 -26.55
N ALA A 19 -0.39 12.87 -25.83
CA ALA A 19 -0.06 12.81 -24.39
C ALA A 19 0.47 11.40 -23.98
N PRO A 20 1.32 11.32 -22.93
CA PRO A 20 1.78 10.05 -22.34
C PRO A 20 0.71 9.41 -21.43
N LEU A 21 1.01 8.20 -20.92
CA LEU A 21 0.19 7.44 -19.95
C LEU A 21 -1.31 7.35 -20.32
N SER A 22 -1.61 7.06 -21.60
CA SER A 22 -2.98 6.92 -22.13
C SER A 22 -3.82 5.82 -21.46
N ASN A 23 -3.17 4.80 -20.88
CA ASN A 23 -3.76 3.77 -20.03
C ASN A 23 -2.72 3.24 -19.02
N GLY A 24 -3.19 2.81 -17.84
CA GLY A 24 -2.35 2.33 -16.72
C GLY A 24 -1.40 3.38 -16.13
N GLY A 25 -0.58 2.96 -15.16
CA GLY A 25 0.49 3.77 -14.56
C GLY A 25 0.82 3.42 -13.12
N ASP A 26 1.92 3.98 -12.60
CA ASP A 26 2.27 3.93 -11.19
C ASP A 26 1.31 4.84 -10.41
N VAL A 27 1.02 6.00 -11.01
CA VAL A 27 -0.02 6.96 -10.62
C VAL A 27 -1.35 6.25 -10.42
N ASP A 28 -1.78 5.51 -11.44
CA ASP A 28 -3.05 4.79 -11.45
C ASP A 28 -3.19 3.89 -10.21
N LEU A 29 -2.18 3.05 -9.91
CA LEU A 29 -2.16 2.25 -8.69
C LEU A 29 -2.32 3.13 -7.45
N TYR A 30 -1.43 4.11 -7.26
CA TYR A 30 -1.36 4.93 -6.06
C TYR A 30 -2.67 5.65 -5.80
N ASP A 31 -3.11 6.48 -6.73
CA ASP A 31 -4.36 7.24 -6.60
C ASP A 31 -5.59 6.33 -6.42
N ALA A 32 -5.67 5.19 -7.12
CA ALA A 32 -6.76 4.23 -6.95
C ALA A 32 -6.77 3.62 -5.53
N PHE A 33 -5.62 3.13 -5.09
CA PHE A 33 -5.39 2.59 -3.75
C PHE A 33 -5.65 3.59 -2.64
N TYR A 34 -5.16 4.80 -2.86
CA TYR A 34 -5.38 5.94 -2.03
C TYR A 34 -6.89 6.23 -1.88
N GLN A 35 -7.65 6.09 -2.98
CA GLN A 35 -9.13 6.11 -2.94
C GLN A 35 -9.71 4.89 -2.20
N ARG A 36 -9.05 3.72 -2.20
CA ARG A 36 -9.41 2.58 -1.34
C ARG A 36 -9.27 2.92 0.16
N LEU A 37 -8.33 3.80 0.54
CA LEU A 37 -8.25 4.34 1.90
C LEU A 37 -9.47 5.25 2.19
N LEU A 38 -9.59 6.30 1.39
CA LEU A 38 -10.58 7.38 1.44
C LEU A 38 -12.05 6.96 1.15
N ALA A 39 -12.30 5.68 0.89
CA ALA A 39 -13.62 5.11 0.58
C ALA A 39 -14.67 5.33 1.70
N LEU A 40 -14.18 5.45 2.94
CA LEU A 40 -14.91 5.75 4.16
C LEU A 40 -13.93 6.37 5.16
N PRO A 41 -14.37 7.33 6.00
CA PRO A 41 -13.50 7.81 7.06
C PRO A 41 -14.11 7.86 8.47
N GLU A 42 -15.43 7.67 8.61
CA GLU A 42 -16.11 7.47 9.91
C GLU A 42 -15.59 6.21 10.64
N SER A 43 -15.09 5.24 9.86
CA SER A 43 -14.48 3.97 10.24
C SER A 43 -13.09 4.10 10.86
N ALA A 44 -12.66 5.33 11.16
CA ALA A 44 -11.40 5.70 11.83
C ALA A 44 -11.06 4.76 13.00
N SER A 45 -12.09 4.46 13.81
CA SER A 45 -12.14 3.55 14.96
C SER A 45 -10.78 3.22 15.60
N SER A 46 -10.22 2.01 15.39
CA SER A 46 -8.85 1.65 15.75
C SER A 46 -8.33 0.52 14.83
N GLU A 47 -8.74 -0.72 15.08
CA GLU A 47 -8.26 -1.91 14.36
C GLU A 47 -8.93 -2.13 12.99
N THR A 48 -10.20 -1.73 12.88
CA THR A 48 -11.04 -1.89 11.69
C THR A 48 -10.43 -1.22 10.45
N LEU A 49 -9.88 -0.01 10.60
CA LEU A 49 -9.21 0.70 9.51
C LEU A 49 -7.88 0.06 9.11
N LYS A 50 -7.07 -0.40 10.08
CA LYS A 50 -5.85 -1.17 9.84
C LYS A 50 -6.12 -2.45 9.04
N ASP A 51 -7.12 -3.23 9.40
CA ASP A 51 -7.46 -4.44 8.64
C ASP A 51 -8.10 -4.15 7.28
N SER A 52 -8.90 -3.08 7.16
CA SER A 52 -9.37 -2.60 5.85
C SER A 52 -8.17 -2.26 4.95
N ILE A 53 -7.20 -1.53 5.50
CA ILE A 53 -5.92 -1.20 4.85
C ILE A 53 -5.15 -2.47 4.47
N TYR A 54 -5.05 -3.45 5.38
CA TYR A 54 -4.37 -4.71 5.15
C TYR A 54 -5.01 -5.52 4.02
N GLN A 55 -6.34 -5.59 3.97
CA GLN A 55 -7.08 -6.29 2.93
C GLN A 55 -6.87 -5.62 1.56
N GLU A 56 -6.97 -4.29 1.50
CA GLU A 56 -6.74 -3.54 0.26
C GLU A 56 -5.28 -3.62 -0.21
N MET A 57 -4.32 -3.56 0.71
CA MET A 57 -2.88 -3.77 0.49
C MET A 57 -2.63 -5.11 -0.22
N ASN A 58 -3.24 -6.17 0.31
CA ASN A 58 -3.06 -7.53 -0.16
C ASN A 58 -3.82 -7.89 -1.46
N ALA A 59 -4.84 -7.11 -1.87
CA ALA A 59 -5.76 -7.48 -2.93
C ALA A 59 -5.92 -6.54 -4.13
N PHE A 60 -5.46 -5.29 -4.05
CA PHE A 60 -5.38 -4.40 -5.20
C PHE A 60 -4.75 -5.05 -6.46
N LYS A 61 -3.71 -5.84 -6.17
CA LYS A 61 -2.76 -6.56 -6.97
C LYS A 61 -2.17 -5.73 -8.12
N ASP A 62 -0.91 -5.34 -7.96
CA ASP A 62 -0.16 -4.48 -8.91
C ASP A 62 -0.16 -5.07 -10.33
N PRO A 63 -0.78 -4.41 -11.34
CA PRO A 63 -0.78 -4.83 -12.75
C PRO A 63 0.58 -5.27 -13.31
N ASN A 64 1.65 -4.58 -12.92
CA ASN A 64 3.02 -4.81 -13.36
C ASN A 64 3.56 -6.21 -13.06
N SER A 65 3.11 -6.80 -11.95
CA SER A 65 3.68 -8.03 -11.38
C SER A 65 2.66 -9.12 -10.99
N GLY A 66 1.48 -8.74 -10.51
CA GLY A 66 0.33 -9.60 -10.22
C GLY A 66 0.29 -10.15 -8.79
N ASP A 67 1.46 -10.25 -8.19
CA ASP A 67 1.70 -10.92 -6.89
C ASP A 67 1.01 -10.22 -5.71
N SER A 68 1.15 -8.90 -5.61
CA SER A 68 0.47 -7.99 -4.70
C SER A 68 0.64 -6.53 -5.13
N ALA A 69 0.10 -5.57 -4.39
CA ALA A 69 0.20 -4.14 -4.70
C ALA A 69 1.64 -3.56 -4.61
N PHE A 70 2.56 -4.32 -4.01
CA PHE A 70 3.96 -3.95 -3.75
C PHE A 70 4.88 -5.20 -3.93
N VAL A 71 6.11 -5.01 -4.42
CA VAL A 71 7.05 -6.10 -4.77
C VAL A 71 7.73 -6.76 -3.57
N SER A 72 8.14 -5.95 -2.60
CA SER A 72 8.99 -6.30 -1.47
C SER A 72 9.03 -5.18 -0.43
N PHE A 73 9.94 -5.27 0.54
CA PHE A 73 10.28 -4.21 1.50
C PHE A 73 10.45 -2.86 0.81
N GLU A 74 11.10 -2.83 -0.36
CA GLU A 74 11.47 -1.61 -1.08
C GLU A 74 10.25 -0.76 -1.45
N GLN A 75 9.34 -1.40 -2.19
CA GLN A 75 8.11 -0.77 -2.66
C GLN A 75 7.14 -0.56 -1.52
N GLN A 76 7.12 -1.48 -0.56
CA GLN A 76 6.30 -1.34 0.64
C GLN A 76 6.71 -0.11 1.45
N THR A 77 8.00 0.09 1.70
CA THR A 77 8.51 1.22 2.47
C THR A 77 8.29 2.53 1.72
N ALA A 78 8.52 2.57 0.40
CA ALA A 78 8.15 3.75 -0.38
C ALA A 78 6.64 3.98 -0.41
N MET A 79 5.82 2.94 -0.58
CA MET A 79 4.35 3.02 -0.45
C MET A 79 3.99 3.70 0.83
N LEU A 80 4.52 3.19 1.94
CA LEU A 80 4.09 3.58 3.25
C LEU A 80 4.57 4.99 3.60
N GLN A 81 5.81 5.32 3.26
CA GLN A 81 6.30 6.70 3.34
C GLN A 81 5.46 7.66 2.47
N ASN A 82 5.12 7.24 1.24
CA ASN A 82 4.27 7.96 0.30
C ASN A 82 2.83 8.13 0.87
N MET A 83 2.29 7.06 1.46
CA MET A 83 0.97 6.97 2.08
C MET A 83 0.88 7.96 3.23
N LEU A 84 1.87 7.98 4.14
CA LEU A 84 1.95 8.94 5.24
C LEU A 84 2.18 10.39 4.77
N ALA A 85 2.94 10.58 3.70
CA ALA A 85 3.12 11.89 3.08
C ALA A 85 1.82 12.47 2.49
N LYS A 86 0.90 11.62 2.03
CA LYS A 86 -0.39 12.02 1.45
C LYS A 86 -1.46 12.39 2.49
N VAL A 87 -1.69 11.51 3.47
CA VAL A 87 -2.69 11.67 4.55
C VAL A 87 -2.40 12.82 5.50
N GLU A 88 -3.46 13.30 6.16
CA GLU A 88 -3.41 14.27 7.24
C GLU A 88 -2.93 13.59 8.54
N PRO A 89 -1.76 13.96 9.11
CA PRO A 89 -1.28 13.56 10.44
C PRO A 89 -2.35 13.44 11.55
N GLY A 90 -3.28 14.39 11.59
CA GLY A 90 -4.37 14.47 12.58
C GLY A 90 -5.30 13.25 12.65
N THR A 91 -5.54 12.59 11.52
CA THR A 91 -6.43 11.43 11.42
C THR A 91 -5.89 10.16 12.07
N HIS A 92 -6.80 9.24 12.38
CA HIS A 92 -6.41 7.89 12.76
C HIS A 92 -5.92 7.07 11.54
N LEU A 93 -6.34 7.46 10.34
CA LEU A 93 -5.86 6.87 9.08
C LEU A 93 -4.33 6.87 9.06
N TYR A 94 -3.71 8.03 9.29
CA TYR A 94 -2.25 8.19 9.36
C TYR A 94 -1.63 7.15 10.31
N GLU A 95 -2.23 7.01 11.49
CA GLU A 95 -1.78 6.07 12.52
C GLU A 95 -1.95 4.60 12.09
N ALA A 96 -3.00 4.29 11.30
CA ALA A 96 -3.20 2.95 10.77
C ALA A 96 -2.11 2.63 9.75
N LEU A 97 -1.76 3.56 8.86
CA LEU A 97 -0.69 3.37 7.89
C LEU A 97 0.65 3.13 8.58
N ASN A 98 0.96 3.88 9.65
CA ASN A 98 2.15 3.62 10.46
C ASN A 98 2.13 2.22 11.09
N GLY A 99 0.98 1.83 11.62
CA GLY A 99 0.82 0.55 12.32
C GLY A 99 0.87 -0.64 11.36
N VAL A 100 0.29 -0.54 10.16
CA VAL A 100 0.42 -1.57 9.14
C VAL A 100 1.81 -1.64 8.53
N LEU A 101 2.51 -0.50 8.35
CA LEU A 101 3.92 -0.48 7.96
C LEU A 101 4.73 -1.34 8.95
N VAL A 102 4.59 -1.01 10.24
CA VAL A 102 5.29 -1.62 11.36
C VAL A 102 4.94 -3.11 11.54
N GLY A 103 3.66 -3.45 11.45
CA GLY A 103 3.15 -4.81 11.62
C GLY A 103 3.44 -5.72 10.43
N SER A 104 3.21 -5.24 9.20
CA SER A 104 3.58 -5.94 7.98
C SER A 104 5.09 -6.13 7.87
N MET A 105 5.89 -5.12 8.25
CA MET A 105 7.36 -5.23 8.33
C MET A 105 7.82 -6.28 9.35
N ASN A 106 7.20 -6.37 10.53
CA ASN A 106 7.51 -7.40 11.52
C ASN A 106 7.20 -8.82 11.00
N ALA A 107 6.05 -8.99 10.35
CA ALA A 107 5.64 -10.25 9.73
C ALA A 107 6.58 -10.68 8.59
N GLN A 108 7.00 -9.72 7.76
CA GLN A 108 7.95 -9.89 6.66
C GLN A 108 9.37 -10.24 7.16
N SER A 109 9.78 -9.66 8.29
CA SER A 109 11.07 -9.95 8.96
C SER A 109 11.13 -11.38 9.52
N GLN A 110 10.03 -11.85 10.12
CA GLN A 110 9.83 -13.19 10.73
C GLN A 110 10.77 -13.52 11.92
N MET A 111 10.32 -14.42 12.81
CA MET A 111 11.10 -14.97 13.91
C MET A 111 12.30 -15.80 13.41
N THR A 112 13.52 -15.27 13.59
CA THR A 112 14.79 -15.92 13.27
C THR A 112 15.10 -17.08 14.23
N SER A 113 15.26 -16.71 15.50
CA SER A 113 15.45 -17.54 16.69
C SER A 113 14.68 -16.98 17.90
N TRP A 114 14.56 -15.64 17.98
CA TRP A 114 13.69 -14.91 18.93
C TRP A 114 13.89 -15.23 20.42
N MET A 115 15.10 -15.69 20.72
CA MET A 115 15.67 -16.00 22.04
C MET A 115 14.77 -16.83 22.98
N GLN A 116 13.89 -17.67 22.41
CA GLN A 116 12.96 -18.54 23.12
C GLN A 116 13.33 -20.02 23.07
N GLU A 117 13.99 -20.45 21.99
CA GLU A 117 14.46 -21.83 21.79
C GLU A 117 15.69 -22.13 22.68
N ILE A 118 16.65 -21.21 22.66
CA ILE A 118 17.89 -21.19 23.43
C ILE A 118 17.73 -21.47 24.94
N ILE A 119 16.64 -20.98 25.52
CA ILE A 119 16.24 -21.16 26.92
C ILE A 119 16.08 -22.65 27.30
N LEU A 120 15.64 -23.49 26.35
CA LEU A 120 15.43 -24.93 26.54
C LEU A 120 16.75 -25.73 26.66
N SER A 121 17.87 -25.14 26.25
CA SER A 121 19.25 -25.66 26.27
C SER A 121 19.38 -27.19 26.08
N GLY A 122 19.79 -27.94 27.10
CA GLY A 122 20.01 -29.39 27.06
C GLY A 122 20.92 -29.89 28.21
N GLY A 123 21.25 -31.18 28.17
CA GLY A 123 22.20 -31.81 29.09
C GLY A 123 22.52 -33.26 28.71
N GLU A 124 23.80 -33.59 28.55
CA GLU A 124 24.27 -34.93 28.12
C GLU A 124 23.90 -36.03 29.13
N ASN A 125 23.73 -35.66 30.40
CA ASN A 125 23.28 -36.52 31.49
C ASN A 125 21.84 -37.06 31.36
N LYS A 126 20.97 -36.39 30.58
CA LYS A 126 19.56 -36.75 30.40
C LYS A 126 19.38 -38.09 29.66
N GLU A 127 18.27 -38.78 29.94
CA GLU A 127 17.84 -39.97 29.20
C GLU A 127 17.55 -39.69 27.71
N ALA A 128 17.62 -40.74 26.88
CA ALA A 128 17.31 -40.71 25.45
C ALA A 128 16.86 -42.09 24.93
N ILE A 129 16.20 -42.11 23.76
CA ILE A 129 15.71 -43.30 23.08
C ILE A 129 16.81 -44.30 22.67
N ASP A 130 16.35 -45.46 22.20
CA ASP A 130 17.16 -46.65 21.92
C ASP A 130 18.07 -46.53 20.68
N TRP A 131 17.68 -45.71 19.68
CA TRP A 131 18.36 -45.51 18.40
C TRP A 131 19.75 -44.86 18.53
#